data_1F3T
#
_entry.id   1F3T
#
_cell.length_a   67.294
_cell.length_b   151.599
_cell.length_c   86.414
_cell.angle_alpha   90.00
_cell.angle_beta   103.18
_cell.angle_gamma   90.00
#
_symmetry.space_group_name_H-M   'P 1 21 1'
#
loop_
_entity.id
_entity.type
_entity.pdbx_description
1 polymer 'ORNITHINE DECARBOXYLASE'
2 non-polymer "PYRIDOXAL-5'-PHOSPHATE"
3 non-polymer 1,4-DIAMINOBUTANE
4 water water
#
_entity_poly.entity_id   1
_entity_poly.type   'polypeptide(L)'
_entity_poly.pdbx_seq_one_letter_code
;GAMDIVVNDDLSCRFLEGFNTRDALCKKISMNTCDEGDPFFVADLGDIVRKHETWKKCLPRVTPFYAVKCNDDWRVLGTL
AALGTGFDCASNTEIQRVRGIGVPPEKIIYANPCKQISHIRYARDSGVDVMTFDCVDELEKVAKTHPKAKMVLRISTDDS
LARCRLSVKFGAKVEDCRFILEQAKKLNIDVTGVSFHVGSGSTDASTFAQAISDSRFVFDMGTELGFNMHILDIGGGFPG
TRDAPLKFEEIAGVINNALEKHFPPDLKLTIVAEPGRYYVASAFTLAVNVIAKKVTPGVQTDVGAHAESNAQSFMYYVND
GVYGSFNCILYDHAVVRPLPQREPIPNEKLYPSSVWGPTCDGLDQIVERYYLPEMQVGEWLLFEDMGAYTVVGTSSFNGF
QSPTIYYVVSGLPDHVVRELKSQKS
;
_entity_poly.pdbx_strand_id   A,B,C,D
#
# COMPACT_ATOMS: atom_id res chain seq x y z
N ARG A 14 -17.42 43.47 -40.24
CA ARG A 14 -17.18 42.19 -40.96
C ARG A 14 -15.71 42.00 -41.35
N PHE A 15 -15.49 41.28 -42.45
CA PHE A 15 -14.12 41.01 -42.90
C PHE A 15 -13.50 42.17 -43.67
N LEU A 16 -12.28 42.51 -43.29
CA LEU A 16 -11.55 43.61 -43.92
C LEU A 16 -10.47 43.16 -44.86
N GLU A 17 -10.30 43.89 -45.94
CA GLU A 17 -9.26 43.60 -46.92
C GLU A 17 -7.94 43.88 -46.22
N GLY A 18 -6.97 43.00 -46.42
CA GLY A 18 -5.68 43.17 -45.77
C GLY A 18 -4.95 41.85 -45.59
N PHE A 19 -3.63 41.95 -45.50
CA PHE A 19 -2.74 40.80 -45.34
C PHE A 19 -2.28 40.77 -43.89
N ASN A 20 -2.50 41.88 -43.22
CA ASN A 20 -2.10 42.06 -41.82
C ASN A 20 -3.19 42.76 -41.05
N THR A 21 -3.01 42.82 -39.74
CA THR A 21 -3.90 43.57 -38.92
C THR A 21 -3.62 45.03 -39.22
N ARG A 22 -2.33 45.35 -39.20
CA ARG A 22 -1.86 46.71 -39.47
C ARG A 22 -2.26 47.13 -40.88
N ASP A 23 -2.02 46.25 -41.85
CA ASP A 23 -2.36 46.51 -43.24
C ASP A 23 -3.86 46.79 -43.38
N ALA A 24 -4.68 45.96 -42.73
CA ALA A 24 -6.13 46.12 -42.78
C ALA A 24 -6.53 47.44 -42.12
N LEU A 25 -5.90 47.74 -40.98
CA LEU A 25 -6.17 48.99 -40.27
C LEU A 25 -5.96 50.18 -41.21
N CYS A 26 -4.76 50.25 -41.80
CA CYS A 26 -4.41 51.33 -42.72
C CYS A 26 -5.41 51.46 -43.86
N LYS A 27 -5.84 50.33 -44.41
CA LYS A 27 -6.83 50.34 -45.48
C LYS A 27 -8.07 51.06 -44.99
N LYS A 28 -8.70 50.49 -43.97
CA LYS A 28 -9.91 51.05 -43.39
C LYS A 28 -9.75 52.54 -43.06
N ILE A 29 -8.66 52.90 -42.41
CA ILE A 29 -8.38 54.30 -42.05
C ILE A 29 -8.00 55.09 -43.30
N SER A 30 -9.02 55.47 -44.08
CA SER A 30 -8.88 56.23 -45.33
C SER A 30 -9.78 55.61 -46.39
N GLY A 37 -15.06 58.64 -37.27
CA GLY A 37 -13.89 58.44 -36.43
C GLY A 37 -14.19 57.55 -35.23
N ASP A 38 -15.18 56.67 -35.35
CA ASP A 38 -15.55 55.77 -34.26
C ASP A 38 -14.46 54.72 -34.01
N PRO A 39 -14.27 54.34 -32.74
CA PRO A 39 -13.23 53.34 -32.42
C PRO A 39 -13.66 51.98 -32.97
N PHE A 40 -12.69 51.11 -33.23
CA PHE A 40 -13.02 49.80 -33.75
C PHE A 40 -11.95 48.75 -33.44
N PHE A 41 -12.37 47.48 -33.51
CA PHE A 41 -11.47 46.35 -33.26
C PHE A 41 -11.16 45.63 -34.58
N VAL A 42 -9.94 45.14 -34.69
CA VAL A 42 -9.59 44.29 -35.82
C VAL A 42 -9.14 42.98 -35.20
N ALA A 43 -9.93 41.91 -35.38
CA ALA A 43 -9.59 40.61 -34.77
C ALA A 43 -9.03 39.65 -35.82
N ASP A 44 -7.81 39.17 -35.60
CA ASP A 44 -7.20 38.25 -36.55
C ASP A 44 -7.53 36.80 -36.15
N LEU A 45 -8.57 36.22 -36.75
CA LEU A 45 -8.99 34.86 -36.44
C LEU A 45 -7.84 33.89 -36.66
N GLY A 46 -6.88 34.30 -37.48
CA GLY A 46 -5.73 33.46 -37.78
C GLY A 46 -4.82 33.30 -36.58
N ASP A 47 -4.79 34.29 -35.71
CA ASP A 47 -3.95 34.20 -34.52
C ASP A 47 -4.50 33.11 -33.57
N ILE A 48 -5.82 32.91 -33.61
CA ILE A 48 -6.49 31.90 -32.80
C ILE A 48 -6.08 30.52 -33.29
N VAL A 49 -6.17 30.31 -34.62
CA VAL A 49 -5.77 29.05 -35.24
C VAL A 49 -4.37 28.65 -34.80
N ARG A 50 -3.46 29.61 -34.81
CA ARG A 50 -2.08 29.33 -34.40
C ARG A 50 -1.96 29.02 -32.91
N LYS A 51 -2.79 29.64 -32.09
CA LYS A 51 -2.70 29.37 -30.65
C LYS A 51 -3.09 27.89 -30.42
N HIS A 52 -4.12 27.44 -31.12
CA HIS A 52 -4.59 26.07 -31.01
C HIS A 52 -3.50 25.09 -31.44
N GLU A 53 -2.83 25.41 -32.55
CA GLU A 53 -1.77 24.53 -33.02
C GLU A 53 -0.71 24.42 -31.94
N THR A 54 -0.38 25.54 -31.30
CA THR A 54 0.63 25.51 -30.25
C THR A 54 0.12 24.72 -29.03
N TRP A 55 -1.18 24.81 -28.74
CA TRP A 55 -1.74 24.10 -27.60
C TRP A 55 -1.57 22.58 -27.82
N LYS A 56 -2.05 22.10 -28.96
CA LYS A 56 -1.95 20.68 -29.30
C LYS A 56 -0.52 20.20 -29.26
N LYS A 57 0.42 21.06 -29.59
CA LYS A 57 1.82 20.69 -29.57
C LYS A 57 2.39 20.58 -28.15
N CYS A 58 2.06 21.51 -27.26
CA CYS A 58 2.61 21.49 -25.91
C CYS A 58 1.81 20.72 -24.85
N LEU A 59 0.55 20.49 -25.12
CA LEU A 59 -0.32 19.78 -24.18
C LEU A 59 -1.13 18.77 -24.92
N PRO A 60 -0.46 17.79 -25.56
CA PRO A 60 -1.19 16.78 -26.32
C PRO A 60 -2.18 15.97 -25.47
N ARG A 61 -1.94 15.82 -24.17
CA ARG A 61 -2.90 15.06 -23.37
C ARG A 61 -4.11 15.90 -22.89
N VAL A 62 -4.10 17.20 -23.11
CA VAL A 62 -5.18 18.02 -22.56
C VAL A 62 -6.15 18.63 -23.56
N THR A 63 -7.42 18.27 -23.44
CA THR A 63 -8.43 18.83 -24.34
C THR A 63 -8.91 20.20 -23.83
N PRO A 64 -8.75 21.26 -24.65
CA PRO A 64 -9.18 22.59 -24.20
C PRO A 64 -10.68 22.87 -24.35
N PHE A 65 -11.27 23.42 -23.30
CA PHE A 65 -12.66 23.82 -23.28
C PHE A 65 -12.61 25.32 -23.11
N TYR A 66 -12.72 26.06 -24.21
CA TYR A 66 -12.61 27.53 -24.20
C TYR A 66 -13.53 28.25 -23.21
N ALA A 67 -12.96 29.06 -22.33
CA ALA A 67 -13.79 29.81 -21.39
C ALA A 67 -14.49 30.96 -22.17
N VAL A 68 -15.75 30.73 -22.53
CA VAL A 68 -16.55 31.68 -23.30
C VAL A 68 -16.60 33.09 -22.69
N LYS A 69 -16.62 33.15 -21.35
CA LYS A 69 -16.69 34.42 -20.62
C LYS A 69 -15.59 35.42 -21.00
N CYS A 70 -14.42 34.89 -21.38
CA CYS A 70 -13.28 35.70 -21.74
C CYS A 70 -13.54 36.64 -22.95
N ASN A 71 -14.31 36.15 -23.91
CA ASN A 71 -14.65 36.84 -25.17
C ASN A 71 -15.60 35.94 -25.92
N ASP A 72 -16.87 36.34 -26.02
CA ASP A 72 -17.86 35.53 -26.69
C ASP A 72 -18.22 35.95 -28.09
N ASP A 73 -17.32 36.67 -28.74
CA ASP A 73 -17.57 37.11 -30.12
C ASP A 73 -17.98 35.92 -30.98
N TRP A 74 -19.03 36.09 -31.76
CA TRP A 74 -19.54 35.03 -32.60
C TRP A 74 -18.53 34.36 -33.53
N ARG A 75 -17.61 35.15 -34.10
CA ARG A 75 -16.60 34.61 -35.00
C ARG A 75 -15.54 33.87 -34.22
N VAL A 76 -15.22 34.39 -33.04
CA VAL A 76 -14.22 33.74 -32.21
C VAL A 76 -14.71 32.34 -31.83
N LEU A 77 -15.97 32.25 -31.43
CA LEU A 77 -16.55 30.97 -31.03
C LEU A 77 -16.65 30.00 -32.21
N GLY A 78 -17.07 30.51 -33.37
CA GLY A 78 -17.21 29.67 -34.55
C GLY A 78 -15.88 29.09 -35.02
N THR A 79 -14.82 29.87 -34.81
CA THR A 79 -13.47 29.48 -35.20
C THR A 79 -12.97 28.40 -34.25
N LEU A 80 -13.09 28.65 -32.94
CA LEU A 80 -12.66 27.67 -31.95
C LEU A 80 -13.45 26.38 -32.14
N ALA A 81 -14.73 26.50 -32.47
CA ALA A 81 -15.57 25.34 -32.70
C ALA A 81 -15.07 24.51 -33.90
N ALA A 82 -14.74 25.18 -35.00
CA ALA A 82 -14.26 24.49 -36.19
C ALA A 82 -12.92 23.83 -35.92
N LEU A 83 -12.18 24.40 -34.99
CA LEU A 83 -10.88 23.85 -34.63
C LEU A 83 -11.09 22.64 -33.72
N GLY A 84 -12.35 22.35 -33.39
CA GLY A 84 -12.65 21.19 -32.57
C GLY A 84 -12.49 21.31 -31.06
N THR A 85 -12.44 22.53 -30.56
CA THR A 85 -12.27 22.74 -29.12
C THR A 85 -13.60 22.48 -28.39
N GLY A 86 -13.55 22.40 -27.07
CA GLY A 86 -14.80 22.28 -26.34
C GLY A 86 -15.07 23.70 -25.79
N PHE A 87 -16.11 23.89 -24.98
CA PHE A 87 -16.44 25.20 -24.39
C PHE A 87 -16.85 25.14 -22.93
N ASP A 88 -16.28 26.04 -22.14
CA ASP A 88 -16.60 26.17 -20.72
C ASP A 88 -17.60 27.32 -20.61
N CYS A 89 -18.82 26.99 -20.19
CA CYS A 89 -19.88 27.98 -20.08
C CYS A 89 -20.25 28.32 -18.64
N ALA A 90 -20.64 29.57 -18.40
CA ALA A 90 -20.96 30.01 -17.04
C ALA A 90 -22.40 30.38 -16.75
N SER A 91 -23.25 30.39 -17.77
CA SER A 91 -24.64 30.75 -17.58
C SER A 91 -25.48 30.16 -18.68
N ASN A 92 -26.80 30.23 -18.51
CA ASN A 92 -27.71 29.73 -19.52
C ASN A 92 -27.49 30.47 -20.84
N THR A 93 -27.17 31.75 -20.74
CA THR A 93 -26.92 32.59 -21.91
C THR A 93 -25.75 32.06 -22.74
N GLU A 94 -24.65 31.75 -22.09
CA GLU A 94 -23.51 31.21 -22.83
C GLU A 94 -23.79 29.80 -23.38
N ILE A 95 -24.55 28.98 -22.65
CA ILE A 95 -24.86 27.66 -23.17
C ILE A 95 -25.71 27.84 -24.42
N GLN A 96 -26.69 28.73 -24.33
CA GLN A 96 -27.56 29.01 -25.46
C GLN A 96 -26.76 29.44 -26.68
N ARG A 97 -25.76 30.27 -26.46
CA ARG A 97 -24.91 30.77 -27.54
C ARG A 97 -24.06 29.68 -28.19
N VAL A 98 -23.40 28.85 -27.38
CA VAL A 98 -22.55 27.78 -27.93
C VAL A 98 -23.39 26.71 -28.62
N ARG A 99 -24.55 26.39 -28.06
CA ARG A 99 -25.43 25.40 -28.66
C ARG A 99 -25.94 26.01 -29.97
N GLY A 100 -26.14 27.32 -29.95
CA GLY A 100 -26.64 28.02 -31.12
C GLY A 100 -25.76 27.87 -32.34
N ILE A 101 -24.44 27.87 -32.17
CA ILE A 101 -23.60 27.73 -33.35
C ILE A 101 -23.41 26.27 -33.74
N GLY A 102 -24.23 25.40 -33.16
CA GLY A 102 -24.17 23.98 -33.49
C GLY A 102 -23.24 23.08 -32.69
N VAL A 103 -22.74 23.53 -31.54
CA VAL A 103 -21.86 22.68 -30.78
C VAL A 103 -22.69 21.73 -29.92
N PRO A 104 -22.35 20.43 -29.94
CA PRO A 104 -23.08 19.42 -29.17
C PRO A 104 -22.86 19.60 -27.67
N PRO A 105 -23.87 19.28 -26.87
CA PRO A 105 -23.80 19.40 -25.40
C PRO A 105 -22.62 18.72 -24.74
N GLU A 106 -22.11 17.65 -25.36
CA GLU A 106 -20.97 16.93 -24.80
C GLU A 106 -19.69 17.73 -24.86
N LYS A 107 -19.61 18.70 -25.77
CA LYS A 107 -18.41 19.51 -25.85
C LYS A 107 -18.54 20.75 -24.96
N ILE A 108 -19.49 20.73 -24.04
CA ILE A 108 -19.72 21.84 -23.11
C ILE A 108 -19.59 21.42 -21.64
N ILE A 109 -18.89 22.23 -20.86
CA ILE A 109 -18.75 22.00 -19.44
C ILE A 109 -19.32 23.25 -18.75
N TYR A 110 -20.30 23.02 -17.86
CA TYR A 110 -20.92 24.11 -17.12
C TYR A 110 -20.01 24.33 -15.90
N ALA A 111 -18.94 25.13 -16.09
CA ALA A 111 -17.96 25.28 -15.05
C ALA A 111 -18.17 26.36 -13.99
N ASN A 112 -19.41 26.59 -13.59
CA ASN A 112 -19.69 27.60 -12.59
C ASN A 112 -20.09 26.86 -11.30
N PRO A 113 -19.28 26.96 -10.22
CA PRO A 113 -19.52 26.30 -8.93
C PRO A 113 -20.82 26.64 -8.21
N CYS A 114 -21.35 27.84 -8.43
CA CYS A 114 -22.55 28.26 -7.72
C CYS A 114 -23.57 28.80 -8.68
N LYS A 115 -24.40 27.88 -9.15
CA LYS A 115 -25.39 28.10 -10.15
C LYS A 115 -26.80 28.42 -9.69
N GLN A 116 -27.44 29.35 -10.38
CA GLN A 116 -28.83 29.69 -10.08
C GLN A 116 -29.65 28.46 -10.51
N ILE A 117 -30.64 28.08 -9.70
CA ILE A 117 -31.46 26.92 -10.02
C ILE A 117 -32.08 26.87 -11.43
N SER A 118 -32.72 27.95 -11.86
CA SER A 118 -33.30 27.93 -13.20
C SER A 118 -32.22 27.72 -14.29
N HIS A 119 -30.99 28.12 -14.02
CA HIS A 119 -29.90 27.96 -14.98
C HIS A 119 -29.47 26.48 -15.04
N ILE A 120 -29.44 25.82 -13.88
CA ILE A 120 -29.10 24.40 -13.85
C ILE A 120 -30.18 23.69 -14.65
N ARG A 121 -31.43 24.07 -14.40
CA ARG A 121 -32.54 23.45 -15.11
C ARG A 121 -32.37 23.63 -16.62
N TYR A 122 -31.94 24.82 -17.03
CA TYR A 122 -31.72 25.09 -18.44
C TYR A 122 -30.65 24.17 -19.03
N ALA A 123 -29.51 24.06 -18.36
CA ALA A 123 -28.42 23.22 -18.83
C ALA A 123 -28.96 21.80 -19.03
N ARG A 124 -29.66 21.29 -18.02
CA ARG A 124 -30.27 19.96 -18.10
C ARG A 124 -31.07 19.82 -19.39
N ASP A 125 -32.05 20.71 -19.58
CA ASP A 125 -32.89 20.67 -20.76
C ASP A 125 -32.12 20.90 -22.06
N SER A 126 -30.86 21.31 -21.97
CA SER A 126 -30.06 21.54 -23.16
C SER A 126 -29.11 20.37 -23.40
N GLY A 127 -29.19 19.37 -22.54
CA GLY A 127 -28.32 18.21 -22.69
C GLY A 127 -26.94 18.39 -22.10
N VAL A 128 -26.72 19.45 -21.33
CA VAL A 128 -25.41 19.68 -20.72
C VAL A 128 -25.40 18.98 -19.37
N ASP A 129 -24.50 18.01 -19.21
CA ASP A 129 -24.46 17.27 -17.96
C ASP A 129 -23.25 17.46 -17.08
N VAL A 130 -22.12 17.92 -17.60
CA VAL A 130 -20.93 18.09 -16.78
C VAL A 130 -20.94 19.48 -16.14
N MET A 131 -20.99 19.50 -14.81
CA MET A 131 -21.01 20.76 -14.02
C MET A 131 -20.01 20.68 -12.86
N THR A 132 -19.55 21.83 -12.37
CA THR A 132 -18.62 21.82 -11.25
C THR A 132 -19.39 22.16 -9.96
N PHE A 133 -18.73 21.98 -8.82
CA PHE A 133 -19.35 22.28 -7.53
C PHE A 133 -18.20 22.35 -6.56
N ASP A 134 -18.39 23.02 -5.43
CA ASP A 134 -17.32 23.07 -4.47
C ASP A 134 -17.80 22.97 -3.02
N CYS A 135 -19.08 22.67 -2.84
CA CYS A 135 -19.63 22.51 -1.49
C CYS A 135 -20.88 21.63 -1.52
N VAL A 136 -21.33 21.18 -0.35
CA VAL A 136 -22.52 20.31 -0.25
C VAL A 136 -23.83 20.98 -0.67
N ASP A 137 -23.98 22.24 -0.32
CA ASP A 137 -25.20 22.96 -0.68
C ASP A 137 -25.48 22.91 -2.19
N GLU A 138 -24.43 23.05 -3.01
CA GLU A 138 -24.62 23.01 -4.45
C GLU A 138 -25.14 21.60 -4.86
N LEU A 139 -24.68 20.56 -4.16
CA LEU A 139 -25.12 19.19 -4.48
C LEU A 139 -26.58 19.00 -4.14
N GLU A 140 -27.03 19.62 -3.05
CA GLU A 140 -28.43 19.51 -2.66
C GLU A 140 -29.30 20.06 -3.77
N LYS A 141 -28.81 21.13 -4.44
CA LYS A 141 -29.56 21.75 -5.53
C LYS A 141 -29.56 20.80 -6.74
N VAL A 142 -28.40 20.28 -7.07
CA VAL A 142 -28.29 19.38 -8.21
C VAL A 142 -29.21 18.16 -8.05
N ALA A 143 -29.19 17.55 -6.86
CA ALA A 143 -30.04 16.38 -6.62
C ALA A 143 -31.51 16.65 -6.90
N LYS A 144 -31.93 17.88 -6.67
CA LYS A 144 -33.33 18.25 -6.89
C LYS A 144 -33.64 18.72 -8.31
N THR A 145 -32.61 19.15 -9.05
CA THR A 145 -32.85 19.70 -10.39
C THR A 145 -32.22 18.98 -11.58
N HIS A 146 -31.07 18.35 -11.34
CA HIS A 146 -30.33 17.65 -12.39
C HIS A 146 -29.66 16.42 -11.70
N PRO A 147 -30.48 15.52 -11.11
CA PRO A 147 -29.99 14.34 -10.40
C PRO A 147 -28.93 13.48 -11.10
N LYS A 148 -28.95 13.38 -12.42
CA LYS A 148 -27.95 12.56 -13.11
C LYS A 148 -26.75 13.30 -13.71
N ALA A 149 -26.61 14.58 -13.39
CA ALA A 149 -25.48 15.34 -13.91
C ALA A 149 -24.17 14.72 -13.46
N LYS A 150 -23.13 14.86 -14.28
CA LYS A 150 -21.81 14.35 -13.92
C LYS A 150 -21.10 15.53 -13.26
N MET A 151 -20.94 15.42 -11.94
CA MET A 151 -20.33 16.47 -11.12
C MET A 151 -18.84 16.44 -10.93
N VAL A 152 -18.23 17.60 -11.11
CA VAL A 152 -16.80 17.73 -10.94
C VAL A 152 -16.46 18.59 -9.73
N LEU A 153 -15.68 18.02 -8.80
CA LEU A 153 -15.33 18.70 -7.56
C LEU A 153 -14.17 19.67 -7.70
N ARG A 154 -14.44 20.95 -7.48
CA ARG A 154 -13.41 21.97 -7.59
C ARG A 154 -12.72 22.24 -6.28
N ILE A 155 -11.41 22.07 -6.27
CA ILE A 155 -10.63 22.30 -5.08
C ILE A 155 -9.94 23.64 -5.09
N SER A 156 -9.62 24.11 -3.89
CA SER A 156 -8.95 25.37 -3.68
C SER A 156 -7.48 25.33 -4.06
N THR A 157 -6.96 26.46 -4.50
CA THR A 157 -5.57 26.57 -4.91
C THR A 157 -4.83 27.55 -4.00
N VAL A 168 -10.72 32.84 -1.99
CA VAL A 168 -11.67 32.41 -0.96
C VAL A 168 -13.05 32.33 -1.58
N LYS A 169 -13.22 32.74 -2.82
CA LYS A 169 -14.56 32.67 -3.41
C LYS A 169 -15.01 31.26 -3.83
N PHE A 170 -14.07 30.50 -4.41
CA PHE A 170 -14.39 29.15 -4.92
C PHE A 170 -13.32 28.13 -4.54
N GLY A 171 -13.70 26.86 -4.57
CA GLY A 171 -12.75 25.80 -4.27
C GLY A 171 -12.84 25.21 -2.88
N ALA A 172 -13.07 23.89 -2.80
CA ALA A 172 -13.16 23.22 -1.50
C ALA A 172 -11.73 22.95 -1.06
N LYS A 173 -11.48 22.99 0.24
CA LYS A 173 -10.14 22.68 0.74
C LYS A 173 -10.03 21.15 0.71
N VAL A 174 -8.83 20.65 0.42
CA VAL A 174 -8.62 19.21 0.35
C VAL A 174 -9.06 18.55 1.64
N GLU A 175 -8.72 19.16 2.77
CA GLU A 175 -9.10 18.62 4.07
C GLU A 175 -10.61 18.41 4.20
N ASP A 176 -11.42 19.18 3.47
CA ASP A 176 -12.87 19.05 3.54
C ASP A 176 -13.49 18.15 2.48
N CYS A 177 -12.70 17.71 1.50
CA CYS A 177 -13.27 16.87 0.45
C CYS A 177 -13.88 15.52 0.87
N ARG A 178 -13.31 14.85 1.87
CA ARG A 178 -13.89 13.56 2.27
C ARG A 178 -15.34 13.77 2.69
N PHE A 179 -15.56 14.74 3.59
CA PHE A 179 -16.92 15.01 4.05
C PHE A 179 -17.82 15.36 2.88
N ILE A 180 -17.32 16.18 1.96
CA ILE A 180 -18.15 16.56 0.82
C ILE A 180 -18.51 15.33 -0.03
N LEU A 181 -17.53 14.47 -0.26
CA LEU A 181 -17.77 13.26 -1.06
C LEU A 181 -18.76 12.32 -0.33
N GLU A 182 -18.66 12.27 0.99
CA GLU A 182 -19.58 11.40 1.73
C GLU A 182 -21.00 11.92 1.58
N GLN A 183 -21.16 13.24 1.64
CA GLN A 183 -22.48 13.83 1.48
C GLN A 183 -22.99 13.62 0.03
N ALA A 184 -22.09 13.70 -0.95
CA ALA A 184 -22.49 13.48 -2.34
C ALA A 184 -23.05 12.05 -2.48
N LYS A 185 -22.44 11.09 -1.78
CA LYS A 185 -22.95 9.72 -1.88
C LYS A 185 -24.35 9.67 -1.31
N LYS A 186 -24.58 10.37 -0.19
CA LYS A 186 -25.91 10.39 0.40
C LYS A 186 -26.92 11.04 -0.55
N LEU A 187 -26.45 11.99 -1.35
CA LEU A 187 -27.36 12.65 -2.30
C LEU A 187 -27.40 11.89 -3.61
N ASN A 188 -26.74 10.73 -3.66
CA ASN A 188 -26.74 9.90 -4.86
C ASN A 188 -26.21 10.69 -6.09
N ILE A 189 -25.17 11.48 -5.88
CA ILE A 189 -24.57 12.28 -6.95
C ILE A 189 -23.46 11.52 -7.71
N ASP A 190 -23.47 11.61 -9.03
CA ASP A 190 -22.44 10.97 -9.84
C ASP A 190 -21.20 11.89 -9.95
N VAL A 191 -20.33 11.85 -8.96
CA VAL A 191 -19.10 12.65 -8.96
C VAL A 191 -18.13 11.96 -9.92
N THR A 192 -17.68 12.68 -10.95
CA THR A 192 -16.80 12.09 -11.96
C THR A 192 -15.42 12.69 -12.10
N GLY A 193 -15.09 13.68 -11.26
CA GLY A 193 -13.77 14.25 -11.40
C GLY A 193 -13.44 15.38 -10.46
N VAL A 194 -12.28 15.96 -10.68
CA VAL A 194 -11.76 17.05 -9.87
C VAL A 194 -11.28 18.16 -10.83
N SER A 195 -11.35 19.41 -10.37
CA SER A 195 -10.87 20.54 -11.15
C SER A 195 -10.28 21.56 -10.22
N PHE A 196 -9.53 22.50 -10.80
CA PHE A 196 -8.94 23.59 -10.04
C PHE A 196 -8.66 24.70 -11.02
N HIS A 197 -8.31 25.86 -10.51
CA HIS A 197 -7.99 26.98 -11.38
C HIS A 197 -6.96 27.77 -10.62
N VAL A 198 -5.74 27.82 -11.13
CA VAL A 198 -4.71 28.56 -10.41
C VAL A 198 -4.83 30.07 -10.66
N GLY A 199 -5.46 30.45 -11.77
CA GLY A 199 -5.60 31.87 -12.08
C GLY A 199 -4.42 32.38 -12.90
N SER A 200 -4.49 33.63 -13.35
CA SER A 200 -3.41 34.23 -14.15
C SER A 200 -2.24 34.82 -13.36
N GLY A 201 -2.43 35.00 -12.06
CA GLY A 201 -1.36 35.59 -11.25
C GLY A 201 -0.27 34.66 -10.76
N SER A 202 0.44 34.00 -11.67
CA SER A 202 1.53 33.10 -11.28
C SER A 202 2.88 33.57 -11.80
N THR A 203 3.87 33.58 -10.91
CA THR A 203 5.24 33.95 -11.28
C THR A 203 6.00 32.64 -11.35
N ASP A 204 5.36 31.57 -10.87
CA ASP A 204 5.94 30.24 -10.85
C ASP A 204 4.92 29.20 -11.33
N ALA A 205 5.38 28.29 -12.20
CA ALA A 205 4.51 27.24 -12.73
C ALA A 205 4.32 26.10 -11.72
N SER A 206 5.07 26.16 -10.62
CA SER A 206 4.98 25.14 -9.58
C SER A 206 3.55 25.07 -9.04
N THR A 207 2.83 26.18 -9.15
CA THR A 207 1.45 26.25 -8.68
C THR A 207 0.60 25.17 -9.35
N PHE A 208 0.86 24.91 -10.64
CA PHE A 208 0.14 23.88 -11.38
C PHE A 208 0.50 22.49 -10.87
N ALA A 209 1.78 22.30 -10.56
CA ALA A 209 2.25 21.00 -10.04
C ALA A 209 1.56 20.72 -8.70
N GLN A 210 1.58 21.69 -7.81
CA GLN A 210 0.96 21.55 -6.50
C GLN A 210 -0.54 21.23 -6.63
N ALA A 211 -1.23 21.92 -7.54
CA ALA A 211 -2.65 21.69 -7.74
C ALA A 211 -2.94 20.31 -8.31
N ILE A 212 -2.04 19.83 -9.17
CA ILE A 212 -2.23 18.52 -9.77
C ILE A 212 -2.02 17.44 -8.68
N SER A 213 -1.01 17.64 -7.84
CA SER A 213 -0.74 16.72 -6.74
C SER A 213 -1.96 16.68 -5.80
N ASP A 214 -2.43 17.85 -5.39
CA ASP A 214 -3.61 17.92 -4.53
C ASP A 214 -4.82 17.23 -5.17
N SER A 215 -4.95 17.35 -6.49
CA SER A 215 -6.08 16.72 -7.18
C SER A 215 -5.99 15.18 -7.08
N ARG A 216 -4.78 14.66 -7.02
CA ARG A 216 -4.58 13.21 -6.94
C ARG A 216 -5.17 12.71 -5.62
N PHE A 217 -4.90 13.44 -4.55
CA PHE A 217 -5.44 13.09 -3.23
C PHE A 217 -6.95 13.00 -3.27
N VAL A 218 -7.61 13.95 -3.94
CA VAL A 218 -9.05 13.95 -3.99
C VAL A 218 -9.60 12.91 -4.95
N PHE A 219 -8.86 12.68 -6.04
CA PHE A 219 -9.25 11.67 -7.01
C PHE A 219 -9.32 10.32 -6.28
N ASP A 220 -8.29 10.02 -5.50
CA ASP A 220 -8.22 8.77 -4.76
C ASP A 220 -9.33 8.62 -3.71
N MET A 221 -9.65 9.71 -3.01
CA MET A 221 -10.71 9.65 -2.01
C MET A 221 -12.01 9.33 -2.71
N GLY A 222 -12.18 9.85 -3.92
CA GLY A 222 -13.42 9.59 -4.64
C GLY A 222 -13.53 8.13 -5.08
N THR A 223 -12.43 7.57 -5.57
CA THR A 223 -12.41 6.18 -6.04
C THR A 223 -12.68 5.29 -4.83
N GLU A 224 -12.02 5.60 -3.73
CA GLU A 224 -12.19 4.87 -2.50
C GLU A 224 -13.66 4.86 -2.04
N LEU A 225 -14.37 5.97 -2.20
CA LEU A 225 -15.76 5.99 -1.78
C LEU A 225 -16.60 5.32 -2.85
N GLY A 226 -15.95 4.89 -3.92
CA GLY A 226 -16.66 4.19 -4.96
C GLY A 226 -17.18 5.03 -6.12
N PHE A 227 -16.70 6.27 -6.24
CA PHE A 227 -17.17 7.11 -7.35
C PHE A 227 -16.36 6.77 -8.60
N ASN A 228 -16.95 7.03 -9.76
CA ASN A 228 -16.27 6.80 -11.03
C ASN A 228 -15.49 8.08 -11.43
N MET A 229 -14.30 8.24 -10.86
CA MET A 229 -13.44 9.41 -11.11
C MET A 229 -12.63 9.24 -12.39
N HIS A 230 -13.04 9.94 -13.44
CA HIS A 230 -12.34 9.85 -14.71
C HIS A 230 -12.02 11.19 -15.42
N ILE A 231 -12.25 12.33 -14.73
CA ILE A 231 -11.96 13.65 -15.33
C ILE A 231 -11.10 14.54 -14.43
N LEU A 232 -10.02 15.09 -15.00
CA LEU A 232 -9.18 16.02 -14.28
C LEU A 232 -9.26 17.31 -15.12
N ASP A 233 -9.72 18.38 -14.49
CA ASP A 233 -9.89 19.66 -15.17
C ASP A 233 -8.86 20.62 -14.58
N ILE A 234 -7.81 20.94 -15.32
CA ILE A 234 -6.78 21.81 -14.77
C ILE A 234 -7.02 23.32 -14.90
N GLY A 235 -8.23 23.69 -15.33
CA GLY A 235 -8.64 25.08 -15.47
C GLY A 235 -7.95 25.98 -16.48
N GLY A 236 -7.83 27.26 -16.11
CA GLY A 236 -7.20 28.24 -16.99
C GLY A 236 -6.05 28.98 -16.36
N GLY A 237 -5.77 30.18 -16.85
CA GLY A 237 -4.69 30.96 -16.29
C GLY A 237 -3.43 31.03 -17.15
N PHE A 238 -3.44 30.34 -18.29
CA PHE A 238 -2.30 30.31 -19.20
C PHE A 238 -2.18 31.66 -19.92
N PRO A 239 -0.95 32.17 -20.08
CA PRO A 239 -0.77 33.46 -20.77
C PRO A 239 -1.24 33.49 -22.22
N GLY A 240 -1.78 34.63 -22.64
CA GLY A 240 -2.26 34.78 -24.00
C GLY A 240 -1.40 35.69 -24.86
N THR A 241 -0.36 36.25 -24.25
CA THR A 241 0.54 37.12 -24.98
C THR A 241 1.95 36.57 -24.87
N ARG A 242 2.47 36.05 -25.98
CA ARG A 242 3.80 35.43 -26.06
C ARG A 242 4.96 36.32 -25.59
N ASP A 243 4.66 37.28 -24.73
CA ASP A 243 5.67 38.19 -24.20
C ASP A 243 5.74 38.11 -22.68
N ALA A 244 4.61 37.81 -22.03
CA ALA A 244 4.55 37.71 -20.58
C ALA A 244 5.78 37.04 -20.00
N PRO A 245 6.08 37.27 -18.71
CA PRO A 245 7.24 36.66 -18.07
C PRO A 245 7.22 35.14 -18.13
N LEU A 246 6.21 34.55 -17.49
CA LEU A 246 6.06 33.10 -17.43
C LEU A 246 5.44 32.57 -18.72
N LYS A 247 6.30 32.04 -19.58
CA LYS A 247 5.90 31.51 -20.89
C LYS A 247 5.04 30.23 -20.84
N PHE A 248 4.11 30.14 -21.79
CA PHE A 248 3.20 29.01 -21.93
C PHE A 248 3.93 27.67 -22.02
N GLU A 249 5.05 27.64 -22.75
CA GLU A 249 5.81 26.40 -22.89
C GLU A 249 6.39 25.94 -21.56
N GLU A 250 6.90 26.86 -20.75
CA GLU A 250 7.45 26.50 -19.45
C GLU A 250 6.35 25.91 -18.56
N ILE A 251 5.16 26.52 -18.62
CA ILE A 251 4.02 26.04 -17.84
C ILE A 251 3.62 24.66 -18.33
N ALA A 252 3.56 24.49 -19.65
CA ALA A 252 3.18 23.20 -20.24
C ALA A 252 4.14 22.09 -19.79
N GLY A 253 5.42 22.41 -19.71
CA GLY A 253 6.42 21.44 -19.29
C GLY A 253 6.19 21.00 -17.85
N VAL A 254 5.98 21.97 -16.98
CA VAL A 254 5.73 21.68 -15.58
C VAL A 254 4.42 20.90 -15.44
N ILE A 255 3.41 21.23 -16.23
CA ILE A 255 2.14 20.55 -16.16
C ILE A 255 2.29 19.10 -16.65
N ASN A 256 3.02 18.91 -17.75
CA ASN A 256 3.24 17.58 -18.29
C ASN A 256 4.02 16.65 -17.34
N ASN A 257 4.99 17.19 -16.64
CA ASN A 257 5.77 16.37 -15.71
C ASN A 257 4.90 15.97 -14.53
N ALA A 258 4.12 16.93 -14.00
CA ALA A 258 3.24 16.64 -12.87
C ALA A 258 2.16 15.65 -13.30
N LEU A 259 1.69 15.79 -14.52
CA LEU A 259 0.64 14.92 -15.02
C LEU A 259 1.17 13.48 -15.14
N GLU A 260 2.40 13.33 -15.60
CA GLU A 260 3.03 12.02 -15.76
C GLU A 260 3.21 11.38 -14.38
N LYS A 261 3.66 12.17 -13.41
CA LYS A 261 3.86 11.68 -12.07
C LYS A 261 2.56 11.31 -11.32
N HIS A 262 1.53 12.15 -11.41
CA HIS A 262 0.29 11.90 -10.69
C HIS A 262 -0.89 11.35 -11.47
N PHE A 263 -0.91 11.53 -12.78
CA PHE A 263 -2.01 11.04 -13.58
C PHE A 263 -1.57 10.29 -14.84
N PRO A 264 -0.80 9.19 -14.67
CA PRO A 264 -0.33 8.41 -15.82
C PRO A 264 -1.39 8.10 -16.88
N PRO A 265 -1.01 8.13 -18.16
CA PRO A 265 -1.93 7.86 -19.27
C PRO A 265 -2.81 6.65 -18.99
N ASP A 266 -4.08 6.77 -19.36
CA ASP A 266 -5.05 5.70 -19.18
C ASP A 266 -6.30 6.06 -19.97
N LEU A 267 -6.75 5.14 -20.81
CA LEU A 267 -7.91 5.38 -21.65
C LEU A 267 -9.16 5.78 -20.88
N LYS A 268 -9.22 5.47 -19.59
CA LYS A 268 -10.41 5.82 -18.82
C LYS A 268 -10.31 7.27 -18.30
N LEU A 269 -9.10 7.80 -18.28
CA LEU A 269 -8.85 9.14 -17.79
C LEU A 269 -8.83 10.20 -18.89
N THR A 270 -9.63 11.25 -18.73
CA THR A 270 -9.66 12.36 -19.69
C THR A 270 -9.16 13.62 -18.98
N ILE A 271 -8.16 14.28 -19.55
CA ILE A 271 -7.63 15.49 -18.95
C ILE A 271 -8.15 16.66 -19.80
N VAL A 272 -8.78 17.65 -19.15
CA VAL A 272 -9.31 18.83 -19.84
C VAL A 272 -8.78 20.14 -19.20
N ALA A 273 -8.97 21.27 -19.88
CA ALA A 273 -8.54 22.58 -19.33
C ALA A 273 -9.60 23.60 -19.74
N GLU A 274 -9.56 24.78 -19.13
CA GLU A 274 -10.55 25.80 -19.41
C GLU A 274 -9.82 27.10 -19.76
N PRO A 275 -8.94 27.06 -20.77
CA PRO A 275 -8.20 28.26 -21.15
C PRO A 275 -9.16 29.31 -21.67
N GLY A 276 -8.89 30.56 -21.31
CA GLY A 276 -9.70 31.67 -21.80
C GLY A 276 -8.81 32.66 -22.54
N ARG A 277 -8.07 33.50 -21.81
CA ARG A 277 -7.19 34.50 -22.46
C ARG A 277 -6.14 33.90 -23.39
N TYR A 278 -5.72 32.67 -23.09
CA TYR A 278 -4.73 31.98 -23.93
C TYR A 278 -5.06 32.04 -25.39
N TYR A 279 -6.33 31.83 -25.71
CA TYR A 279 -6.76 31.75 -27.10
C TYR A 279 -7.07 33.07 -27.81
N VAL A 280 -7.39 34.12 -27.03
CA VAL A 280 -7.84 35.36 -27.69
C VAL A 280 -7.14 36.69 -27.35
N ALA A 281 -6.33 36.70 -26.31
CA ALA A 281 -5.68 37.95 -25.89
C ALA A 281 -4.97 38.70 -27.00
N SER A 282 -4.10 38.00 -27.73
CA SER A 282 -3.34 38.66 -28.79
C SER A 282 -4.02 38.71 -30.13
N ALA A 283 -5.23 38.19 -30.22
CA ALA A 283 -5.93 38.19 -31.49
C ALA A 283 -6.60 39.54 -31.86
N PHE A 284 -6.90 40.36 -30.86
CA PHE A 284 -7.59 41.64 -31.06
C PHE A 284 -6.73 42.88 -30.92
N THR A 285 -6.90 43.82 -31.85
CA THR A 285 -6.15 45.08 -31.75
C THR A 285 -7.22 46.15 -31.73
N LEU A 286 -7.13 47.06 -30.76
CA LEU A 286 -8.10 48.15 -30.63
C LEU A 286 -7.58 49.45 -31.25
N ALA A 287 -8.40 50.07 -32.09
CA ALA A 287 -7.99 51.35 -32.69
C ALA A 287 -8.95 52.41 -32.18
N VAL A 288 -8.43 53.40 -31.45
CA VAL A 288 -9.27 54.48 -30.92
C VAL A 288 -8.80 55.82 -31.49
N ASN A 289 -9.74 56.77 -31.57
CA ASN A 289 -9.43 58.10 -32.14
C ASN A 289 -9.14 59.17 -31.10
N VAL A 290 -8.14 60.01 -31.37
CA VAL A 290 -7.80 61.10 -30.46
C VAL A 290 -8.86 62.16 -30.71
N ILE A 291 -9.76 62.37 -29.76
CA ILE A 291 -10.84 63.35 -29.95
C ILE A 291 -10.64 64.70 -29.31
N ALA A 292 -9.62 64.84 -28.48
CA ALA A 292 -9.35 66.12 -27.85
C ALA A 292 -7.96 66.08 -27.31
N LYS A 293 -7.34 67.25 -27.19
CA LYS A 293 -5.97 67.36 -26.73
C LYS A 293 -5.74 68.62 -25.92
N LYS A 294 -4.90 68.53 -24.90
CA LYS A 294 -4.58 69.68 -24.08
C LYS A 294 -3.07 69.68 -23.95
N VAL A 295 -2.49 70.88 -23.95
CA VAL A 295 -1.05 71.02 -23.81
C VAL A 295 -0.78 71.74 -22.51
N THR A 296 0.28 71.33 -21.81
CA THR A 296 0.63 71.95 -20.54
C THR A 296 2.10 72.33 -20.57
N GLN A 312 6.79 70.23 -20.90
CA GLN A 312 6.13 70.12 -22.19
C GLN A 312 5.46 68.76 -22.36
N SER A 313 4.25 68.64 -21.82
CA SER A 313 3.50 67.38 -21.89
C SER A 313 2.12 67.56 -22.54
N PHE A 314 1.53 66.43 -22.92
CA PHE A 314 0.21 66.44 -23.55
C PHE A 314 -0.80 65.51 -22.87
N MET A 315 -2.08 65.82 -23.04
CA MET A 315 -3.18 65.03 -22.51
C MET A 315 -4.07 64.73 -23.68
N TYR A 316 -4.21 63.46 -24.01
CA TYR A 316 -5.08 63.09 -25.11
C TYR A 316 -6.33 62.41 -24.61
N TYR A 317 -7.45 62.68 -25.26
CA TYR A 317 -8.71 62.07 -24.91
C TYR A 317 -9.08 61.24 -26.11
N VAL A 318 -9.42 59.97 -25.86
CA VAL A 318 -9.80 59.03 -26.92
C VAL A 318 -11.24 58.60 -26.76
N ASN A 319 -11.81 58.00 -27.80
CA ASN A 319 -13.20 57.60 -27.70
C ASN A 319 -13.53 56.18 -27.18
N ASP A 320 -12.70 55.67 -26.29
CA ASP A 320 -13.00 54.40 -25.62
C ASP A 320 -12.27 54.55 -24.27
N GLY A 321 -12.78 53.94 -23.19
CA GLY A 321 -12.12 54.08 -21.91
C GLY A 321 -12.42 53.00 -20.87
N VAL A 322 -12.17 53.29 -19.59
CA VAL A 322 -12.40 52.31 -18.52
C VAL A 322 -13.83 51.76 -18.40
N TYR A 323 -14.82 52.46 -18.96
CA TYR A 323 -16.19 51.94 -18.93
C TYR A 323 -16.42 51.12 -20.19
N GLY A 324 -15.50 51.24 -21.13
CA GLY A 324 -15.65 50.50 -22.37
C GLY A 324 -14.61 49.39 -22.39
N SER A 325 -13.87 49.32 -23.49
CA SER A 325 -12.86 48.30 -23.66
C SER A 325 -11.81 48.27 -22.58
N PHE A 326 -11.52 49.42 -21.96
CA PHE A 326 -10.50 49.39 -20.96
C PHE A 326 -10.98 49.08 -19.54
N ASN A 327 -12.17 48.51 -19.42
CA ASN A 327 -12.69 48.12 -18.11
C ASN A 327 -11.68 47.10 -17.56
N CYS A 328 -10.97 46.44 -18.47
CA CYS A 328 -9.95 45.44 -18.15
C CYS A 328 -8.88 46.00 -17.23
N ILE A 329 -8.68 47.31 -17.26
CA ILE A 329 -7.71 47.95 -16.39
C ILE A 329 -8.16 47.88 -14.93
N LEU A 330 -9.46 47.99 -14.71
CA LEU A 330 -10.00 47.94 -13.35
C LEU A 330 -10.35 46.51 -12.92
N TYR A 331 -10.96 45.75 -13.81
CA TYR A 331 -11.37 44.39 -13.49
C TYR A 331 -10.33 43.28 -13.67
N ASP A 332 -9.48 43.42 -14.67
CA ASP A 332 -8.49 42.40 -14.97
C ASP A 332 -7.05 42.81 -14.66
N HIS A 333 -6.88 43.93 -13.99
CA HIS A 333 -5.55 44.43 -13.63
C HIS A 333 -4.62 44.60 -14.84
N ALA A 334 -5.19 44.93 -16.00
CA ALA A 334 -4.38 45.09 -17.21
C ALA A 334 -3.61 46.40 -17.26
N VAL A 335 -2.54 46.40 -18.04
CA VAL A 335 -1.70 47.57 -18.26
C VAL A 335 -1.66 47.67 -19.78
N VAL A 336 -1.91 48.84 -20.34
CA VAL A 336 -1.90 48.96 -21.78
C VAL A 336 -0.83 49.92 -22.27
N ARG A 337 -0.49 49.83 -23.55
CA ARG A 337 0.53 50.70 -24.13
C ARG A 337 0.01 51.29 -25.43
N PRO A 338 -0.18 52.62 -25.46
CA PRO A 338 -0.68 53.26 -26.68
C PRO A 338 0.41 53.27 -27.75
N LEU A 339 0.01 52.98 -28.99
CA LEU A 339 0.92 52.96 -30.14
C LEU A 339 0.37 53.85 -31.24
N PRO A 340 1.13 54.87 -31.65
CA PRO A 340 0.65 55.75 -32.72
C PRO A 340 0.45 54.88 -33.97
N GLN A 341 -0.70 54.96 -34.61
CA GLN A 341 -0.90 54.14 -35.81
C GLN A 341 -0.17 54.81 -36.97
N ARG A 342 0.23 56.05 -36.74
CA ARG A 342 0.97 56.89 -37.69
C ARG A 342 2.37 56.31 -37.92
N GLU A 343 2.80 56.22 -39.17
CA GLU A 343 4.14 55.73 -39.46
C GLU A 343 5.13 56.73 -38.89
N PRO A 344 6.07 56.26 -38.07
CA PRO A 344 7.07 57.15 -37.46
C PRO A 344 7.88 58.00 -38.44
N ILE A 345 8.45 59.08 -37.90
CA ILE A 345 9.29 60.00 -38.66
C ILE A 345 10.62 60.03 -37.88
N PRO A 346 11.74 60.09 -38.61
CA PRO A 346 13.05 59.94 -38.01
C PRO A 346 13.25 60.19 -36.55
N ASN A 347 13.60 61.35 -36.28
CA ASN A 347 13.80 61.78 -34.90
C ASN A 347 12.68 62.67 -34.35
N GLU A 348 11.45 62.17 -34.40
CA GLU A 348 10.30 62.90 -33.87
C GLU A 348 10.61 63.18 -32.42
N LYS A 349 10.05 64.26 -31.87
CA LYS A 349 10.26 64.55 -30.47
C LYS A 349 9.19 63.72 -29.74
N LEU A 350 9.53 63.20 -28.56
CA LEU A 350 8.59 62.41 -27.77
C LEU A 350 8.35 63.15 -26.46
N TYR A 351 7.11 63.12 -25.98
CA TYR A 351 6.79 63.84 -24.74
C TYR A 351 6.00 62.99 -23.78
N PRO A 352 6.17 63.24 -22.48
CA PRO A 352 5.41 62.47 -21.49
C PRO A 352 3.95 62.84 -21.73
N SER A 353 3.09 61.84 -21.83
CA SER A 353 1.68 62.10 -22.09
C SER A 353 0.73 61.17 -21.35
N SER A 354 -0.50 61.63 -21.18
CA SER A 354 -1.52 60.84 -20.53
C SER A 354 -2.64 60.62 -21.56
N VAL A 355 -3.35 59.51 -21.43
CA VAL A 355 -4.45 59.20 -22.33
C VAL A 355 -5.69 58.99 -21.44
N TRP A 356 -6.79 59.62 -21.84
CA TRP A 356 -8.02 59.58 -21.08
C TRP A 356 -9.16 59.04 -21.91
N GLY A 357 -10.17 58.50 -21.20
CA GLY A 357 -11.35 57.98 -21.84
C GLY A 357 -12.27 59.15 -22.11
N PRO A 358 -13.33 58.98 -22.91
CA PRO A 358 -14.29 60.00 -23.30
C PRO A 358 -15.33 60.41 -22.25
N THR A 359 -15.29 59.78 -21.09
CA THR A 359 -16.27 59.97 -20.03
C THR A 359 -16.00 61.12 -19.03
N CYS A 360 -17.05 61.55 -18.35
CA CYS A 360 -16.99 62.61 -17.33
C CYS A 360 -16.22 62.20 -16.07
N ASP A 361 -16.00 60.90 -15.91
CA ASP A 361 -15.32 60.37 -14.73
C ASP A 361 -13.83 60.69 -14.74
N GLY A 362 -13.37 61.34 -13.67
CA GLY A 362 -11.97 61.69 -13.57
C GLY A 362 -11.10 60.46 -13.41
N LEU A 363 -11.72 59.32 -13.17
CA LEU A 363 -10.95 58.10 -13.02
C LEU A 363 -10.90 57.36 -14.35
N ASP A 364 -11.67 57.83 -15.32
CA ASP A 364 -11.66 57.24 -16.64
C ASP A 364 -10.35 57.69 -17.31
N GLN A 365 -9.23 57.07 -16.92
CA GLN A 365 -7.90 57.34 -17.44
C GLN A 365 -7.27 56.03 -17.91
N ILE A 366 -6.63 56.08 -19.08
CA ILE A 366 -6.00 54.90 -19.67
C ILE A 366 -4.51 54.79 -19.42
N VAL A 367 -3.79 55.87 -19.67
CA VAL A 367 -2.36 55.90 -19.48
C VAL A 367 -1.98 57.13 -18.65
N GLU A 368 -1.11 56.94 -17.67
CA GLU A 368 -0.71 58.02 -16.78
C GLU A 368 0.40 58.90 -17.35
N ARG A 369 1.52 58.29 -17.72
CA ARG A 369 2.65 59.02 -18.26
C ARG A 369 3.38 58.11 -19.24
N TYR A 370 3.08 58.29 -20.53
CA TYR A 370 3.69 57.48 -21.56
C TYR A 370 4.28 58.35 -22.67
N TYR A 371 5.47 58.01 -23.14
CA TYR A 371 6.11 58.81 -24.18
C TYR A 371 5.56 58.53 -25.56
N LEU A 372 4.97 59.58 -26.14
CA LEU A 372 4.39 59.50 -27.46
C LEU A 372 4.83 60.71 -28.27
N PRO A 373 4.67 60.65 -29.59
CA PRO A 373 5.05 61.78 -30.45
C PRO A 373 3.81 62.68 -30.44
N GLU A 374 3.98 64.00 -30.58
CA GLU A 374 2.80 64.86 -30.56
C GLU A 374 1.72 64.36 -31.52
N MET A 375 0.54 64.13 -30.97
CA MET A 375 -0.58 63.63 -31.77
C MET A 375 -1.54 64.76 -32.10
N GLN A 376 -2.31 64.59 -33.15
CA GLN A 376 -3.29 65.59 -33.55
C GLN A 376 -4.69 64.97 -33.42
N VAL A 377 -5.67 65.82 -33.13
CA VAL A 377 -7.04 65.37 -33.03
C VAL A 377 -7.35 64.71 -34.36
N GLY A 378 -8.05 63.57 -34.32
CA GLY A 378 -8.39 62.87 -35.55
C GLY A 378 -7.40 61.76 -35.89
N GLU A 379 -6.23 61.76 -35.25
CA GLU A 379 -5.24 60.72 -35.49
C GLU A 379 -5.61 59.49 -34.63
N TRP A 380 -5.10 58.32 -35.01
CA TRP A 380 -5.44 57.10 -34.27
C TRP A 380 -4.37 56.47 -33.38
N LEU A 381 -4.82 55.95 -32.24
CA LEU A 381 -3.94 55.26 -31.31
C LEU A 381 -4.36 53.79 -31.28
N LEU A 382 -3.37 52.90 -31.34
CA LEU A 382 -3.68 51.47 -31.35
C LEU A 382 -3.30 50.83 -30.04
N PHE A 383 -4.07 49.81 -29.67
CA PHE A 383 -3.78 49.08 -28.45
C PHE A 383 -3.81 47.60 -28.84
N GLU A 384 -2.67 46.94 -28.73
CA GLU A 384 -2.56 45.52 -29.08
C GLU A 384 -2.82 44.63 -27.87
N ASP A 385 -3.02 43.34 -28.11
CA ASP A 385 -3.29 42.41 -27.01
C ASP A 385 -4.49 42.85 -26.20
N MET A 386 -5.60 43.11 -26.89
CA MET A 386 -6.83 43.59 -26.25
C MET A 386 -7.98 42.63 -26.49
N GLY A 387 -7.70 41.32 -26.52
CA GLY A 387 -8.78 40.38 -26.77
C GLY A 387 -9.41 39.76 -25.53
N ALA A 388 -8.67 39.71 -24.45
CA ALA A 388 -9.17 39.08 -23.24
C ALA A 388 -9.76 40.02 -22.19
N TYR A 389 -10.99 39.71 -21.79
CA TYR A 389 -11.73 40.45 -20.76
C TYR A 389 -11.81 41.95 -21.10
N THR A 390 -12.18 42.25 -22.32
CA THR A 390 -12.30 43.62 -22.81
C THR A 390 -13.71 43.87 -23.32
N VAL A 391 -14.06 43.25 -24.44
CA VAL A 391 -15.39 43.44 -25.00
C VAL A 391 -16.50 42.88 -24.13
N VAL A 392 -16.18 41.91 -23.28
CA VAL A 392 -17.20 41.30 -22.45
C VAL A 392 -17.61 42.15 -21.25
N GLY A 393 -16.68 42.95 -20.74
CA GLY A 393 -17.02 43.79 -19.59
C GLY A 393 -17.42 45.23 -19.89
N THR A 394 -17.77 45.53 -21.15
CA THR A 394 -18.12 46.88 -21.56
C THR A 394 -19.51 47.38 -21.14
N SER A 395 -19.60 48.68 -20.83
CA SER A 395 -20.87 49.29 -20.48
C SER A 395 -21.05 50.52 -21.38
N SER A 396 -22.28 50.97 -21.51
CA SER A 396 -22.55 52.14 -22.35
C SER A 396 -22.70 53.43 -21.54
N PHE A 397 -21.88 53.56 -20.51
CA PHE A 397 -21.91 54.76 -19.63
C PHE A 397 -21.68 56.05 -20.46
N ASN A 398 -22.43 57.10 -20.12
CA ASN A 398 -22.36 58.40 -20.82
C ASN A 398 -22.93 58.27 -22.22
N GLY A 399 -23.49 57.11 -22.53
CA GLY A 399 -24.05 56.89 -23.85
C GLY A 399 -23.10 56.44 -24.96
N PHE A 400 -21.81 56.32 -24.67
CA PHE A 400 -20.86 55.90 -25.68
C PHE A 400 -21.07 54.44 -26.05
N GLN A 401 -21.02 54.14 -27.34
CA GLN A 401 -21.21 52.77 -27.82
C GLN A 401 -19.88 52.01 -27.90
N SER A 402 -19.92 50.72 -27.62
CA SER A 402 -18.69 49.93 -27.67
C SER A 402 -18.19 49.80 -29.10
N PRO A 403 -16.87 49.68 -29.28
CA PRO A 403 -16.26 49.55 -30.61
C PRO A 403 -16.81 48.37 -31.41
N THR A 404 -16.98 48.56 -32.72
CA THR A 404 -17.45 47.48 -33.58
C THR A 404 -16.25 46.56 -33.87
N ILE A 405 -16.53 45.31 -34.19
CA ILE A 405 -15.45 44.35 -34.44
C ILE A 405 -15.36 43.95 -35.90
N TYR A 406 -14.17 44.08 -36.48
CA TYR A 406 -13.93 43.71 -37.87
C TYR A 406 -12.94 42.55 -37.86
N TYR A 407 -13.00 41.74 -38.90
CA TYR A 407 -12.13 40.58 -38.96
C TYR A 407 -11.22 40.48 -40.17
N VAL A 408 -10.06 39.88 -39.91
CA VAL A 408 -9.05 39.63 -40.93
C VAL A 408 -8.53 38.23 -40.55
N VAL A 409 -7.75 37.61 -41.41
CA VAL A 409 -7.18 36.32 -41.09
C VAL A 409 -5.91 36.11 -41.87
N SER A 410 -4.78 36.30 -41.19
CA SER A 410 -3.47 36.19 -41.80
C SER A 410 -2.74 34.88 -41.61
N GLY A 411 -1.65 34.73 -42.34
CA GLY A 411 -0.79 33.56 -42.28
C GLY A 411 -1.43 32.20 -42.52
N LEU A 412 -2.63 32.19 -43.07
CA LEU A 412 -3.33 30.93 -43.33
C LEU A 412 -3.66 30.74 -44.80
N PRO A 413 -3.47 29.51 -45.30
CA PRO A 413 -3.78 29.19 -46.70
C PRO A 413 -5.25 29.49 -46.88
N ASP A 414 -5.83 29.17 -48.04
CA ASP A 414 -7.23 29.46 -48.20
C ASP A 414 -8.16 28.59 -47.38
N HIS A 415 -7.90 28.64 -46.09
CA HIS A 415 -8.67 28.02 -45.06
C HIS A 415 -9.52 29.16 -44.60
N VAL A 416 -9.06 30.31 -45.09
CA VAL A 416 -9.66 31.61 -44.84
C VAL A 416 -11.07 31.51 -45.38
N VAL A 417 -11.20 30.77 -46.48
CA VAL A 417 -12.48 30.56 -47.12
C VAL A 417 -13.43 29.87 -46.14
N ARG A 418 -12.97 28.77 -45.53
CA ARG A 418 -13.79 28.02 -44.58
C ARG A 418 -14.31 28.90 -43.45
N GLU A 419 -13.40 29.63 -42.81
CA GLU A 419 -13.75 30.49 -41.69
C GLU A 419 -14.63 31.69 -42.06
N LEU A 420 -14.44 32.25 -43.26
CA LEU A 420 -15.26 33.40 -43.66
C LEU A 420 -16.63 32.97 -44.14
N LYS A 421 -16.78 31.69 -44.49
CA LYS A 421 -18.06 31.19 -45.00
C LYS A 421 -19.01 30.64 -43.94
N SER A 422 -18.56 30.56 -42.70
CA SER A 422 -19.41 30.05 -41.62
C SER A 422 -20.80 30.68 -41.65
N ARG B 14 -42.86 46.07 -15.50
CA ARG B 14 -43.54 47.36 -15.75
C ARG B 14 -44.06 48.06 -14.49
N PHE B 15 -45.29 48.54 -14.56
CA PHE B 15 -45.88 49.27 -13.44
C PHE B 15 -46.76 48.40 -12.58
N LEU B 16 -46.55 48.47 -11.28
CA LEU B 16 -47.37 47.69 -10.38
C LEU B 16 -47.95 48.59 -9.30
N GLU B 17 -48.78 48.04 -8.42
CA GLU B 17 -49.36 48.87 -7.39
C GLU B 17 -48.95 48.71 -5.95
N GLY B 18 -49.76 49.31 -5.09
CA GLY B 18 -49.44 49.44 -3.72
C GLY B 18 -48.73 50.76 -3.86
N PHE B 19 -49.04 51.75 -3.09
CA PHE B 19 -48.34 53.00 -3.37
C PHE B 19 -47.12 53.23 -2.51
N ASN B 20 -46.47 52.11 -2.16
CA ASN B 20 -45.25 52.14 -1.39
C ASN B 20 -44.32 51.16 -2.08
N THR B 21 -43.14 51.64 -2.44
CA THR B 21 -42.17 50.83 -3.11
C THR B 21 -41.92 49.49 -2.42
N ARG B 22 -41.89 49.46 -1.09
CA ARG B 22 -41.63 48.19 -0.42
C ARG B 22 -42.82 47.21 -0.43
N ASP B 23 -44.05 47.71 -0.39
CA ASP B 23 -45.20 46.82 -0.43
C ASP B 23 -45.31 46.25 -1.83
N ALA B 24 -45.03 47.10 -2.81
CA ALA B 24 -45.08 46.68 -4.20
C ALA B 24 -44.03 45.61 -4.42
N LEU B 25 -42.89 45.77 -3.76
CA LEU B 25 -41.80 44.82 -3.86
C LEU B 25 -42.15 43.48 -3.21
N CYS B 26 -42.76 43.53 -2.03
CA CYS B 26 -43.17 42.30 -1.35
C CYS B 26 -44.24 41.63 -2.18
N LYS B 27 -45.27 42.40 -2.52
CA LYS B 27 -46.36 41.87 -3.33
C LYS B 27 -45.79 41.19 -4.56
N LYS B 28 -44.79 41.82 -5.17
CA LYS B 28 -44.14 41.28 -6.36
C LYS B 28 -43.52 39.92 -6.04
N ILE B 29 -42.69 39.88 -5.00
CA ILE B 29 -42.00 38.65 -4.63
C ILE B 29 -42.92 37.43 -4.51
N SER B 30 -42.78 36.56 -5.51
CA SER B 30 -43.55 35.32 -5.64
C SER B 30 -42.84 34.40 -6.64
N GLY B 37 -36.98 33.88 -9.68
CA GLY B 37 -35.81 34.18 -8.88
C GLY B 37 -34.86 35.17 -9.52
N ASP B 38 -35.26 35.77 -10.62
CA ASP B 38 -34.40 36.76 -11.30
C ASP B 38 -34.36 38.08 -10.51
N PRO B 39 -33.19 38.72 -10.46
CA PRO B 39 -33.07 39.98 -9.73
C PRO B 39 -33.93 41.09 -10.38
N PHE B 40 -34.37 42.06 -9.57
CA PHE B 40 -35.16 43.14 -10.16
C PHE B 40 -35.11 44.40 -9.33
N PHE B 41 -35.41 45.51 -10.00
CA PHE B 41 -35.44 46.83 -9.37
C PHE B 41 -36.88 47.27 -9.22
N VAL B 42 -37.14 48.03 -8.17
CA VAL B 42 -38.43 48.68 -8.02
C VAL B 42 -38.04 50.14 -7.96
N ALA B 43 -38.50 50.92 -8.93
CA ALA B 43 -38.14 52.34 -8.98
C ALA B 43 -39.34 53.20 -8.65
N ASP B 44 -39.21 54.01 -7.61
CA ASP B 44 -40.30 54.86 -7.20
C ASP B 44 -40.26 56.23 -7.90
N LEU B 45 -40.98 56.35 -9.00
CA LEU B 45 -40.98 57.60 -9.75
C LEU B 45 -41.49 58.73 -8.86
N GLY B 46 -42.27 58.35 -7.84
CA GLY B 46 -42.81 59.32 -6.92
C GLY B 46 -41.74 59.95 -6.05
N ASP B 47 -40.64 59.23 -5.82
CA ASP B 47 -39.58 59.78 -4.97
C ASP B 47 -38.88 60.91 -5.75
N ILE B 48 -38.86 60.79 -7.07
CA ILE B 48 -38.23 61.80 -7.91
C ILE B 48 -39.04 63.10 -7.80
N VAL B 49 -40.37 63.00 -7.89
CA VAL B 49 -41.25 64.14 -7.73
C VAL B 49 -40.92 64.85 -6.41
N ARG B 50 -40.85 64.10 -5.31
CA ARG B 50 -40.53 64.69 -4.02
C ARG B 50 -39.17 65.38 -4.01
N LYS B 51 -38.17 64.75 -4.63
CA LYS B 51 -36.86 65.37 -4.67
C LYS B 51 -36.97 66.70 -5.43
N HIS B 52 -37.81 66.76 -6.46
CA HIS B 52 -37.94 68.00 -7.22
C HIS B 52 -38.57 69.12 -6.37
N GLU B 53 -39.59 68.76 -5.56
CA GLU B 53 -40.24 69.73 -4.68
C GLU B 53 -39.23 70.30 -3.73
N THR B 54 -38.35 69.46 -3.19
CA THR B 54 -37.33 69.93 -2.28
C THR B 54 -36.28 70.81 -2.98
N TRP B 55 -35.98 70.52 -4.24
CA TRP B 55 -35.02 71.33 -4.99
C TRP B 55 -35.56 72.76 -5.17
N LYS B 56 -36.79 72.87 -5.65
CA LYS B 56 -37.39 74.19 -5.86
C LYS B 56 -37.46 74.98 -4.56
N LYS B 57 -37.69 74.27 -3.45
CA LYS B 57 -37.79 74.93 -2.17
C LYS B 57 -36.45 75.36 -1.61
N CYS B 58 -35.40 74.58 -1.82
CA CYS B 58 -34.10 74.96 -1.28
C CYS B 58 -33.19 75.76 -2.22
N LEU B 59 -33.41 75.62 -3.52
CA LEU B 59 -32.60 76.33 -4.52
C LEU B 59 -33.52 76.94 -5.59
N PRO B 60 -34.45 77.81 -5.17
CA PRO B 60 -35.39 78.45 -6.10
C PRO B 60 -34.74 79.23 -7.24
N ARG B 61 -33.52 79.71 -7.05
CA ARG B 61 -32.86 80.44 -8.12
C ARG B 61 -32.13 79.55 -9.14
N VAL B 62 -32.05 78.24 -8.87
CA VAL B 62 -31.29 77.34 -9.75
C VAL B 62 -32.12 76.37 -10.57
N THR B 63 -31.99 76.43 -11.90
CA THR B 63 -32.75 75.54 -12.79
C THR B 63 -31.95 74.24 -12.96
N PRO B 64 -32.56 73.11 -12.60
CA PRO B 64 -31.85 71.83 -12.73
C PRO B 64 -31.84 71.22 -14.14
N PHE B 65 -30.66 70.88 -14.58
CA PHE B 65 -30.50 70.19 -15.87
C PHE B 65 -30.01 68.81 -15.47
N TYR B 66 -30.92 67.85 -15.38
CA TYR B 66 -30.60 66.49 -14.90
C TYR B 66 -29.45 65.81 -15.67
N ALA B 67 -28.45 65.31 -14.96
CA ALA B 67 -27.34 64.64 -15.64
C ALA B 67 -27.78 63.23 -16.06
N VAL B 68 -28.18 63.12 -17.31
CA VAL B 68 -28.67 61.89 -17.91
C VAL B 68 -27.76 60.68 -17.70
N LYS B 69 -26.45 60.91 -17.69
CA LYS B 69 -25.47 59.84 -17.52
C LYS B 69 -25.65 59.04 -16.21
N CYS B 70 -26.18 59.71 -15.19
CA CYS B 70 -26.39 59.10 -13.89
C CYS B 70 -27.37 57.93 -13.92
N ASN B 71 -28.42 58.07 -14.73
CA ASN B 71 -29.45 57.08 -14.88
C ASN B 71 -30.34 57.52 -16.00
N ASP B 72 -30.30 56.77 -17.11
CA ASP B 72 -31.05 57.15 -18.28
C ASP B 72 -32.31 56.38 -18.58
N ASP B 73 -32.83 55.68 -17.58
CA ASP B 73 -34.07 54.94 -17.74
C ASP B 73 -35.13 55.84 -18.34
N TRP B 74 -35.90 55.33 -19.28
CA TRP B 74 -36.91 56.14 -19.92
C TRP B 74 -38.00 56.74 -19.03
N ARG B 75 -38.37 56.02 -17.97
CA ARG B 75 -39.40 56.50 -17.07
C ARG B 75 -38.82 57.61 -16.22
N VAL B 76 -37.55 57.46 -15.88
CA VAL B 76 -36.86 58.47 -15.10
C VAL B 76 -36.77 59.77 -15.92
N LEU B 77 -36.46 59.67 -17.22
CA LEU B 77 -36.35 60.86 -18.08
C LEU B 77 -37.73 61.47 -18.33
N GLY B 78 -38.73 60.62 -18.54
CA GLY B 78 -40.08 61.10 -18.78
C GLY B 78 -40.62 61.82 -17.55
N THR B 79 -40.22 61.34 -16.37
CA THR B 79 -40.68 61.94 -15.12
C THR B 79 -40.07 63.33 -14.90
N LEU B 80 -38.75 63.43 -15.02
CA LEU B 80 -38.08 64.70 -14.83
C LEU B 80 -38.56 65.70 -15.91
N ALA B 81 -38.83 65.20 -17.12
CA ALA B 81 -39.30 66.05 -18.21
C ALA B 81 -40.66 66.66 -17.87
N ALA B 82 -41.58 65.85 -17.32
CA ALA B 82 -42.89 66.38 -16.99
C ALA B 82 -42.83 67.31 -15.79
N LEU B 83 -41.81 67.17 -14.96
CA LEU B 83 -41.64 68.03 -13.79
C LEU B 83 -41.03 69.37 -14.24
N GLY B 84 -40.60 69.40 -15.50
CA GLY B 84 -40.03 70.61 -16.07
C GLY B 84 -38.54 70.82 -15.93
N THR B 85 -37.76 69.78 -15.69
CA THR B 85 -36.33 70.00 -15.55
C THR B 85 -35.69 70.09 -16.94
N GLY B 86 -34.42 70.48 -16.98
CA GLY B 86 -33.69 70.48 -18.24
C GLY B 86 -32.90 69.16 -18.21
N PHE B 87 -32.01 68.96 -19.18
CA PHE B 87 -31.18 67.77 -19.23
C PHE B 87 -29.77 68.09 -19.65
N ASP B 88 -28.80 67.59 -18.89
CA ASP B 88 -27.38 67.76 -19.20
C ASP B 88 -26.95 66.45 -19.89
N CYS B 89 -26.62 66.55 -21.17
CA CYS B 89 -26.23 65.41 -21.98
C CYS B 89 -24.75 65.39 -22.31
N ALA B 90 -24.17 64.18 -22.37
CA ALA B 90 -22.75 64.03 -22.63
C ALA B 90 -22.35 63.38 -23.94
N SER B 91 -23.30 63.02 -24.78
CA SER B 91 -22.91 62.38 -26.04
C SER B 91 -24.06 62.47 -27.00
N ASN B 92 -23.80 62.13 -28.26
CA ASN B 92 -24.86 62.14 -29.24
C ASN B 92 -25.97 61.18 -28.85
N THR B 93 -25.62 60.09 -28.18
CA THR B 93 -26.65 59.12 -27.79
C THR B 93 -27.62 59.69 -26.76
N GLU B 94 -27.08 60.40 -25.76
CA GLU B 94 -27.96 60.97 -24.75
C GLU B 94 -28.83 62.09 -25.32
N ILE B 95 -28.29 62.91 -26.22
CA ILE B 95 -29.10 63.98 -26.84
C ILE B 95 -30.22 63.32 -27.62
N GLN B 96 -29.89 62.30 -28.39
CA GLN B 96 -30.92 61.62 -29.17
C GLN B 96 -31.99 61.02 -28.27
N ARG B 97 -31.58 60.53 -27.11
CA ARG B 97 -32.52 59.91 -26.18
C ARG B 97 -33.49 60.97 -25.62
N VAL B 98 -32.93 62.09 -25.16
CA VAL B 98 -33.74 63.19 -24.63
C VAL B 98 -34.65 63.78 -25.71
N ARG B 99 -34.12 64.04 -26.90
CA ARG B 99 -34.96 64.58 -27.99
C ARG B 99 -36.02 63.54 -28.34
N GLY B 100 -35.69 62.27 -28.12
CA GLY B 100 -36.62 61.19 -28.44
C GLY B 100 -37.92 61.20 -27.67
N ILE B 101 -37.91 61.72 -26.46
CA ILE B 101 -39.14 61.78 -25.70
C ILE B 101 -39.81 63.15 -25.88
N GLY B 102 -39.40 63.89 -26.90
CA GLY B 102 -39.99 65.18 -27.18
C GLY B 102 -39.51 66.41 -26.43
N VAL B 103 -38.36 66.31 -25.76
CA VAL B 103 -37.83 67.46 -25.04
C VAL B 103 -37.14 68.41 -26.04
N PRO B 104 -37.52 69.70 -26.02
CA PRO B 104 -36.93 70.71 -26.93
C PRO B 104 -35.44 70.95 -26.68
N PRO B 105 -34.67 71.23 -27.75
CA PRO B 105 -33.23 71.45 -27.57
C PRO B 105 -32.81 72.55 -26.60
N GLU B 106 -33.69 73.53 -26.38
CA GLU B 106 -33.37 74.61 -25.46
C GLU B 106 -33.29 74.10 -24.01
N LYS B 107 -33.87 72.93 -23.74
CA LYS B 107 -33.85 72.37 -22.39
C LYS B 107 -32.71 71.35 -22.25
N ILE B 108 -31.74 71.47 -23.15
CA ILE B 108 -30.59 70.58 -23.17
C ILE B 108 -29.26 71.30 -23.17
N ILE B 109 -28.37 70.87 -22.29
CA ILE B 109 -27.03 71.41 -22.23
C ILE B 109 -26.07 70.24 -22.54
N TYR B 110 -25.13 70.47 -23.46
CA TYR B 110 -24.11 69.49 -23.82
C TYR B 110 -22.89 69.74 -22.95
N ALA B 111 -22.94 69.24 -21.71
CA ALA B 111 -21.90 69.55 -20.75
C ALA B 111 -20.69 68.65 -20.67
N ASN B 112 -20.17 68.31 -21.84
CA ASN B 112 -18.99 67.47 -21.93
C ASN B 112 -17.93 68.42 -22.50
N PRO B 113 -16.85 68.69 -21.75
CA PRO B 113 -15.75 69.59 -22.14
C PRO B 113 -14.90 69.13 -23.31
N CYS B 114 -14.80 67.82 -23.51
CA CYS B 114 -13.96 67.32 -24.59
C CYS B 114 -14.77 66.40 -25.47
N LYS B 115 -15.39 66.99 -26.49
CA LYS B 115 -16.28 66.28 -27.39
C LYS B 115 -15.76 65.85 -28.76
N GLN B 116 -16.17 64.66 -29.18
CA GLN B 116 -15.79 64.13 -30.49
C GLN B 116 -16.46 65.05 -31.54
N ILE B 117 -15.72 65.43 -32.59
CA ILE B 117 -16.25 66.31 -33.61
C ILE B 117 -17.57 65.89 -34.21
N SER B 118 -17.72 64.61 -34.56
CA SER B 118 -18.98 64.19 -35.13
C SER B 118 -20.14 64.35 -34.14
N HIS B 119 -19.86 64.25 -32.85
CA HIS B 119 -20.91 64.43 -31.85
C HIS B 119 -21.27 65.94 -31.80
N ILE B 120 -20.27 66.79 -31.94
CA ILE B 120 -20.54 68.23 -31.96
C ILE B 120 -21.42 68.49 -33.17
N ARG B 121 -21.11 67.82 -34.28
CA ARG B 121 -21.91 68.02 -35.48
C ARG B 121 -23.35 67.56 -35.28
N TYR B 122 -23.52 66.49 -34.50
CA TYR B 122 -24.86 65.98 -34.25
C TYR B 122 -25.67 66.98 -33.41
N ALA B 123 -25.03 67.57 -32.42
CA ALA B 123 -25.70 68.53 -31.54
C ALA B 123 -26.16 69.72 -32.37
N ARG B 124 -25.24 70.28 -33.15
CA ARG B 124 -25.61 71.41 -34.01
C ARG B 124 -26.83 71.05 -34.88
N ASP B 125 -26.77 69.90 -35.52
CA ASP B 125 -27.88 69.49 -36.38
C ASP B 125 -29.16 69.22 -35.61
N SER B 126 -29.05 68.98 -34.30
CA SER B 126 -30.24 68.74 -33.49
C SER B 126 -30.81 69.99 -32.83
N GLY B 127 -30.11 71.13 -32.98
CA GLY B 127 -30.59 72.36 -32.38
C GLY B 127 -30.05 72.62 -30.99
N VAL B 128 -29.10 71.79 -30.55
CA VAL B 128 -28.52 71.97 -29.24
C VAL B 128 -27.39 72.98 -29.36
N ASP B 129 -27.50 74.11 -28.66
CA ASP B 129 -26.47 75.13 -28.80
C ASP B 129 -25.58 75.47 -27.60
N VAL B 130 -25.98 75.07 -26.39
CA VAL B 130 -25.14 75.37 -25.23
C VAL B 130 -24.24 74.16 -24.97
N MET B 131 -22.94 74.40 -24.88
CA MET B 131 -21.94 73.35 -24.66
C MET B 131 -20.90 73.94 -23.74
N THR B 132 -20.13 73.08 -23.09
CA THR B 132 -19.08 73.54 -22.21
C THR B 132 -17.73 73.35 -22.89
N PHE B 133 -16.67 73.92 -22.31
CA PHE B 133 -15.32 73.76 -22.86
C PHE B 133 -14.39 74.14 -21.73
N ASP B 134 -13.14 73.69 -21.78
CA ASP B 134 -12.22 74.08 -20.73
C ASP B 134 -10.81 74.36 -21.21
N CYS B 135 -10.63 74.45 -22.53
CA CYS B 135 -9.31 74.74 -23.11
C CYS B 135 -9.50 75.29 -24.53
N VAL B 136 -8.44 75.86 -25.09
CA VAL B 136 -8.47 76.47 -26.43
C VAL B 136 -8.70 75.45 -27.55
N ASP B 137 -8.08 74.30 -27.40
CA ASP B 137 -8.20 73.23 -28.39
C ASP B 137 -9.67 72.92 -28.69
N GLU B 138 -10.50 72.89 -27.65
CA GLU B 138 -11.92 72.60 -27.87
C GLU B 138 -12.56 73.73 -28.70
N LEU B 139 -12.13 74.98 -28.45
CA LEU B 139 -12.69 76.14 -29.18
C LEU B 139 -12.33 76.08 -30.66
N GLU B 140 -11.15 75.56 -30.98
CA GLU B 140 -10.77 75.43 -32.37
C GLU B 140 -11.78 74.50 -33.04
N LYS B 141 -12.22 73.46 -32.33
CA LYS B 141 -13.18 72.51 -32.91
C LYS B 141 -14.53 73.15 -33.11
N VAL B 142 -14.98 73.86 -32.09
CA VAL B 142 -16.27 74.50 -32.17
C VAL B 142 -16.28 75.50 -33.33
N ALA B 143 -15.20 76.23 -33.49
CA ALA B 143 -15.08 77.21 -34.56
C ALA B 143 -15.37 76.56 -35.93
N LYS B 144 -14.76 75.41 -36.17
CA LYS B 144 -14.95 74.71 -37.43
C LYS B 144 -16.25 73.96 -37.58
N THR B 145 -16.86 73.59 -36.46
CA THR B 145 -18.06 72.75 -36.53
C THR B 145 -19.40 73.32 -36.10
N HIS B 146 -19.40 74.12 -35.04
CA HIS B 146 -20.64 74.69 -34.52
C HIS B 146 -20.28 76.13 -34.13
N PRO B 147 -19.86 76.95 -35.11
CA PRO B 147 -19.47 78.35 -34.90
C PRO B 147 -20.38 79.22 -34.03
N LYS B 148 -21.68 79.03 -34.12
CA LYS B 148 -22.59 79.86 -33.32
C LYS B 148 -23.00 79.31 -31.95
N ALA B 149 -22.37 78.23 -31.53
CA ALA B 149 -22.70 77.64 -30.23
C ALA B 149 -22.47 78.57 -29.04
N LYS B 150 -23.36 78.54 -28.05
CA LYS B 150 -23.17 79.34 -26.86
C LYS B 150 -22.30 78.50 -25.93
N MET B 151 -21.07 78.94 -25.74
CA MET B 151 -20.09 78.20 -24.94
C MET B 151 -19.97 78.62 -23.51
N VAL B 152 -19.94 77.63 -22.63
CA VAL B 152 -19.82 77.86 -21.19
C VAL B 152 -18.46 77.39 -20.77
N LEU B 153 -17.67 78.28 -20.18
CA LEU B 153 -16.31 77.94 -19.75
C LEU B 153 -16.31 77.26 -18.38
N ARG B 154 -15.80 76.03 -18.35
CA ARG B 154 -15.74 75.26 -17.12
C ARG B 154 -14.42 75.46 -16.43
N ILE B 155 -14.47 75.92 -15.18
CA ILE B 155 -13.24 76.16 -14.43
C ILE B 155 -12.99 75.06 -13.41
N SER B 156 -11.72 74.94 -13.02
CA SER B 156 -11.28 73.95 -12.05
C SER B 156 -11.61 74.28 -10.60
N THR B 157 -11.75 73.24 -9.78
CA THR B 157 -12.02 73.40 -8.35
C THR B 157 -10.89 72.73 -7.57
N ASP B 158 -9.68 72.82 -8.13
CA ASP B 158 -8.46 72.25 -7.55
C ASP B 158 -8.71 70.96 -6.76
N LEU B 166 -10.55 64.50 -10.72
CA LEU B 166 -11.49 65.12 -11.64
C LEU B 166 -10.99 66.50 -12.07
N SER B 167 -10.17 67.12 -11.22
CA SER B 167 -9.60 68.44 -11.50
C SER B 167 -8.44 68.29 -12.48
N VAL B 168 -7.78 67.15 -12.44
CA VAL B 168 -6.66 66.93 -13.35
C VAL B 168 -7.24 66.72 -14.73
N LYS B 169 -8.40 66.07 -14.80
CA LYS B 169 -9.04 65.81 -16.09
C LYS B 169 -9.75 66.99 -16.77
N PHE B 170 -10.61 67.70 -16.03
CA PHE B 170 -11.38 68.83 -16.58
C PHE B 170 -11.32 70.14 -15.77
N GLY B 171 -11.59 71.26 -16.43
CA GLY B 171 -11.61 72.53 -15.72
C GLY B 171 -10.38 73.39 -15.89
N ALA B 172 -10.54 74.54 -16.54
CA ALA B 172 -9.40 75.43 -16.75
C ALA B 172 -9.04 76.09 -15.41
N LYS B 173 -7.76 76.31 -15.17
CA LYS B 173 -7.33 76.96 -13.94
C LYS B 173 -7.70 78.44 -14.08
N VAL B 174 -8.08 79.10 -12.98
CA VAL B 174 -8.46 80.50 -13.06
C VAL B 174 -7.37 81.35 -13.71
N GLU B 175 -6.10 81.11 -13.34
CA GLU B 175 -4.99 81.89 -13.91
C GLU B 175 -4.73 81.66 -15.39
N ASP B 176 -5.56 80.84 -16.04
CA ASP B 176 -5.41 80.57 -17.45
C ASP B 176 -6.59 81.12 -18.23
N CYS B 177 -7.65 81.45 -17.51
CA CYS B 177 -8.86 81.94 -18.15
C CYS B 177 -8.74 83.21 -18.98
N ARG B 178 -7.87 84.14 -18.59
CA ARG B 178 -7.74 85.36 -19.38
C ARG B 178 -7.24 84.97 -20.77
N PHE B 179 -6.19 84.17 -20.82
CA PHE B 179 -5.64 83.73 -22.09
C PHE B 179 -6.67 82.95 -22.90
N ILE B 180 -7.40 82.05 -22.25
CA ILE B 180 -8.41 81.27 -22.96
C ILE B 180 -9.48 82.15 -23.56
N LEU B 181 -9.92 83.16 -22.81
CA LEU B 181 -10.96 84.05 -23.32
C LEU B 181 -10.43 84.88 -24.48
N GLU B 182 -9.15 85.29 -24.40
CA GLU B 182 -8.56 86.07 -25.48
C GLU B 182 -8.61 85.23 -26.76
N GLN B 183 -8.17 83.98 -26.67
CA GLN B 183 -8.19 83.09 -27.83
C GLN B 183 -9.61 82.91 -28.37
N ALA B 184 -10.60 82.90 -27.46
CA ALA B 184 -12.00 82.73 -27.85
C ALA B 184 -12.45 83.93 -28.66
N LYS B 185 -11.99 85.10 -28.24
CA LYS B 185 -12.33 86.33 -28.95
C LYS B 185 -11.75 86.23 -30.37
N LYS B 186 -10.51 85.77 -30.48
CA LYS B 186 -9.89 85.61 -31.78
C LYS B 186 -10.63 84.58 -32.64
N LEU B 187 -11.20 83.56 -32.00
CA LEU B 187 -11.94 82.54 -32.75
C LEU B 187 -13.36 82.99 -32.93
N ASN B 188 -13.67 84.18 -32.44
CA ASN B 188 -15.02 84.72 -32.59
C ASN B 188 -16.06 83.82 -31.91
N ILE B 189 -15.70 83.22 -30.78
CA ILE B 189 -16.60 82.33 -30.03
C ILE B 189 -17.55 83.09 -29.11
N ASP B 190 -18.84 82.73 -29.17
CA ASP B 190 -19.85 83.36 -28.32
C ASP B 190 -19.85 82.74 -26.90
N VAL B 191 -18.90 83.13 -26.06
CA VAL B 191 -18.82 82.63 -24.70
C VAL B 191 -19.96 83.25 -23.90
N THR B 192 -20.76 82.42 -23.23
CA THR B 192 -21.89 82.98 -22.49
C THR B 192 -22.02 82.63 -21.00
N GLY B 193 -21.03 81.96 -20.45
CA GLY B 193 -21.14 81.61 -19.04
C GLY B 193 -19.93 80.92 -18.48
N VAL B 194 -20.06 80.53 -17.21
CA VAL B 194 -19.00 79.85 -16.48
C VAL B 194 -19.67 78.68 -15.76
N SER B 195 -18.94 77.58 -15.62
CA SER B 195 -19.47 76.41 -14.92
C SER B 195 -18.33 75.77 -14.13
N PHE B 196 -18.69 74.87 -13.22
CA PHE B 196 -17.70 74.14 -12.43
C PHE B 196 -18.45 72.93 -11.86
N HIS B 197 -17.68 71.97 -11.36
CA HIS B 197 -18.28 70.78 -10.76
C HIS B 197 -17.40 70.43 -9.58
N VAL B 198 -17.95 70.46 -8.37
CA VAL B 198 -17.16 70.14 -7.19
C VAL B 198 -17.02 68.62 -7.00
N GLY B 199 -17.99 67.85 -7.48
CA GLY B 199 -17.93 66.41 -7.32
C GLY B 199 -18.76 66.03 -6.11
N SER B 200 -18.86 64.73 -5.81
CA SER B 200 -19.64 64.29 -4.67
C SER B 200 -18.79 63.96 -3.45
N GLY B 201 -17.48 64.08 -3.60
CA GLY B 201 -16.58 63.77 -2.50
C GLY B 201 -16.28 64.89 -1.53
N SER B 202 -17.24 65.77 -1.29
CA SER B 202 -17.02 66.89 -0.36
C SER B 202 -17.61 66.58 1.00
N THR B 203 -16.90 67.00 2.04
CA THR B 203 -17.34 66.80 3.41
C THR B 203 -17.49 68.20 4.00
N ASP B 204 -17.68 69.16 3.12
CA ASP B 204 -17.81 70.56 3.50
C ASP B 204 -18.37 71.35 2.32
N ALA B 205 -19.48 72.06 2.54
CA ALA B 205 -20.10 72.83 1.48
C ALA B 205 -19.28 74.04 1.06
N SER B 206 -18.28 74.38 1.85
CA SER B 206 -17.44 75.54 1.54
C SER B 206 -16.82 75.48 0.16
N THR B 207 -16.68 74.27 -0.39
CA THR B 207 -16.11 74.15 -1.73
C THR B 207 -17.02 74.87 -2.74
N PHE B 208 -18.32 74.77 -2.55
CA PHE B 208 -19.25 75.45 -3.43
C PHE B 208 -19.08 76.98 -3.34
N ALA B 209 -18.88 77.49 -2.13
CA ALA B 209 -18.72 78.93 -1.95
C ALA B 209 -17.48 79.45 -2.66
N GLN B 210 -16.38 78.74 -2.52
CA GLN B 210 -15.11 79.12 -3.16
C GLN B 210 -15.21 79.05 -4.68
N ALA B 211 -15.97 78.09 -5.18
CA ALA B 211 -16.16 77.91 -6.61
C ALA B 211 -17.01 79.03 -7.18
N ILE B 212 -18.03 79.42 -6.43
CA ILE B 212 -18.91 80.48 -6.87
C ILE B 212 -18.13 81.79 -6.87
N SER B 213 -17.20 81.94 -5.95
CA SER B 213 -16.38 83.16 -5.89
C SER B 213 -15.45 83.18 -7.12
N ASP B 214 -14.77 82.07 -7.39
CA ASP B 214 -13.90 82.01 -8.55
C ASP B 214 -14.70 82.25 -9.80
N SER B 215 -15.93 81.73 -9.83
CA SER B 215 -16.78 81.91 -11.00
C SER B 215 -17.09 83.40 -11.23
N ARG B 216 -17.25 84.16 -10.17
CA ARG B 216 -17.55 85.57 -10.33
C ARG B 216 -16.37 86.26 -11.02
N PHE B 217 -15.17 85.92 -10.58
CA PHE B 217 -13.95 86.47 -11.13
C PHE B 217 -13.81 86.20 -12.63
N VAL B 218 -14.11 84.97 -13.05
CA VAL B 218 -13.99 84.65 -14.47
C VAL B 218 -15.14 85.27 -15.25
N PHE B 219 -16.32 85.30 -14.64
CA PHE B 219 -17.50 85.88 -15.25
C PHE B 219 -17.21 87.36 -15.60
N ASP B 220 -16.64 88.09 -14.64
CA ASP B 220 -16.33 89.51 -14.84
C ASP B 220 -15.28 89.67 -15.94
N MET B 221 -14.29 88.78 -15.98
CA MET B 221 -13.26 88.83 -17.03
C MET B 221 -13.90 88.71 -18.40
N GLY B 222 -14.92 87.87 -18.52
CA GLY B 222 -15.59 87.72 -19.80
C GLY B 222 -16.30 89.00 -20.19
N THR B 223 -17.04 89.59 -19.26
CA THR B 223 -17.77 90.82 -19.54
C THR B 223 -16.77 91.92 -19.93
N GLU B 224 -15.63 91.92 -19.25
CA GLU B 224 -14.56 92.87 -19.50
C GLU B 224 -14.08 92.78 -20.94
N LEU B 225 -13.92 91.55 -21.44
CA LEU B 225 -13.45 91.33 -22.80
C LEU B 225 -14.52 91.45 -23.87
N GLY B 226 -15.72 91.87 -23.47
CA GLY B 226 -16.77 92.05 -24.45
C GLY B 226 -17.74 90.91 -24.65
N PHE B 227 -17.61 89.86 -23.86
CA PHE B 227 -18.54 88.73 -23.97
C PHE B 227 -19.86 88.96 -23.28
N ASN B 228 -20.89 88.30 -23.80
CA ASN B 228 -22.22 88.38 -23.22
C ASN B 228 -22.41 87.25 -22.19
N MET B 229 -21.87 87.46 -21.00
CA MET B 229 -21.95 86.48 -19.92
C MET B 229 -23.29 86.49 -19.21
N HIS B 230 -24.07 85.43 -19.38
CA HIS B 230 -25.35 85.38 -18.71
C HIS B 230 -25.70 84.04 -18.06
N ILE B 231 -24.76 83.09 -18.04
CA ILE B 231 -25.02 81.79 -17.42
C ILE B 231 -24.02 81.38 -16.36
N LEU B 232 -24.51 80.94 -15.21
CA LEU B 232 -23.64 80.41 -14.16
C LEU B 232 -24.16 78.96 -13.97
N ASP B 233 -23.30 77.97 -14.20
CA ASP B 233 -23.68 76.54 -14.06
C ASP B 233 -22.93 75.99 -12.83
N ILE B 234 -23.65 75.64 -11.78
CA ILE B 234 -22.98 75.16 -10.59
C ILE B 234 -22.77 73.63 -10.47
N GLY B 235 -22.99 72.90 -11.56
CA GLY B 235 -22.71 71.46 -11.62
C GLY B 235 -23.49 70.49 -10.76
N GLY B 236 -22.85 69.39 -10.35
CA GLY B 236 -23.54 68.40 -9.54
C GLY B 236 -22.81 68.06 -8.25
N GLY B 237 -23.08 66.90 -7.68
CA GLY B 237 -22.40 66.54 -6.46
C GLY B 237 -23.26 66.61 -5.20
N PHE B 238 -24.53 66.98 -5.36
CA PHE B 238 -25.47 67.07 -4.24
C PHE B 238 -25.88 65.65 -3.81
N PRO B 239 -25.97 65.39 -2.50
CA PRO B 239 -26.36 64.06 -2.01
C PRO B 239 -27.73 63.61 -2.49
N GLY B 240 -27.84 62.32 -2.80
CA GLY B 240 -29.11 61.78 -3.26
C GLY B 240 -29.79 60.91 -2.21
N THR B 241 -29.16 60.80 -1.05
CA THR B 241 -29.75 60.00 0.02
C THR B 241 -29.82 60.87 1.27
N ARG B 242 -31.04 61.19 1.70
CA ARG B 242 -31.25 62.04 2.88
C ARG B 242 -30.64 61.44 4.16
N ASP B 243 -29.53 60.74 4.01
CA ASP B 243 -28.84 60.12 5.14
C ASP B 243 -27.41 60.61 5.23
N ALA B 244 -26.78 60.81 4.09
CA ALA B 244 -25.40 61.27 4.00
C ALA B 244 -25.03 62.29 5.08
N PRO B 245 -23.73 62.39 5.41
CA PRO B 245 -23.24 63.32 6.44
C PRO B 245 -23.64 64.76 6.13
N LEU B 246 -23.13 65.27 5.00
CA LEU B 246 -23.40 66.63 4.54
C LEU B 246 -24.77 66.64 3.85
N LYS B 247 -25.75 67.22 4.53
CA LYS B 247 -27.11 67.29 4.03
C LYS B 247 -27.27 68.27 2.86
N PHE B 248 -28.28 68.00 2.04
CA PHE B 248 -28.58 68.83 0.88
C PHE B 248 -28.94 70.24 1.36
N GLU B 249 -29.75 70.32 2.41
CA GLU B 249 -30.18 71.61 2.95
C GLU B 249 -29.03 72.51 3.37
N GLU B 250 -27.99 71.93 3.97
CA GLU B 250 -26.84 72.70 4.40
C GLU B 250 -26.06 73.20 3.17
N ILE B 251 -26.05 72.39 2.13
CA ILE B 251 -25.34 72.79 0.93
C ILE B 251 -26.11 73.92 0.22
N ALA B 252 -27.43 73.80 0.16
CA ALA B 252 -28.25 74.80 -0.48
C ALA B 252 -28.07 76.15 0.23
N GLY B 253 -27.94 76.10 1.56
CA GLY B 253 -27.76 77.31 2.33
C GLY B 253 -26.45 77.99 1.99
N VAL B 254 -25.37 77.21 1.98
CA VAL B 254 -24.05 77.77 1.65
C VAL B 254 -24.02 78.28 0.21
N ILE B 255 -24.73 77.58 -0.68
CA ILE B 255 -24.78 77.99 -2.07
C ILE B 255 -25.58 79.29 -2.23
N ASN B 256 -26.73 79.35 -1.57
CA ASN B 256 -27.55 80.55 -1.66
C ASN B 256 -26.83 81.79 -1.16
N ASN B 257 -26.05 81.65 -0.09
CA ASN B 257 -25.32 82.77 0.47
C ASN B 257 -24.23 83.23 -0.46
N ALA B 258 -23.55 82.27 -1.10
CA ALA B 258 -22.48 82.64 -2.01
C ALA B 258 -23.10 83.31 -3.23
N LEU B 259 -24.29 82.85 -3.60
CA LEU B 259 -24.98 83.40 -4.75
C LEU B 259 -25.42 84.85 -4.47
N GLU B 260 -26.00 85.07 -3.29
CA GLU B 260 -26.46 86.41 -2.89
C GLU B 260 -25.29 87.39 -2.92
N LYS B 261 -24.14 86.93 -2.44
CA LYS B 261 -22.95 87.75 -2.38
C LYS B 261 -22.27 88.02 -3.73
N HIS B 262 -22.15 86.99 -4.57
CA HIS B 262 -21.46 87.17 -5.84
C HIS B 262 -22.28 87.27 -7.13
N PHE B 263 -23.51 86.80 -7.11
CA PHE B 263 -24.38 86.86 -8.28
C PHE B 263 -25.78 87.31 -7.93
N PRO B 264 -25.93 88.55 -7.44
CA PRO B 264 -27.27 89.05 -7.08
C PRO B 264 -28.26 88.88 -8.23
N PRO B 265 -29.57 88.71 -7.94
CA PRO B 265 -30.55 88.53 -9.01
C PRO B 265 -30.53 89.63 -10.06
N ASP B 266 -30.71 89.22 -11.32
CA ASP B 266 -30.65 90.10 -12.47
C ASP B 266 -31.35 89.39 -13.62
N LEU B 267 -32.23 90.10 -14.31
CA LEU B 267 -32.99 89.53 -15.43
C LEU B 267 -32.12 88.96 -16.57
N LYS B 268 -30.85 89.31 -16.61
CA LYS B 268 -30.02 88.78 -17.69
C LYS B 268 -29.22 87.56 -17.22
N LEU B 269 -29.31 87.24 -15.93
CA LEU B 269 -28.56 86.13 -15.37
C LEU B 269 -29.47 84.93 -15.06
N THR B 270 -29.03 83.74 -15.44
CA THR B 270 -29.77 82.50 -15.16
C THR B 270 -28.81 81.54 -14.47
N ILE B 271 -29.21 81.02 -13.32
CA ILE B 271 -28.35 80.09 -12.59
C ILE B 271 -28.91 78.68 -12.87
N VAL B 272 -28.03 77.75 -13.21
CA VAL B 272 -28.44 76.37 -13.49
C VAL B 272 -27.48 75.42 -12.77
N ALA B 273 -27.85 74.14 -12.72
CA ALA B 273 -27.03 73.11 -12.11
C ALA B 273 -27.23 71.80 -12.89
N GLU B 274 -26.37 70.84 -12.64
CA GLU B 274 -26.41 69.56 -13.33
C GLU B 274 -26.48 68.40 -12.32
N PRO B 275 -27.49 68.40 -11.44
CA PRO B 275 -27.58 67.30 -10.45
C PRO B 275 -27.86 65.96 -11.14
N GLY B 276 -27.17 64.91 -10.71
CA GLY B 276 -27.43 63.60 -11.27
C GLY B 276 -27.93 62.72 -10.13
N ARG B 277 -27.05 62.32 -9.22
CA ARG B 277 -27.48 61.42 -8.14
C ARG B 277 -28.59 61.98 -7.24
N TYR B 278 -28.58 63.28 -7.02
CA TYR B 278 -29.57 63.95 -6.16
C TYR B 278 -30.99 63.51 -6.50
N TYR B 279 -31.30 63.42 -7.78
CA TYR B 279 -32.65 63.07 -8.17
C TYR B 279 -33.07 61.60 -8.15
N VAL B 280 -32.12 60.69 -8.29
CA VAL B 280 -32.47 59.28 -8.40
C VAL B 280 -31.84 58.28 -7.45
N ALA B 281 -30.81 58.68 -6.71
CA ALA B 281 -30.11 57.74 -5.83
C ALA B 281 -31.04 56.87 -4.98
N SER B 282 -31.94 57.51 -4.25
CA SER B 282 -32.86 56.82 -3.37
C SER B 282 -34.14 56.30 -4.02
N ALA B 283 -34.37 56.61 -5.29
CA ALA B 283 -35.61 56.13 -5.92
C ALA B 283 -35.62 54.65 -6.34
N PHE B 284 -34.46 54.04 -6.48
CA PHE B 284 -34.33 52.63 -6.90
C PHE B 284 -33.94 51.67 -5.75
N THR B 285 -34.71 50.60 -5.56
CA THR B 285 -34.36 49.60 -4.54
C THR B 285 -34.09 48.31 -5.32
N LEU B 286 -32.97 47.64 -5.05
CA LEU B 286 -32.67 46.43 -5.81
C LEU B 286 -32.95 45.17 -5.00
N ALA B 287 -33.59 44.20 -5.63
CA ALA B 287 -33.90 42.92 -4.99
C ALA B 287 -33.10 41.82 -5.72
N VAL B 288 -32.18 41.15 -5.02
CA VAL B 288 -31.41 40.05 -5.60
C VAL B 288 -31.78 38.76 -4.86
N ASN B 289 -31.60 37.63 -5.54
CA ASN B 289 -31.94 36.33 -4.97
C ASN B 289 -30.69 35.60 -4.52
N VAL B 290 -30.77 34.95 -3.36
CA VAL B 290 -29.64 34.20 -2.85
C VAL B 290 -29.69 32.92 -3.67
N ILE B 291 -28.72 32.77 -4.58
CA ILE B 291 -28.71 31.58 -5.45
C ILE B 291 -27.85 30.43 -4.95
N ALA B 292 -26.92 30.70 -4.03
CA ALA B 292 -26.06 29.66 -3.46
C ALA B 292 -25.60 30.08 -2.10
N LYS B 293 -25.19 29.11 -1.30
CA LYS B 293 -24.77 29.35 0.07
C LYS B 293 -23.74 28.37 0.59
N LYS B 294 -22.78 28.88 1.34
CA LYS B 294 -21.73 28.08 1.96
C LYS B 294 -21.70 28.42 3.44
N VAL B 295 -21.44 27.42 4.27
CA VAL B 295 -21.36 27.59 5.71
C VAL B 295 -19.93 27.25 6.09
N THR B 296 -19.33 28.04 6.98
CA THR B 296 -17.96 27.78 7.39
C THR B 296 -17.86 27.80 8.91
N GLN B 312 -18.44 31.04 13.26
CA GLN B 312 -19.64 30.59 12.56
C GLN B 312 -20.08 31.66 11.56
N SER B 313 -19.72 31.48 10.28
CA SER B 313 -20.08 32.44 9.25
C SER B 313 -20.65 31.82 7.98
N PHE B 314 -21.27 32.66 7.16
CA PHE B 314 -21.84 32.18 5.92
C PHE B 314 -21.36 33.00 4.72
N MET B 315 -21.52 32.42 3.54
CA MET B 315 -21.16 33.09 2.30
C MET B 315 -22.39 32.99 1.42
N TYR B 316 -22.94 34.13 1.03
CA TYR B 316 -24.08 34.05 0.14
C TYR B 316 -23.69 34.52 -1.25
N TYR B 317 -24.20 33.85 -2.27
CA TYR B 317 -23.96 34.26 -3.66
C TYR B 317 -25.33 34.73 -4.13
N VAL B 318 -25.37 35.89 -4.79
CA VAL B 318 -26.63 36.45 -5.27
C VAL B 318 -26.51 36.65 -6.76
N ASN B 319 -27.63 36.90 -7.45
CA ASN B 319 -27.54 36.99 -8.91
C ASN B 319 -27.35 38.38 -9.55
N ASP B 320 -26.58 39.25 -8.92
CA ASP B 320 -26.20 40.55 -9.44
C ASP B 320 -24.87 40.82 -8.76
N GLY B 321 -23.97 41.54 -9.40
CA GLY B 321 -22.68 41.79 -8.78
C GLY B 321 -21.87 42.96 -9.33
N VAL B 322 -20.57 42.99 -9.06
CA VAL B 322 -19.72 44.11 -9.48
C VAL B 322 -19.67 44.39 -10.98
N TYR B 323 -20.05 43.39 -11.80
CA TYR B 323 -20.05 43.59 -13.26
C TYR B 323 -21.43 44.03 -13.67
N GLY B 324 -22.37 43.97 -12.74
CA GLY B 324 -23.73 44.36 -13.04
C GLY B 324 -24.05 45.62 -12.24
N SER B 325 -25.18 45.63 -11.55
CA SER B 325 -25.57 46.81 -10.76
C SER B 325 -24.57 47.33 -9.75
N PHE B 326 -23.72 46.46 -9.21
CA PHE B 326 -22.77 46.89 -8.23
C PHE B 326 -21.45 47.38 -8.77
N ASN B 327 -21.41 47.68 -10.06
CA ASN B 327 -20.19 48.23 -10.64
C ASN B 327 -19.93 49.56 -9.88
N CYS B 328 -21.00 50.12 -9.31
CA CYS B 328 -20.92 51.37 -8.54
C CYS B 328 -19.93 51.27 -7.41
N ILE B 329 -19.71 50.04 -6.93
CA ILE B 329 -18.75 49.82 -5.85
C ILE B 329 -17.32 50.08 -6.34
N LEU B 330 -17.01 49.64 -7.57
CA LEU B 330 -15.66 49.86 -8.12
C LEU B 330 -15.50 51.25 -8.77
N TYR B 331 -16.53 51.69 -9.50
CA TYR B 331 -16.44 52.99 -10.22
C TYR B 331 -16.96 54.23 -9.46
N ASP B 332 -17.94 54.04 -8.57
CA ASP B 332 -18.50 55.18 -7.85
C ASP B 332 -18.20 55.18 -6.36
N HIS B 333 -17.31 54.29 -5.92
CA HIS B 333 -16.92 54.20 -4.52
C HIS B 333 -18.09 53.92 -3.59
N ALA B 334 -19.15 53.32 -4.11
CA ALA B 334 -20.34 53.05 -3.30
C ALA B 334 -20.11 52.00 -2.22
N VAL B 335 -20.89 52.10 -1.14
CA VAL B 335 -20.84 51.13 -0.05
C VAL B 335 -22.29 50.69 0.06
N VAL B 336 -22.52 49.39 0.03
CA VAL B 336 -23.88 48.91 0.10
C VAL B 336 -24.13 48.16 1.40
N ARG B 337 -25.41 47.98 1.72
CA ARG B 337 -25.84 47.30 2.94
C ARG B 337 -26.97 46.35 2.58
N PRO B 338 -26.74 45.04 2.78
CA PRO B 338 -27.77 44.06 2.44
C PRO B 338 -28.91 44.04 3.48
N LEU B 339 -30.16 44.00 3.03
CA LEU B 339 -31.31 43.96 3.93
C LEU B 339 -32.17 42.73 3.61
N PRO B 340 -32.36 41.82 4.58
CA PRO B 340 -33.19 40.65 4.29
C PRO B 340 -34.62 41.11 3.93
N GLN B 341 -35.22 40.49 2.91
CA GLN B 341 -36.58 40.87 2.52
C GLN B 341 -37.57 40.23 3.49
N ARG B 342 -37.14 39.12 4.08
CA ARG B 342 -37.91 38.34 5.06
C ARG B 342 -38.24 39.20 6.27
N GLU B 343 -39.48 39.13 6.75
CA GLU B 343 -39.84 39.89 7.94
C GLU B 343 -39.04 39.29 9.10
N PRO B 344 -38.39 40.14 9.90
CA PRO B 344 -37.60 39.65 11.03
C PRO B 344 -38.38 38.81 12.03
N ILE B 345 -37.68 37.89 12.67
CA ILE B 345 -38.26 37.03 13.69
C ILE B 345 -37.58 37.45 14.99
N PRO B 346 -38.38 37.84 16.00
CA PRO B 346 -37.93 38.29 17.32
C PRO B 346 -36.44 38.19 17.71
N ASN B 347 -35.97 37.02 18.13
CA ASN B 347 -34.57 36.91 18.55
C ASN B 347 -33.68 36.08 17.62
N GLU B 348 -33.81 36.31 16.32
CA GLU B 348 -33.00 35.57 15.34
C GLU B 348 -31.53 35.74 15.68
N LYS B 349 -30.74 34.72 15.38
CA LYS B 349 -29.31 34.80 15.62
C LYS B 349 -28.76 35.49 14.36
N LEU B 350 -27.71 36.29 14.54
CA LEU B 350 -27.09 36.98 13.41
C LEU B 350 -25.66 36.48 13.26
N TYR B 351 -25.19 36.36 12.02
CA TYR B 351 -23.82 35.87 11.81
C TYR B 351 -23.00 36.70 10.86
N PRO B 352 -21.67 36.72 11.05
CA PRO B 352 -20.81 37.48 10.14
C PRO B 352 -20.92 36.79 8.77
N SER B 353 -21.30 37.57 7.75
CA SER B 353 -21.51 37.03 6.41
C SER B 353 -20.86 37.81 5.29
N SER B 354 -20.67 37.15 4.15
CA SER B 354 -20.12 37.79 2.96
C SER B 354 -21.15 37.60 1.88
N VAL B 355 -21.28 38.56 0.97
CA VAL B 355 -22.23 38.42 -0.12
C VAL B 355 -21.42 38.56 -1.41
N TRP B 356 -21.62 37.61 -2.33
CA TRP B 356 -20.87 37.60 -3.58
C TRP B 356 -21.74 37.69 -4.78
N GLY B 357 -21.17 38.24 -5.88
CA GLY B 357 -21.89 38.33 -7.13
C GLY B 357 -21.82 36.97 -7.81
N PRO B 358 -22.51 36.79 -8.98
CA PRO B 358 -22.63 35.49 -9.82
C PRO B 358 -21.47 34.98 -10.53
N THR B 359 -20.59 35.95 -10.73
CA THR B 359 -19.50 35.83 -11.67
C THR B 359 -18.31 34.95 -11.19
N CYS B 360 -17.56 34.40 -12.14
CA CYS B 360 -16.38 33.57 -11.87
C CYS B 360 -15.28 34.35 -11.14
N ASP B 361 -15.32 35.68 -11.29
CA ASP B 361 -14.30 36.55 -10.71
C ASP B 361 -14.30 36.56 -9.18
N GLY B 362 -13.14 36.24 -8.61
CA GLY B 362 -12.99 36.21 -7.17
C GLY B 362 -13.11 37.60 -6.56
N LEU B 363 -13.00 38.61 -7.41
CA LEU B 363 -13.11 39.98 -6.93
C LEU B 363 -14.56 40.45 -6.99
N ASP B 364 -15.42 39.63 -7.58
CA ASP B 364 -16.83 39.96 -7.67
C ASP B 364 -17.47 39.65 -6.32
N GLN B 365 -17.22 40.54 -5.36
CA GLN B 365 -17.73 40.44 -3.99
C GLN B 365 -18.45 41.77 -3.68
N ILE B 366 -19.63 41.66 -3.09
CA ILE B 366 -20.47 42.80 -2.74
C ILE B 366 -20.32 43.28 -1.30
N VAL B 367 -20.30 42.35 -0.36
CA VAL B 367 -20.19 42.64 1.06
C VAL B 367 -19.15 41.70 1.65
N GLU B 368 -18.22 42.26 2.43
CA GLU B 368 -17.14 41.48 3.01
C GLU B 368 -17.49 40.78 4.33
N ARG B 369 -18.13 41.49 5.24
CA ARG B 369 -18.47 40.92 6.54
C ARG B 369 -19.58 41.74 7.18
N TYR B 370 -20.82 41.33 6.95
CA TYR B 370 -21.95 42.04 7.48
C TYR B 370 -22.84 41.07 8.25
N TYR B 371 -23.45 41.53 9.32
CA TYR B 371 -24.30 40.68 10.16
C TYR B 371 -25.69 40.47 9.62
N LEU B 372 -25.99 39.23 9.27
CA LEU B 372 -27.28 38.84 8.73
C LEU B 372 -27.78 37.57 9.41
N PRO B 373 -29.09 37.35 9.44
CA PRO B 373 -29.65 36.14 10.04
C PRO B 373 -29.37 35.04 9.01
N GLU B 374 -29.49 33.76 9.37
CA GLU B 374 -29.20 32.71 8.41
C GLU B 374 -30.20 32.77 7.24
N MET B 375 -29.66 32.90 6.03
CA MET B 375 -30.49 32.98 4.83
C MET B 375 -30.55 31.63 4.15
N GLN B 376 -31.60 31.39 3.39
CA GLN B 376 -31.79 30.17 2.65
C GLN B 376 -31.71 30.46 1.16
N VAL B 377 -31.22 29.50 0.37
CA VAL B 377 -31.15 29.69 -1.07
C VAL B 377 -32.58 29.96 -1.46
N GLY B 378 -32.80 30.90 -2.39
CA GLY B 378 -34.16 31.19 -2.80
C GLY B 378 -34.79 32.38 -2.09
N GLU B 379 -34.19 32.82 -0.98
CA GLU B 379 -34.70 33.99 -0.26
C GLU B 379 -34.09 35.24 -0.92
N TRP B 380 -34.61 36.42 -0.57
CA TRP B 380 -34.14 37.66 -1.18
C TRP B 380 -33.41 38.64 -0.26
N LEU B 381 -32.45 39.36 -0.84
CA LEU B 381 -31.71 40.38 -0.11
C LEU B 381 -32.02 41.69 -0.83
N LEU B 382 -32.27 42.75 -0.07
CA LEU B 382 -32.61 44.05 -0.67
C LEU B 382 -31.47 45.05 -0.49
N PHE B 383 -31.34 45.99 -1.43
CA PHE B 383 -30.28 46.99 -1.36
C PHE B 383 -30.97 48.29 -1.75
N GLU B 384 -31.05 49.22 -0.81
CA GLU B 384 -31.72 50.51 -1.05
C GLU B 384 -30.73 51.53 -1.60
N ASP B 385 -31.24 52.66 -2.08
CA ASP B 385 -30.38 53.71 -2.62
C ASP B 385 -29.47 53.21 -3.72
N MET B 386 -30.04 52.48 -4.67
CA MET B 386 -29.29 51.93 -5.79
C MET B 386 -29.69 52.56 -7.12
N GLY B 387 -30.13 53.82 -7.11
CA GLY B 387 -30.53 54.45 -8.36
C GLY B 387 -29.45 55.20 -9.13
N ALA B 388 -28.35 55.57 -8.49
CA ALA B 388 -27.34 56.34 -9.21
C ALA B 388 -26.06 55.59 -9.59
N TYR B 389 -25.65 55.73 -10.85
CA TYR B 389 -24.45 55.11 -11.37
C TYR B 389 -24.46 53.59 -11.12
N THR B 390 -25.62 52.98 -11.33
CA THR B 390 -25.80 51.56 -11.15
C THR B 390 -26.19 50.96 -12.48
N VAL B 391 -27.44 51.09 -12.90
CA VAL B 391 -27.83 50.49 -14.18
C VAL B 391 -27.04 50.98 -15.40
N VAL B 392 -26.48 52.19 -15.35
CA VAL B 392 -25.73 52.71 -16.50
C VAL B 392 -24.32 52.12 -16.67
N GLY B 393 -23.78 51.48 -15.64
CA GLY B 393 -22.44 50.92 -15.76
C GLY B 393 -22.40 49.40 -15.83
N THR B 394 -23.53 48.78 -16.16
CA THR B 394 -23.64 47.33 -16.21
C THR B 394 -23.12 46.71 -17.50
N SER B 395 -22.52 45.53 -17.34
CA SER B 395 -21.99 44.77 -18.47
C SER B 395 -22.58 43.36 -18.37
N SER B 396 -22.53 42.61 -19.47
CA SER B 396 -23.10 41.28 -19.46
C SER B 396 -22.04 40.20 -19.31
N PHE B 397 -20.98 40.51 -18.57
CA PHE B 397 -19.90 39.57 -18.34
C PHE B 397 -20.49 38.23 -17.79
N ASN B 398 -19.93 37.11 -18.22
CA ASN B 398 -20.36 35.75 -17.87
C ASN B 398 -21.73 35.45 -18.45
N GLY B 399 -22.24 36.40 -19.23
CA GLY B 399 -23.55 36.21 -19.83
C GLY B 399 -24.74 36.52 -18.93
N PHE B 400 -24.51 37.06 -17.75
CA PHE B 400 -25.61 37.40 -16.87
C PHE B 400 -26.31 38.68 -17.36
N GLN B 401 -27.64 38.71 -17.26
CA GLN B 401 -28.42 39.87 -17.69
C GLN B 401 -28.74 40.81 -16.53
N SER B 402 -28.72 42.11 -16.80
CA SER B 402 -29.01 43.11 -15.77
C SER B 402 -30.46 42.97 -15.33
N PRO B 403 -30.75 43.33 -14.07
CA PRO B 403 -32.10 43.24 -13.50
C PRO B 403 -33.16 44.08 -14.24
N THR B 404 -34.36 43.54 -14.39
CA THR B 404 -35.46 44.22 -15.05
C THR B 404 -35.96 45.30 -14.10
N ILE B 405 -36.41 46.43 -14.63
CA ILE B 405 -36.88 47.52 -13.76
C ILE B 405 -38.40 47.62 -13.70
N TYR B 406 -38.93 47.65 -12.48
CA TYR B 406 -40.39 47.79 -12.33
C TYR B 406 -40.67 49.16 -11.72
N TYR B 407 -41.86 49.70 -11.95
CA TYR B 407 -42.17 51.03 -11.46
C TYR B 407 -43.42 51.22 -10.62
N VAL B 408 -43.31 52.08 -9.60
CA VAL B 408 -44.47 52.49 -8.79
C VAL B 408 -44.44 54.01 -8.95
N VAL B 409 -45.60 54.63 -9.05
CA VAL B 409 -45.62 56.07 -9.27
C VAL B 409 -46.71 56.80 -8.52
N SER B 410 -46.46 58.08 -8.27
CA SER B 410 -47.39 58.97 -7.57
C SER B 410 -46.92 60.41 -7.75
N GLY B 411 -47.79 61.36 -7.44
CA GLY B 411 -47.44 62.76 -7.56
C GLY B 411 -47.44 63.26 -8.99
N LEU B 412 -48.04 62.49 -9.88
CA LEU B 412 -48.10 62.89 -11.29
C LEU B 412 -49.50 62.73 -11.87
N PRO B 413 -49.88 63.63 -12.81
CA PRO B 413 -51.19 63.63 -13.47
C PRO B 413 -51.44 62.33 -14.24
N ASP B 414 -52.72 61.97 -14.41
CA ASP B 414 -53.08 60.77 -15.15
C ASP B 414 -52.51 60.75 -16.56
N HIS B 415 -52.60 61.87 -17.28
CA HIS B 415 -52.09 61.91 -18.65
C HIS B 415 -50.59 61.67 -18.72
N VAL B 416 -49.84 62.12 -17.71
CA VAL B 416 -48.40 61.91 -17.72
C VAL B 416 -48.07 60.44 -17.44
N VAL B 417 -48.80 59.82 -16.51
CA VAL B 417 -48.55 58.42 -16.21
C VAL B 417 -48.82 57.62 -17.49
N ARG B 418 -49.91 57.91 -18.17
CA ARG B 418 -50.22 57.19 -19.40
C ARG B 418 -49.09 57.30 -20.41
N GLU B 419 -48.32 58.39 -20.37
CA GLU B 419 -47.20 58.52 -21.31
C GLU B 419 -46.06 57.65 -20.80
N LEU B 420 -45.87 57.61 -19.49
CA LEU B 420 -44.79 56.80 -18.93
C LEU B 420 -45.01 55.31 -19.17
N LYS B 421 -46.27 54.89 -19.22
CA LYS B 421 -46.59 53.49 -19.43
C LYS B 421 -46.53 53.02 -20.89
N SER B 422 -46.52 53.96 -21.83
CA SER B 422 -46.47 53.58 -23.24
C SER B 422 -45.11 53.03 -23.63
N ARG C 14 20.05 -53.22 -7.18
CA ARG C 14 20.25 -54.51 -7.91
C ARG C 14 21.70 -54.75 -8.29
N PHE C 15 21.91 -55.54 -9.34
CA PHE C 15 23.26 -55.85 -9.77
C PHE C 15 23.91 -54.70 -10.50
N LEU C 16 25.13 -54.38 -10.10
CA LEU C 16 25.88 -53.30 -10.70
C LEU C 16 26.96 -53.78 -11.65
N GLU C 17 27.16 -53.02 -12.73
CA GLU C 17 28.19 -53.33 -13.68
C GLU C 17 29.51 -53.08 -12.98
N GLY C 18 30.45 -54.01 -13.08
CA GLY C 18 31.72 -53.84 -12.43
C GLY C 18 32.47 -55.15 -12.21
N PHE C 19 33.79 -55.08 -12.31
CA PHE C 19 34.67 -56.22 -12.13
C PHE C 19 35.12 -56.25 -10.68
N ASN C 20 34.96 -55.12 -10.02
CA ASN C 20 35.35 -54.95 -8.63
C ASN C 20 34.28 -54.20 -7.87
N THR C 21 34.42 -54.16 -6.56
CA THR C 21 33.49 -53.42 -5.73
C THR C 21 33.86 -51.97 -6.02
N ARG C 22 35.16 -51.69 -5.98
CA ARG C 22 35.66 -50.34 -6.26
C ARG C 22 35.26 -49.95 -7.69
N ASP C 23 35.51 -50.87 -8.62
CA ASP C 23 35.18 -50.65 -10.02
C ASP C 23 33.68 -50.41 -10.16
N ALA C 24 32.89 -51.18 -9.41
CA ALA C 24 31.44 -51.03 -9.47
C ALA C 24 31.04 -49.70 -8.85
N LEU C 25 31.70 -49.33 -7.75
CA LEU C 25 31.41 -48.07 -7.09
C LEU C 25 31.62 -46.90 -8.05
N CYS C 26 32.85 -46.78 -8.53
CA CYS C 26 33.22 -45.72 -9.46
C CYS C 26 32.24 -45.58 -10.62
N LYS C 27 31.76 -46.72 -11.12
CA LYS C 27 30.80 -46.72 -12.23
C LYS C 27 29.53 -45.99 -11.79
N LYS C 28 28.90 -46.50 -10.74
CA LYS C 28 27.67 -45.93 -10.21
C LYS C 28 27.85 -44.45 -9.89
N ILE C 29 28.94 -44.13 -9.20
CA ILE C 29 29.23 -42.74 -8.83
C ILE C 29 29.60 -41.93 -10.08
N SER C 30 28.59 -41.67 -10.91
CA SER C 30 28.73 -40.90 -12.16
C SER C 30 27.74 -41.40 -13.19
N GLY C 37 22.59 -38.39 -4.23
CA GLY C 37 23.67 -38.45 -3.26
C GLY C 37 23.39 -39.37 -2.09
N ASP C 38 22.34 -40.17 -2.20
CA ASP C 38 21.95 -41.10 -1.13
C ASP C 38 23.00 -42.17 -0.87
N PRO C 39 23.13 -42.62 0.39
CA PRO C 39 24.12 -43.64 0.73
C PRO C 39 23.69 -44.98 0.15
N PHE C 40 24.66 -45.87 -0.09
CA PHE C 40 24.34 -47.17 -0.64
C PHE C 40 25.38 -48.24 -0.32
N PHE C 41 24.95 -49.49 -0.38
CA PHE C 41 25.82 -50.64 -0.12
C PHE C 41 26.16 -51.38 -1.42
N VAL C 42 27.39 -51.87 -1.48
CA VAL C 42 27.86 -52.67 -2.60
C VAL C 42 28.19 -54.01 -1.94
N ALA C 43 27.38 -55.03 -2.16
CA ALA C 43 27.66 -56.34 -1.54
C ALA C 43 28.25 -57.32 -2.58
N ASP C 44 29.47 -57.78 -2.34
CA ASP C 44 30.11 -58.72 -3.28
C ASP C 44 29.76 -60.18 -2.91
N LEU C 45 28.74 -60.74 -3.56
CA LEU C 45 28.31 -62.11 -3.29
C LEU C 45 29.49 -63.09 -3.48
N GLY C 46 30.40 -62.75 -4.39
CA GLY C 46 31.54 -63.59 -4.63
C GLY C 46 32.44 -63.74 -3.42
N ASP C 47 32.44 -62.74 -2.55
CA ASP C 47 33.27 -62.83 -1.36
C ASP C 47 32.69 -63.90 -0.42
N ILE C 48 31.38 -64.07 -0.48
CA ILE C 48 30.72 -65.07 0.36
C ILE C 48 31.11 -66.47 -0.15
N VAL C 49 31.07 -66.67 -1.47
CA VAL C 49 31.44 -67.95 -2.05
C VAL C 49 32.86 -68.31 -1.61
N ARG C 50 33.76 -67.35 -1.64
CA ARG C 50 35.12 -67.62 -1.22
C ARG C 50 35.21 -67.98 0.27
N LYS C 51 34.33 -67.41 1.09
CA LYS C 51 34.38 -67.72 2.52
C LYS C 51 33.97 -69.17 2.76
N HIS C 52 32.94 -69.62 2.05
CA HIS C 52 32.44 -70.99 2.17
C HIS C 52 33.52 -71.99 1.76
N GLU C 53 34.25 -71.68 0.68
CA GLU C 53 35.31 -72.56 0.21
C GLU C 53 36.38 -72.74 1.28
N THR C 54 36.74 -71.64 1.92
CA THR C 54 37.75 -71.69 2.96
C THR C 54 37.23 -72.43 4.20
N TRP C 55 35.92 -72.35 4.43
CA TRP C 55 35.33 -73.03 5.59
C TRP C 55 35.47 -74.55 5.39
N LYS C 56 34.98 -75.02 4.25
CA LYS C 56 35.02 -76.43 3.92
C LYS C 56 36.43 -76.96 3.96
N LYS C 57 37.38 -76.10 3.65
CA LYS C 57 38.78 -76.49 3.64
C LYS C 57 39.40 -76.59 5.04
N CYS C 58 39.02 -75.67 5.91
CA CYS C 58 39.59 -75.64 7.25
C CYS C 58 38.80 -76.41 8.32
N LEU C 59 37.53 -76.65 8.06
CA LEU C 59 36.66 -77.34 9.02
C LEU C 59 35.83 -78.34 8.26
N PRO C 60 36.50 -79.30 7.59
CA PRO C 60 35.78 -80.31 6.82
C PRO C 60 34.73 -81.10 7.60
N ARG C 61 34.90 -81.26 8.90
CA ARG C 61 33.90 -82.02 9.68
C ARG C 61 32.71 -81.18 10.17
N VAL C 62 32.77 -79.85 10.06
CA VAL C 62 31.67 -79.02 10.58
C VAL C 62 30.74 -78.40 9.55
N THR C 63 29.45 -78.74 9.65
CA THR C 63 28.45 -78.21 8.74
C THR C 63 28.00 -76.83 9.26
N PRO C 64 28.17 -75.78 8.45
CA PRO C 64 27.75 -74.45 8.90
C PRO C 64 26.28 -74.13 8.73
N PHE C 65 25.67 -73.59 9.79
CA PHE C 65 24.27 -73.16 9.77
C PHE C 65 24.36 -71.63 9.99
N TYR C 66 24.27 -70.86 8.90
CA TYR C 66 24.39 -69.41 8.93
C TYR C 66 23.48 -68.68 9.92
N ALA C 67 24.05 -67.88 10.79
CA ALA C 67 23.24 -67.13 11.75
C ALA C 67 22.59 -65.97 10.98
N VAL C 68 21.35 -66.21 10.55
CA VAL C 68 20.55 -65.26 9.78
C VAL C 68 20.52 -63.86 10.39
N LYS C 69 20.50 -63.79 11.72
CA LYS C 69 20.45 -62.52 12.43
C LYS C 69 21.57 -61.53 12.10
N CYS C 70 22.72 -62.05 11.67
CA CYS C 70 23.87 -61.24 11.36
C CYS C 70 23.65 -60.31 10.15
N ASN C 71 22.87 -60.79 9.18
CA ASN C 71 22.58 -60.09 7.93
C ASN C 71 21.61 -60.97 7.20
N ASP C 72 20.36 -60.55 7.10
CA ASP C 72 19.35 -61.35 6.45
C ASP C 72 19.01 -60.90 5.05
N ASP C 73 19.95 -60.24 4.39
CA ASP C 73 19.75 -59.76 3.02
C ASP C 73 19.32 -60.94 2.14
N TRP C 74 18.25 -60.77 1.36
CA TRP C 74 17.73 -61.82 0.48
C TRP C 74 18.78 -62.52 -0.39
N ARG C 75 19.68 -61.74 -0.99
CA ARG C 75 20.73 -62.27 -1.85
C ARG C 75 21.79 -63.03 -1.06
N VAL C 76 22.04 -62.59 0.17
CA VAL C 76 23.03 -63.24 1.00
C VAL C 76 22.52 -64.63 1.35
N LEU C 77 21.24 -64.70 1.73
CA LEU C 77 20.59 -65.95 2.10
C LEU C 77 20.48 -66.90 0.89
N GLY C 78 20.01 -66.40 -0.24
CA GLY C 78 19.88 -67.25 -1.43
C GLY C 78 21.21 -67.81 -1.91
N THR C 79 22.27 -67.05 -1.71
CA THR C 79 23.62 -67.42 -2.10
C THR C 79 24.13 -68.52 -1.16
N LEU C 80 23.98 -68.30 0.15
CA LEU C 80 24.41 -69.29 1.13
C LEU C 80 23.59 -70.56 0.94
N ALA C 81 22.31 -70.40 0.58
CA ALA C 81 21.46 -71.56 0.37
C ALA C 81 21.94 -72.39 -0.83
N ALA C 82 22.41 -71.72 -1.88
CA ALA C 82 22.89 -72.42 -3.08
C ALA C 82 24.21 -73.12 -2.79
N LEU C 83 24.99 -72.56 -1.89
CA LEU C 83 26.27 -73.15 -1.52
C LEU C 83 26.01 -74.34 -0.61
N GLY C 84 24.74 -74.59 -0.30
CA GLY C 84 24.38 -75.72 0.55
C GLY C 84 24.64 -75.56 2.04
N THR C 85 24.48 -74.35 2.56
CA THR C 85 24.73 -74.12 3.97
C THR C 85 23.43 -74.37 4.71
N GLY C 86 23.49 -74.49 6.03
CA GLY C 86 22.28 -74.63 6.80
C GLY C 86 21.99 -73.20 7.28
N PHE C 87 20.95 -73.04 8.10
CA PHE C 87 20.60 -71.74 8.67
C PHE C 87 20.18 -71.79 10.14
N ASP C 88 20.75 -70.90 10.95
CA ASP C 88 20.39 -70.77 12.36
C ASP C 88 19.43 -69.57 12.47
N CYS C 89 18.18 -69.87 12.82
CA CYS C 89 17.12 -68.87 12.96
C CYS C 89 16.79 -68.53 14.40
N ALA C 90 16.39 -67.28 14.63
CA ALA C 90 16.12 -66.85 15.99
C ALA C 90 14.69 -66.50 16.28
N SER C 91 13.86 -66.45 15.25
CA SER C 91 12.47 -66.07 15.43
C SER C 91 11.61 -66.65 14.33
N ASN C 92 10.30 -66.57 14.53
CA ASN C 92 9.35 -67.05 13.55
C ASN C 92 9.54 -66.27 12.26
N THR C 93 9.99 -65.03 12.39
CA THR C 93 10.22 -64.18 11.24
C THR C 93 11.37 -64.69 10.38
N GLU C 94 12.48 -65.06 11.01
CA GLU C 94 13.61 -65.56 10.24
C GLU C 94 13.31 -66.95 9.67
N ILE C 95 12.57 -67.77 10.41
CA ILE C 95 12.23 -69.08 9.89
C ILE C 95 11.40 -68.91 8.62
N GLN C 96 10.40 -68.02 8.69
CA GLN C 96 9.54 -67.77 7.55
C GLN C 96 10.37 -67.34 6.36
N ARG C 97 11.37 -66.52 6.61
CA ARG C 97 12.23 -66.01 5.56
C ARG C 97 13.06 -67.14 4.92
N VAL C 98 13.71 -67.95 5.75
CA VAL C 98 14.51 -69.05 5.25
C VAL C 98 13.66 -70.07 4.51
N ARG C 99 12.46 -70.34 5.02
CA ARG C 99 11.56 -71.28 4.37
C ARG C 99 11.05 -70.70 3.06
N GLY C 100 10.86 -69.39 3.05
CA GLY C 100 10.38 -68.71 1.89
C GLY C 100 11.26 -68.84 0.66
N ILE C 101 12.57 -68.88 0.84
CA ILE C 101 13.43 -69.01 -0.32
C ILE C 101 13.66 -70.47 -0.71
N GLY C 102 12.82 -71.36 -0.16
CA GLY C 102 12.92 -72.77 -0.49
C GLY C 102 13.82 -73.70 0.34
N VAL C 103 14.41 -73.19 1.41
CA VAL C 103 15.26 -74.05 2.23
C VAL C 103 14.38 -74.96 3.07
N PRO C 104 14.64 -76.28 3.00
CA PRO C 104 13.86 -77.27 3.77
C PRO C 104 14.07 -77.16 5.27
N PRO C 105 13.03 -77.46 6.05
CA PRO C 105 13.11 -77.39 7.52
C PRO C 105 14.26 -78.14 8.19
N GLU C 106 14.76 -79.19 7.56
CA GLU C 106 15.86 -79.96 8.14
C GLU C 106 17.16 -79.16 8.13
N LYS C 107 17.23 -78.15 7.27
CA LYS C 107 18.43 -77.33 7.20
C LYS C 107 18.33 -76.08 8.10
N ILE C 108 17.35 -76.09 9.01
CA ILE C 108 17.14 -74.97 9.93
C ILE C 108 17.25 -75.41 11.40
N ILE C 109 18.04 -74.67 12.18
CA ILE C 109 18.20 -74.92 13.61
C ILE C 109 17.63 -73.65 14.29
N TYR C 110 16.68 -73.83 15.20
CA TYR C 110 16.04 -72.71 15.93
C TYR C 110 16.91 -72.52 17.16
N ALA C 111 18.01 -71.81 16.99
CA ALA C 111 18.96 -71.67 18.08
C ALA C 111 18.77 -70.54 19.08
N ASN C 112 17.54 -70.28 19.48
CA ASN C 112 17.28 -69.24 20.46
C ASN C 112 16.87 -70.00 21.74
N PRO C 113 17.69 -69.96 22.81
CA PRO C 113 17.43 -70.64 24.08
C PRO C 113 16.15 -70.28 24.82
N CYS C 114 15.62 -69.09 24.58
CA CYS C 114 14.43 -68.65 25.31
C CYS C 114 13.40 -68.11 24.35
N LYS C 115 12.54 -69.00 23.92
CA LYS C 115 11.53 -68.72 22.92
C LYS C 115 10.10 -68.40 23.34
N GLN C 116 9.52 -67.40 22.67
CA GLN C 116 8.13 -67.09 22.95
C GLN C 116 7.32 -68.31 22.46
N ILE C 117 6.33 -68.72 23.25
CA ILE C 117 5.50 -69.87 22.93
C ILE C 117 4.87 -69.89 21.52
N SER C 118 4.24 -68.81 21.09
CA SER C 118 3.66 -68.81 19.75
C SER C 118 4.76 -69.02 18.68
N HIS C 119 6.00 -68.65 18.99
CA HIS C 119 7.11 -68.84 18.03
C HIS C 119 7.51 -70.32 17.98
N ILE C 120 7.45 -70.99 19.11
CA ILE C 120 7.74 -72.41 19.12
C ILE C 120 6.64 -73.09 18.30
N ARG C 121 5.40 -72.67 18.54
CA ARG C 121 4.28 -73.24 17.81
C ARG C 121 4.47 -73.07 16.31
N TYR C 122 5.00 -71.92 15.92
CA TYR C 122 5.24 -71.64 14.50
C TYR C 122 6.32 -72.59 13.95
N ALA C 123 7.43 -72.71 14.67
CA ALA C 123 8.50 -73.59 14.25
C ALA C 123 7.94 -75.00 14.08
N ARG C 124 7.17 -75.46 15.05
CA ARG C 124 6.55 -76.78 14.95
C ARG C 124 5.78 -76.91 13.64
N ASP C 125 4.82 -76.01 13.42
CA ASP C 125 4.01 -76.04 12.21
C ASP C 125 4.81 -75.82 10.91
N SER C 126 6.05 -75.38 11.01
CA SER C 126 6.85 -75.18 9.80
C SER C 126 7.77 -76.38 9.59
N GLY C 127 7.67 -77.38 10.47
CA GLY C 127 8.50 -78.57 10.34
C GLY C 127 9.89 -78.41 10.94
N VAL C 128 10.13 -77.33 11.67
CA VAL C 128 11.43 -77.11 12.29
C VAL C 128 11.44 -77.81 13.65
N ASP C 129 12.31 -78.81 13.80
CA ASP C 129 12.37 -79.56 15.03
C ASP C 129 13.55 -79.35 15.97
N VAL C 130 14.70 -78.97 15.44
CA VAL C 130 15.87 -78.77 16.27
C VAL C 130 15.89 -77.40 16.95
N MET C 131 15.86 -77.38 18.29
CA MET C 131 15.88 -76.13 19.08
C MET C 131 16.87 -76.23 20.23
N THR C 132 17.37 -75.09 20.72
CA THR C 132 18.30 -75.09 21.85
C THR C 132 17.54 -74.75 23.14
N PHE C 133 18.15 -74.98 24.30
CA PHE C 133 17.54 -74.65 25.56
C PHE C 133 18.68 -74.58 26.52
N ASP C 134 18.50 -73.92 27.65
CA ASP C 134 19.59 -73.86 28.60
C ASP C 134 19.11 -73.91 30.05
N CYS C 135 17.84 -74.22 30.25
CA CYS C 135 17.26 -74.31 31.60
C CYS C 135 16.00 -75.19 31.55
N VAL C 136 15.58 -75.69 32.71
CA VAL C 136 14.39 -76.55 32.80
C VAL C 136 13.09 -75.87 32.36
N ASP C 137 12.94 -74.61 32.73
CA ASP C 137 11.72 -73.90 32.36
C ASP C 137 11.43 -73.90 30.85
N GLU C 138 12.46 -73.78 30.03
CA GLU C 138 12.24 -73.79 28.59
C GLU C 138 11.70 -75.20 28.20
N LEU C 139 12.15 -76.25 28.89
CA LEU C 139 11.66 -77.60 28.55
C LEU C 139 10.20 -77.79 28.92
N GLU C 140 9.75 -77.15 30.00
CA GLU C 140 8.34 -77.27 30.41
C GLU C 140 7.48 -76.69 29.29
N LYS C 141 7.98 -75.63 28.64
CA LYS C 141 7.25 -75.00 27.53
C LYS C 141 7.21 -75.93 26.32
N VAL C 142 8.39 -76.44 25.95
CA VAL C 142 8.51 -77.33 24.80
C VAL C 142 7.60 -78.57 24.94
N ALA C 143 7.62 -79.16 26.13
CA ALA C 143 6.81 -80.35 26.40
C ALA C 143 5.34 -80.10 26.13
N LYS C 144 4.91 -78.86 26.34
CA LYS C 144 3.53 -78.48 26.14
C LYS C 144 3.22 -78.00 24.72
N THR C 145 4.25 -77.67 23.96
CA THR C 145 4.05 -77.11 22.63
C THR C 145 4.65 -77.84 21.44
N HIS C 146 5.78 -78.49 21.64
CA HIS C 146 6.48 -79.19 20.55
C HIS C 146 7.16 -80.38 21.22
N PRO C 147 6.36 -81.28 21.84
CA PRO C 147 6.84 -82.48 22.55
C PRO C 147 7.88 -83.36 21.89
N LYS C 148 7.91 -83.40 20.55
CA LYS C 148 8.88 -84.25 19.86
C LYS C 148 10.08 -83.50 19.25
N ALA C 149 10.25 -82.23 19.61
CA ALA C 149 11.37 -81.46 19.10
C ALA C 149 12.67 -82.08 19.55
N LYS C 150 13.72 -81.93 18.75
CA LYS C 150 15.04 -82.44 19.08
C LYS C 150 15.76 -81.29 19.77
N MET C 151 15.97 -81.44 21.07
CA MET C 151 16.57 -80.39 21.87
C MET C 151 18.04 -80.45 22.10
N VAL C 152 18.67 -79.30 21.91
CA VAL C 152 20.10 -79.21 22.10
C VAL C 152 20.40 -78.34 23.32
N LEU C 153 21.17 -78.88 24.27
CA LEU C 153 21.49 -78.19 25.51
C LEU C 153 22.69 -77.27 25.35
N ARG C 154 22.46 -75.98 25.60
CA ARG C 154 23.50 -74.98 25.48
C ARG C 154 24.17 -74.74 26.79
N ILE C 155 25.47 -74.92 26.84
CA ILE C 155 26.20 -74.72 28.05
C ILE C 155 26.98 -73.40 28.04
N SER C 156 27.22 -72.88 29.23
CA SER C 156 27.95 -71.65 29.43
C SER C 156 29.42 -71.81 29.14
N THR C 157 30.06 -70.73 28.68
CA THR C 157 31.48 -70.74 28.37
C THR C 157 32.15 -69.50 28.99
N ASP C 158 33.48 -69.45 28.92
CA ASP C 158 34.21 -68.31 29.46
C ASP C 158 34.37 -67.25 28.36
N ASP C 159 33.35 -66.41 28.19
CA ASP C 159 33.37 -65.38 27.16
C ASP C 159 34.55 -64.43 27.35
N ARG C 165 30.29 -61.06 24.74
CA ARG C 165 29.85 -61.80 25.92
C ARG C 165 28.34 -62.00 25.99
N LEU C 166 27.93 -63.22 26.30
CA LEU C 166 26.52 -63.54 26.42
C LEU C 166 26.27 -64.73 27.34
N SER C 167 27.28 -65.09 28.13
CA SER C 167 27.16 -66.22 29.04
C SER C 167 26.45 -65.87 30.35
N VAL C 168 26.21 -64.58 30.62
CA VAL C 168 25.47 -64.25 31.82
C VAL C 168 24.01 -64.41 31.39
N LYS C 169 23.75 -64.14 30.11
CA LYS C 169 22.39 -64.25 29.61
C LYS C 169 21.95 -65.66 29.22
N PHE C 170 22.85 -66.45 28.61
CA PHE C 170 22.50 -67.81 28.17
C PHE C 170 23.59 -68.84 28.52
N GLY C 171 23.20 -70.11 28.53
CA GLY C 171 24.15 -71.16 28.81
C GLY C 171 24.08 -71.76 30.19
N ALA C 172 23.72 -73.05 30.27
CA ALA C 172 23.62 -73.71 31.57
C ALA C 172 25.02 -73.93 32.08
N LYS C 173 25.20 -73.83 33.40
CA LYS C 173 26.52 -74.08 34.00
C LYS C 173 26.72 -75.60 33.94
N VAL C 174 27.95 -76.02 33.72
CA VAL C 174 28.29 -77.44 33.64
C VAL C 174 27.81 -78.21 34.88
N GLU C 175 27.98 -77.62 36.06
CA GLU C 175 27.59 -78.26 37.30
C GLU C 175 26.07 -78.42 37.44
N ASP C 176 25.30 -77.75 36.59
CA ASP C 176 23.83 -77.84 36.65
C ASP C 176 23.24 -78.74 35.58
N CYS C 177 24.03 -79.23 34.65
CA CYS C 177 23.52 -80.01 33.54
C CYS C 177 22.92 -81.37 33.91
N ARG C 178 23.47 -82.06 34.90
CA ARG C 178 22.90 -83.36 35.29
C ARG C 178 21.46 -83.13 35.75
N PHE C 179 21.28 -82.20 36.68
CA PHE C 179 19.92 -81.90 37.15
C PHE C 179 19.03 -81.52 35.98
N ILE C 180 19.55 -80.70 35.06
CA ILE C 180 18.73 -80.31 33.92
C ILE C 180 18.31 -81.52 33.05
N LEU C 181 19.25 -82.42 32.81
CA LEU C 181 18.96 -83.61 31.99
C LEU C 181 18.00 -84.55 32.75
N GLU C 182 18.13 -84.63 34.07
CA GLU C 182 17.22 -85.47 34.85
C GLU C 182 15.80 -84.95 34.67
N GLN C 183 15.63 -83.62 34.70
CA GLN C 183 14.30 -83.04 34.52
C GLN C 183 13.80 -83.19 33.10
N ALA C 184 14.70 -83.14 32.11
CA ALA C 184 14.26 -83.32 30.73
C ALA C 184 13.71 -84.77 30.57
N LYS C 185 14.28 -85.71 31.32
CA LYS C 185 13.82 -87.11 31.24
C LYS C 185 12.39 -87.16 31.74
N LYS C 186 12.14 -86.51 32.87
CA LYS C 186 10.79 -86.48 33.43
C LYS C 186 9.80 -85.83 32.46
N LEU C 187 10.27 -84.89 31.64
CA LEU C 187 9.40 -84.22 30.68
C LEU C 187 9.38 -84.91 29.34
N ASN C 188 9.96 -86.11 29.29
CA ASN C 188 10.00 -86.93 28.06
C ASN C 188 10.57 -86.17 26.85
N ILE C 189 11.61 -85.37 27.08
CA ILE C 189 12.27 -84.57 26.04
C ILE C 189 13.35 -85.33 25.28
N ASP C 190 13.33 -85.22 23.95
CA ASP C 190 14.34 -85.87 23.11
C ASP C 190 15.61 -85.01 23.03
N VAL C 191 16.43 -85.02 24.07
CA VAL C 191 17.67 -84.25 24.05
C VAL C 191 18.61 -84.97 23.09
N THR C 192 19.12 -84.24 22.10
CA THR C 192 19.99 -84.84 21.09
C THR C 192 21.38 -84.26 20.95
N GLY C 193 21.74 -83.29 21.78
CA GLY C 193 23.07 -82.75 21.65
C GLY C 193 23.39 -81.64 22.62
N VAL C 194 24.58 -81.11 22.45
CA VAL C 194 25.12 -80.04 23.26
C VAL C 194 25.60 -78.93 22.32
N SER C 195 25.49 -77.68 22.79
CA SER C 195 25.98 -76.54 22.03
C SER C 195 26.60 -75.51 22.95
N PHE C 196 27.35 -74.60 22.35
CA PHE C 196 27.96 -73.51 23.10
C PHE C 196 28.23 -72.38 22.12
N HIS C 197 28.60 -71.23 22.65
CA HIS C 197 28.93 -70.08 21.81
C HIS C 197 29.95 -69.31 22.62
N VAL C 198 31.18 -69.26 22.13
CA VAL C 198 32.22 -68.60 22.89
C VAL C 198 32.27 -67.07 22.73
N GLY C 199 31.54 -66.55 21.74
CA GLY C 199 31.55 -65.11 21.49
C GLY C 199 32.62 -64.73 20.47
N SER C 200 32.66 -63.46 20.06
CA SER C 200 33.66 -63.01 19.08
C SER C 200 34.95 -62.47 19.70
N GLY C 201 34.82 -61.85 20.88
CA GLY C 201 35.97 -61.28 21.54
C GLY C 201 37.00 -62.22 22.15
N SER C 202 37.47 -63.20 21.38
CA SER C 202 38.46 -64.14 21.88
C SER C 202 39.90 -63.74 21.58
N THR C 203 40.71 -63.68 22.63
CA THR C 203 42.12 -63.36 22.49
C THR C 203 42.86 -64.69 22.47
N ASP C 204 42.25 -65.70 23.08
CA ASP C 204 42.84 -67.03 23.15
C ASP C 204 42.06 -68.03 22.31
N ALA C 205 42.79 -68.83 21.55
CA ALA C 205 42.16 -69.83 20.70
C ALA C 205 41.66 -71.02 21.53
N SER C 206 42.32 -71.27 22.66
CA SER C 206 41.98 -72.38 23.55
C SER C 206 40.54 -72.36 24.04
N THR C 207 39.90 -71.20 23.97
CA THR C 207 38.50 -71.07 24.38
C THR C 207 37.61 -72.13 23.71
N PHE C 208 37.76 -72.37 22.41
CA PHE C 208 36.96 -73.38 21.71
C PHE C 208 37.28 -74.78 22.27
N ALA C 209 38.56 -74.99 22.58
CA ALA C 209 39.01 -76.27 23.12
C ALA C 209 38.39 -76.53 24.50
N GLN C 210 38.39 -75.51 25.35
CA GLN C 210 37.82 -75.64 26.69
C GLN C 210 36.35 -75.99 26.57
N ALA C 211 35.68 -75.33 25.62
CA ALA C 211 34.26 -75.52 25.39
C ALA C 211 33.95 -76.91 24.87
N ILE C 212 34.79 -77.39 23.96
CA ILE C 212 34.58 -78.71 23.40
C ILE C 212 34.77 -79.77 24.51
N SER C 213 35.82 -79.64 25.32
CA SER C 213 36.03 -80.57 26.43
C SER C 213 34.79 -80.59 27.37
N ASP C 214 34.31 -79.42 27.78
CA ASP C 214 33.15 -79.37 28.65
C ASP C 214 31.93 -79.97 27.96
N SER C 215 31.83 -79.79 26.64
CA SER C 215 30.69 -80.33 25.92
C SER C 215 30.70 -81.88 25.95
N ARG C 216 31.90 -82.45 25.94
CA ARG C 216 32.06 -83.92 25.98
C ARG C 216 31.53 -84.41 27.33
N PHE C 217 31.94 -83.73 28.38
CA PHE C 217 31.49 -84.05 29.73
C PHE C 217 29.97 -84.07 29.79
N VAL C 218 29.32 -83.07 29.19
CA VAL C 218 27.86 -83.02 29.22
C VAL C 218 27.25 -84.02 28.23
N PHE C 219 27.92 -84.22 27.11
CA PHE C 219 27.47 -85.17 26.08
C PHE C 219 27.41 -86.58 26.72
N ASP C 220 28.42 -86.93 27.50
CA ASP C 220 28.44 -88.23 28.16
C ASP C 220 27.35 -88.39 29.22
N MET C 221 27.09 -87.33 29.99
CA MET C 221 26.04 -87.41 31.00
C MET C 221 24.75 -87.72 30.28
N GLY C 222 24.56 -87.11 29.12
CA GLY C 222 23.34 -87.34 28.38
C GLY C 222 23.18 -88.81 27.95
N THR C 223 24.26 -89.41 27.43
CA THR C 223 24.20 -90.79 26.99
C THR C 223 23.91 -91.66 28.21
N GLU C 224 24.67 -91.43 29.26
CA GLU C 224 24.51 -92.14 30.53
C GLU C 224 23.05 -92.14 30.97
N LEU C 225 22.39 -90.99 30.84
CA LEU C 225 20.99 -90.89 31.25
C LEU C 225 20.04 -91.50 30.24
N GLY C 226 20.59 -92.07 29.17
CA GLY C 226 19.73 -92.69 28.19
C GLY C 226 19.28 -91.87 27.00
N PHE C 227 19.84 -90.66 26.83
CA PHE C 227 19.44 -89.83 25.69
C PHE C 227 20.26 -90.21 24.46
N ASN C 228 19.69 -89.93 23.29
CA ASN C 228 20.33 -90.19 22.01
C ASN C 228 21.15 -88.94 21.62
N MET C 229 22.33 -88.81 22.18
CA MET C 229 23.21 -87.67 21.92
C MET C 229 24.01 -87.86 20.65
N HIS C 230 23.68 -87.10 19.60
CA HIS C 230 24.40 -87.20 18.34
C HIS C 230 24.77 -85.86 17.66
N ILE C 231 24.51 -84.73 18.33
CA ILE C 231 24.83 -83.42 17.74
C ILE C 231 25.69 -82.56 18.66
N LEU C 232 26.76 -82.02 18.09
CA LEU C 232 27.63 -81.10 18.83
C LEU C 232 27.54 -79.80 18.00
N ASP C 233 27.13 -78.72 18.64
CA ASP C 233 26.99 -77.43 17.95
C ASP C 233 28.04 -76.47 18.55
N ILE C 234 29.07 -76.14 17.80
CA ILE C 234 30.11 -75.27 18.33
C ILE C 234 29.92 -73.74 18.18
N GLY C 235 28.71 -73.33 17.81
CA GLY C 235 28.38 -71.91 17.71
C GLY C 235 29.06 -71.04 16.66
N GLY C 236 29.21 -69.76 17.00
CA GLY C 236 29.82 -68.81 16.09
C GLY C 236 30.99 -68.13 16.76
N GLY C 237 31.28 -66.90 16.35
CA GLY C 237 32.37 -66.17 16.97
C GLY C 237 33.65 -66.14 16.13
N PHE C 238 33.59 -66.74 14.94
CA PHE C 238 34.73 -66.80 14.02
C PHE C 238 34.90 -65.45 13.31
N PRO C 239 36.15 -64.97 13.16
CA PRO C 239 36.40 -63.68 12.49
C PRO C 239 35.92 -63.62 11.05
N GLY C 240 35.44 -62.45 10.64
CA GLY C 240 34.94 -62.26 9.30
C GLY C 240 35.82 -61.41 8.41
N THR C 241 36.88 -60.84 8.98
CA THR C 241 37.80 -60.05 8.19
C THR C 241 39.17 -60.67 8.32
N ARG C 242 39.73 -61.08 7.18
CA ARG C 242 41.03 -61.74 7.12
C ARG C 242 42.20 -60.90 7.65
N ASP C 243 41.87 -59.89 8.46
CA ASP C 243 42.87 -59.01 9.04
C ASP C 243 42.95 -59.12 10.57
N ALA C 244 41.82 -59.39 11.23
CA ALA C 244 41.76 -59.51 12.68
C ALA C 244 42.99 -60.20 13.30
N PRO C 245 43.24 -59.96 14.59
CA PRO C 245 44.39 -60.55 15.29
C PRO C 245 44.38 -62.07 15.21
N LEU C 246 43.37 -62.68 15.83
CA LEU C 246 43.21 -64.12 15.87
C LEU C 246 42.58 -64.61 14.56
N LYS C 247 43.41 -65.19 13.70
CA LYS C 247 42.99 -65.70 12.40
C LYS C 247 42.08 -66.93 12.42
N PHE C 248 41.21 -67.02 11.42
CA PHE C 248 40.28 -68.14 11.26
C PHE C 248 41.02 -69.48 11.18
N GLU C 249 42.17 -69.50 10.51
CA GLU C 249 42.93 -70.72 10.35
C GLU C 249 43.47 -71.25 11.67
N GLU C 250 43.98 -70.35 12.51
CA GLU C 250 44.51 -70.78 13.80
C GLU C 250 43.37 -71.32 14.65
N ILE C 251 42.20 -70.69 14.57
CA ILE C 251 41.05 -71.14 15.33
C ILE C 251 40.59 -72.51 14.81
N ALA C 252 40.52 -72.67 13.50
CA ALA C 252 40.10 -73.95 12.92
C ALA C 252 41.06 -75.07 13.36
N GLY C 253 42.34 -74.73 13.45
CA GLY C 253 43.34 -75.70 13.89
C GLY C 253 43.06 -76.16 15.31
N VAL C 254 42.77 -75.22 16.21
CA VAL C 254 42.50 -75.57 17.59
C VAL C 254 41.20 -76.36 17.75
N ILE C 255 40.18 -75.99 16.99
CA ILE C 255 38.90 -76.69 17.02
C ILE C 255 39.09 -78.15 16.54
N ASN C 256 39.85 -78.33 15.46
CA ASN C 256 40.09 -79.66 14.90
C ASN C 256 40.85 -80.59 15.85
N ASN C 257 41.84 -80.06 16.57
CA ASN C 257 42.58 -80.90 17.50
C ASN C 257 41.70 -81.27 18.68
N ALA C 258 40.84 -80.35 19.08
CA ALA C 258 39.93 -80.59 20.19
C ALA C 258 38.88 -81.62 19.78
N LEU C 259 38.34 -81.50 18.58
CA LEU C 259 37.33 -82.43 18.10
C LEU C 259 37.92 -83.85 17.98
N GLU C 260 39.17 -83.92 17.52
CA GLU C 260 39.84 -85.20 17.37
C GLU C 260 39.99 -85.84 18.74
N LYS C 261 40.39 -85.04 19.73
CA LYS C 261 40.57 -85.53 21.09
C LYS C 261 39.29 -85.90 21.84
N HIS C 262 38.25 -85.08 21.70
CA HIS C 262 37.01 -85.32 22.43
C HIS C 262 35.84 -85.86 21.63
N PHE C 263 35.83 -85.65 20.33
CA PHE C 263 34.73 -86.13 19.51
C PHE C 263 35.19 -86.86 18.24
N PRO C 264 35.94 -87.99 18.39
CA PRO C 264 36.42 -88.76 17.23
C PRO C 264 35.38 -89.05 16.17
N PRO C 265 35.78 -89.02 14.89
CA PRO C 265 34.87 -89.28 13.77
C PRO C 265 33.96 -90.46 14.07
N ASP C 266 32.73 -90.38 13.61
CA ASP C 266 31.75 -91.40 13.83
C ASP C 266 30.51 -91.02 13.05
N LEU C 267 30.01 -91.94 12.24
CA LEU C 267 28.82 -91.69 11.41
C LEU C 267 27.56 -91.28 12.17
N LYS C 268 27.49 -91.57 13.45
CA LYS C 268 26.29 -91.23 14.22
C LYS C 268 26.38 -89.78 14.74
N LEU C 269 27.60 -89.26 14.78
CA LEU C 269 27.86 -87.91 15.27
C LEU C 269 27.88 -86.84 14.18
N THR C 270 27.09 -85.78 14.38
CA THR C 270 27.05 -84.66 13.44
C THR C 270 27.61 -83.41 14.13
N ILE C 271 28.60 -82.76 13.52
CA ILE C 271 29.17 -81.55 14.10
C ILE C 271 28.68 -80.36 13.28
N VAL C 272 28.08 -79.38 13.96
CA VAL C 272 27.56 -78.18 13.30
C VAL C 272 28.11 -76.88 13.96
N ALA C 273 27.94 -75.75 13.28
CA ALA C 273 28.41 -74.47 13.83
C ALA C 273 27.39 -73.42 13.40
N GLU C 274 27.44 -72.24 14.01
CA GLU C 274 26.46 -71.18 13.70
C GLU C 274 27.24 -69.90 13.37
N PRO C 275 28.14 -69.96 12.38
CA PRO C 275 28.92 -68.76 12.01
C PRO C 275 28.00 -67.69 11.50
N GLY C 276 28.26 -66.45 11.91
CA GLY C 276 27.48 -65.31 11.43
C GLY C 276 28.40 -64.33 10.71
N ARG C 277 29.18 -63.54 11.45
CA ARG C 277 30.05 -62.56 10.80
C ARG C 277 31.10 -63.18 9.86
N TYR C 278 31.44 -64.43 10.11
CA TYR C 278 32.42 -65.13 9.27
C TYR C 278 32.12 -65.00 7.79
N TYR C 279 30.86 -65.25 7.44
CA TYR C 279 30.48 -65.24 6.05
C TYR C 279 30.19 -63.91 5.37
N VAL C 280 29.80 -62.89 6.16
CA VAL C 280 29.36 -61.62 5.54
C VAL C 280 30.08 -60.33 5.89
N ALA C 281 30.93 -60.33 6.92
CA ALA C 281 31.60 -59.12 7.36
C ALA C 281 32.33 -58.33 6.27
N SER C 282 33.13 -59.03 5.47
CA SER C 282 33.92 -58.36 4.44
C SER C 282 33.26 -58.30 3.08
N ALA C 283 32.03 -58.77 3.00
CA ALA C 283 31.33 -58.78 1.73
C ALA C 283 30.65 -57.44 1.40
N PHE C 284 30.41 -56.63 2.43
CA PHE C 284 29.74 -55.34 2.23
C PHE C 284 30.64 -54.11 2.37
N THR C 285 30.50 -53.18 1.43
CA THR C 285 31.25 -51.93 1.48
C THR C 285 30.20 -50.81 1.52
N LEU C 286 30.35 -49.88 2.45
CA LEU C 286 29.37 -48.79 2.56
C LEU C 286 29.91 -47.50 1.94
N ALA C 287 29.10 -46.89 1.09
CA ALA C 287 29.48 -45.63 0.43
C ALA C 287 28.55 -44.54 1.00
N VAL C 288 29.13 -43.58 1.72
CA VAL C 288 28.30 -42.50 2.27
C VAL C 288 28.74 -41.12 1.71
N ASN C 289 27.79 -40.22 1.54
CA ASN C 289 28.09 -38.89 0.99
C ASN C 289 28.32 -37.82 2.06
N VAL C 290 29.38 -37.03 1.93
CA VAL C 290 29.62 -35.97 2.89
C VAL C 290 28.59 -34.89 2.58
N ILE C 291 27.68 -34.66 3.51
CA ILE C 291 26.63 -33.67 3.29
C ILE C 291 26.91 -32.32 3.89
N ALA C 292 27.95 -32.20 4.70
CA ALA C 292 28.25 -30.90 5.29
C ALA C 292 29.61 -30.94 5.90
N LYS C 293 30.23 -29.77 5.98
CA LYS C 293 31.57 -29.64 6.50
C LYS C 293 31.75 -28.40 7.36
N LYS C 294 32.68 -28.49 8.29
CA LYS C 294 32.99 -27.38 9.18
C LYS C 294 34.49 -27.36 9.37
N VAL C 295 35.07 -26.16 9.36
CA VAL C 295 36.50 -26.00 9.53
C VAL C 295 36.74 -25.40 10.91
N THR C 296 37.81 -25.81 11.57
CA THR C 296 38.10 -25.28 12.89
C THR C 296 39.60 -25.18 13.17
N GLN C 312 44.39 -26.73 12.91
CA GLN C 312 43.59 -26.95 11.70
C GLN C 312 43.00 -28.35 11.70
N SER C 313 41.68 -28.42 11.54
CA SER C 313 40.98 -29.71 11.51
C SER C 313 39.59 -29.57 10.92
N PHE C 314 39.03 -30.66 10.43
CA PHE C 314 37.70 -30.65 9.83
C PHE C 314 36.69 -31.55 10.54
N MET C 315 35.41 -31.27 10.27
CA MET C 315 34.29 -32.03 10.81
C MET C 315 33.40 -32.33 9.63
N TYR C 316 33.29 -33.60 9.25
CA TYR C 316 32.42 -33.94 8.13
C TYR C 316 31.16 -34.61 8.64
N TYR C 317 30.07 -34.37 7.93
CA TYR C 317 28.79 -34.96 8.27
C TYR C 317 28.39 -35.79 7.07
N VAL C 318 28.00 -37.05 7.32
CA VAL C 318 27.59 -37.95 6.25
C VAL C 318 26.15 -38.36 6.40
N ASN C 319 25.57 -38.94 5.34
CA ASN C 319 24.18 -39.33 5.40
C ASN C 319 23.83 -40.73 5.94
N ASP C 320 24.63 -41.22 6.88
CA ASP C 320 24.32 -42.50 7.55
C ASP C 320 25.08 -42.39 8.86
N GLY C 321 24.61 -43.03 9.93
CA GLY C 321 25.32 -42.92 11.20
C GLY C 321 24.93 -43.97 12.25
N VAL C 322 25.15 -43.67 13.53
CA VAL C 322 24.87 -44.63 14.62
C VAL C 322 23.44 -45.15 14.79
N TYR C 323 22.47 -44.47 14.20
CA TYR C 323 21.10 -44.94 14.28
C TYR C 323 20.83 -45.77 13.04
N GLY C 324 21.75 -45.68 12.07
CA GLY C 324 21.60 -46.44 10.85
C GLY C 324 22.65 -47.55 10.81
N SER C 325 23.38 -47.64 9.71
CA SER C 325 24.41 -48.65 9.51
C SER C 325 25.48 -48.69 10.58
N PHE C 326 25.78 -47.55 11.21
CA PHE C 326 26.83 -47.57 12.22
C PHE C 326 26.35 -47.88 13.63
N ASN C 327 25.16 -48.45 13.75
CA ASN C 327 24.65 -48.85 15.06
C ASN C 327 25.63 -49.89 15.62
N CYS C 328 26.33 -50.57 14.71
CA CYS C 328 27.32 -51.59 15.04
C CYS C 328 28.36 -51.04 16.02
N ILE C 329 28.61 -49.75 15.95
CA ILE C 329 29.57 -49.09 16.84
C ILE C 329 29.06 -49.17 18.29
N LEU C 330 27.76 -49.01 18.48
CA LEU C 330 27.20 -49.06 19.82
C LEU C 330 26.88 -50.50 20.27
N TYR C 331 26.19 -51.24 19.42
CA TYR C 331 25.77 -52.62 19.76
C TYR C 331 26.80 -53.72 19.56
N ASP C 332 27.69 -53.56 18.57
CA ASP C 332 28.67 -54.57 18.25
C ASP C 332 30.11 -54.18 18.56
N HIS C 333 30.28 -53.07 19.29
CA HIS C 333 31.61 -52.59 19.66
C HIS C 333 32.54 -52.42 18.46
N ALA C 334 31.97 -52.14 17.30
CA ALA C 334 32.79 -51.98 16.10
C ALA C 334 33.61 -50.68 16.05
N VAL C 335 34.71 -50.75 15.31
CA VAL C 335 35.62 -49.63 15.10
C VAL C 335 35.66 -49.50 13.58
N VAL C 336 35.36 -48.33 13.04
CA VAL C 336 35.37 -48.16 11.60
C VAL C 336 36.48 -47.20 11.16
N ARG C 337 36.75 -47.16 9.86
CA ARG C 337 37.80 -46.30 9.33
C ARG C 337 37.30 -45.73 8.01
N PRO C 338 37.15 -44.41 7.93
CA PRO C 338 36.67 -43.81 6.69
C PRO C 338 37.77 -43.81 5.62
N LEU C 339 37.38 -44.18 4.40
CA LEU C 339 38.28 -44.23 3.26
C LEU C 339 37.78 -43.30 2.16
N PRO C 340 38.61 -42.35 1.73
CA PRO C 340 38.15 -41.44 0.68
C PRO C 340 37.95 -42.25 -0.61
N GLN C 341 36.80 -42.13 -1.27
CA GLN C 341 36.60 -42.90 -2.49
C GLN C 341 37.39 -42.27 -3.64
N ARG C 342 37.77 -41.01 -3.44
CA ARG C 342 38.54 -40.22 -4.40
C ARG C 342 39.93 -40.82 -4.59
N GLU C 343 40.38 -40.90 -5.84
CA GLU C 343 41.71 -41.43 -6.09
C GLU C 343 42.68 -40.41 -5.49
N PRO C 344 43.59 -40.86 -4.61
CA PRO C 344 44.55 -39.95 -3.98
C PRO C 344 45.38 -39.09 -4.94
N ILE C 345 45.95 -38.02 -4.41
CA ILE C 345 46.82 -37.13 -5.16
C ILE C 345 48.14 -37.15 -4.37
N PRO C 346 49.24 -37.53 -5.04
CA PRO C 346 50.60 -37.63 -4.50
C PRO C 346 50.91 -37.07 -3.11
N ASN C 347 51.15 -35.76 -3.03
CA ASN C 347 51.49 -35.14 -1.75
C ASN C 347 50.35 -34.42 -1.05
N GLU C 348 49.15 -35.00 -1.10
CA GLU C 348 47.97 -34.43 -0.46
C GLU C 348 48.21 -34.18 1.02
N LYS C 349 47.66 -33.10 1.54
CA LYS C 349 47.82 -32.78 2.95
C LYS C 349 46.73 -33.55 3.70
N LEU C 350 47.06 -34.04 4.89
CA LEU C 350 46.10 -34.79 5.72
C LEU C 350 45.85 -34.06 7.04
N TYR C 351 44.58 -33.93 7.43
CA TYR C 351 44.27 -33.24 8.67
C TYR C 351 43.42 -34.06 9.63
N PRO C 352 43.58 -33.82 10.93
CA PRO C 352 42.79 -34.56 11.92
C PRO C 352 41.33 -34.19 11.64
N SER C 353 40.49 -35.21 11.46
CA SER C 353 39.10 -34.94 11.14
C SER C 353 38.16 -35.84 11.91
N SER C 354 36.90 -35.41 12.01
CA SER C 354 35.88 -36.20 12.67
C SER C 354 34.76 -36.46 11.66
N VAL C 355 34.01 -37.52 11.86
CA VAL C 355 32.91 -37.83 10.96
C VAL C 355 31.68 -38.02 11.84
N TRP C 356 30.57 -37.40 11.44
CA TRP C 356 29.34 -37.45 12.21
C TRP C 356 28.20 -37.99 11.40
N GLY C 357 27.21 -38.53 12.11
CA GLY C 357 26.02 -39.05 11.45
C GLY C 357 25.15 -37.84 11.13
N PRO C 358 24.11 -37.99 10.31
CA PRO C 358 23.22 -36.90 9.91
C PRO C 358 22.18 -36.50 10.94
N THR C 359 22.17 -37.18 12.07
CA THR C 359 21.17 -36.99 13.10
C THR C 359 21.40 -35.83 14.10
N CYS C 360 20.32 -35.42 14.76
CA CYS C 360 20.34 -34.35 15.77
C CYS C 360 21.14 -34.70 17.01
N ASP C 361 21.33 -36.00 17.23
CA ASP C 361 22.02 -36.50 18.41
C ASP C 361 23.52 -36.16 18.40
N GLY C 362 23.96 -35.50 19.47
CA GLY C 362 25.36 -35.15 19.58
C GLY C 362 26.23 -36.37 19.79
N LEU C 363 25.60 -37.53 19.92
CA LEU C 363 26.37 -38.76 20.10
C LEU C 363 26.40 -39.55 18.80
N ASP C 364 25.62 -39.10 17.82
CA ASP C 364 25.62 -39.73 16.51
C ASP C 364 26.94 -39.30 15.84
N GLN C 365 28.05 -39.89 16.27
CA GLN C 365 29.38 -39.62 15.75
C GLN C 365 30.02 -40.95 15.32
N ILE C 366 30.62 -40.96 14.13
CA ILE C 366 31.24 -42.16 13.57
C ILE C 366 32.73 -42.27 13.84
N VAL C 367 33.47 -41.18 13.66
CA VAL C 367 34.90 -41.17 13.88
C VAL C 367 35.31 -39.93 14.65
N GLU C 368 36.24 -40.07 15.58
CA GLU C 368 36.67 -38.94 16.39
C GLU C 368 37.83 -38.13 15.78
N ARG C 369 39.01 -38.75 15.71
CA ARG C 369 40.18 -38.10 15.12
C ARG C 369 40.87 -39.05 14.16
N TYR C 370 40.53 -38.93 12.89
CA TYR C 370 41.11 -39.79 11.86
C TYR C 370 41.67 -38.89 10.76
N TYR C 371 42.89 -39.13 10.32
CA TYR C 371 43.52 -38.30 9.31
C TYR C 371 42.97 -38.54 7.91
N LEU C 372 42.41 -37.47 7.34
CA LEU C 372 41.84 -37.50 6.00
C LEU C 372 42.31 -36.29 5.22
N PRO C 373 42.17 -36.34 3.88
CA PRO C 373 42.57 -35.22 3.02
C PRO C 373 41.35 -34.30 2.98
N GLU C 374 41.55 -32.99 2.90
CA GLU C 374 40.38 -32.12 2.87
C GLU C 374 39.32 -32.61 1.90
N MET C 375 38.13 -32.86 2.43
CA MET C 375 37.01 -33.35 1.64
C MET C 375 36.08 -32.21 1.28
N GLN C 376 35.22 -32.45 0.29
CA GLN C 376 34.26 -31.45 -0.14
C GLN C 376 32.85 -32.03 -0.10
N VAL C 377 31.89 -31.18 0.21
CA VAL C 377 30.49 -31.61 0.24
C VAL C 377 30.18 -32.24 -1.11
N GLY C 378 29.51 -33.40 -1.11
CA GLY C 378 29.20 -34.07 -2.36
C GLY C 378 30.16 -35.21 -2.67
N GLU C 379 31.34 -35.20 -2.05
CA GLU C 379 32.31 -36.27 -2.25
C GLU C 379 31.91 -37.47 -1.36
N TRP C 380 32.34 -38.68 -1.75
CA TRP C 380 32.01 -39.90 -1.02
C TRP C 380 33.10 -40.50 -0.14
N LEU C 381 32.69 -41.05 1.00
CA LEU C 381 33.62 -41.71 1.92
C LEU C 381 33.19 -43.18 1.94
N LEU C 382 34.16 -44.07 2.01
CA LEU C 382 33.86 -45.49 2.00
C LEU C 382 34.19 -46.15 3.32
N PHE C 383 33.42 -47.19 3.65
CA PHE C 383 33.65 -47.97 4.87
C PHE C 383 33.62 -49.44 4.48
N GLU C 384 34.75 -50.12 4.69
CA GLU C 384 34.88 -51.52 4.34
C GLU C 384 34.60 -52.44 5.52
N ASP C 385 34.31 -53.71 5.23
CA ASP C 385 34.02 -54.69 6.27
C ASP C 385 32.81 -54.25 7.10
N MET C 386 31.72 -53.96 6.41
CA MET C 386 30.48 -53.50 7.03
C MET C 386 29.31 -54.43 6.74
N GLY C 387 29.57 -55.73 6.66
CA GLY C 387 28.47 -56.63 6.36
C GLY C 387 27.82 -57.25 7.60
N ALA C 388 28.51 -57.25 8.72
CA ALA C 388 27.98 -57.89 9.91
C ALA C 388 27.40 -56.98 11.00
N TYR C 389 26.16 -57.24 11.38
CA TYR C 389 25.46 -56.50 12.42
C TYR C 389 25.43 -55.01 12.10
N THR C 390 25.02 -54.69 10.87
CA THR C 390 24.94 -53.32 10.39
C THR C 390 23.54 -53.05 9.85
N VAL C 391 23.19 -53.68 8.74
CA VAL C 391 21.89 -53.44 8.16
C VAL C 391 20.75 -54.02 8.99
N VAL C 392 21.07 -55.00 9.85
CA VAL C 392 20.04 -55.62 10.67
C VAL C 392 19.58 -54.76 11.86
N GLY C 393 20.49 -53.94 12.41
CA GLY C 393 20.12 -53.11 13.55
C GLY C 393 19.82 -51.63 13.27
N THR C 394 19.52 -51.29 12.02
CA THR C 394 19.26 -49.89 11.65
C THR C 394 17.85 -49.42 11.99
N SER C 395 17.75 -48.14 12.37
CA SER C 395 16.44 -47.55 12.67
C SER C 395 16.30 -46.33 11.76
N SER C 396 15.07 -45.83 11.64
CA SER C 396 14.86 -44.66 10.79
C SER C 396 14.65 -43.38 11.60
N PHE C 397 15.48 -43.23 12.63
CA PHE C 397 15.44 -42.06 13.53
C PHE C 397 15.67 -40.77 12.74
N ASN C 398 14.88 -39.73 13.02
CA ASN C 398 14.98 -38.43 12.34
C ASN C 398 14.42 -38.56 10.91
N GLY C 399 13.86 -39.72 10.60
CA GLY C 399 13.29 -39.96 9.28
C GLY C 399 14.24 -40.44 8.18
N PHE C 400 15.53 -40.60 8.47
CA PHE C 400 16.46 -41.05 7.45
C PHE C 400 16.23 -42.52 7.08
N GLN C 401 16.36 -42.83 5.79
CA GLN C 401 16.19 -44.21 5.33
C GLN C 401 17.54 -44.91 5.30
N SER C 402 17.54 -46.23 5.50
CA SER C 402 18.78 -46.99 5.49
C SER C 402 19.29 -47.15 4.06
N PRO C 403 20.61 -47.19 3.88
CA PRO C 403 21.22 -47.33 2.56
C PRO C 403 20.66 -48.50 1.74
N THR C 404 20.55 -48.29 0.44
CA THR C 404 20.06 -49.32 -0.46
C THR C 404 21.23 -50.27 -0.74
N ILE C 405 20.93 -51.53 -0.99
CA ILE C 405 21.98 -52.53 -1.24
C ILE C 405 22.13 -52.91 -2.71
N TYR C 406 23.34 -52.72 -3.24
CA TYR C 406 23.62 -53.10 -4.63
C TYR C 406 24.57 -54.29 -4.60
N TYR C 407 24.40 -55.20 -5.56
CA TYR C 407 25.23 -56.40 -5.62
C TYR C 407 26.16 -56.47 -6.81
N VAL C 408 27.29 -57.11 -6.58
CA VAL C 408 28.29 -57.31 -7.59
C VAL C 408 28.75 -58.75 -7.36
N VAL C 409 29.26 -59.42 -8.38
CA VAL C 409 29.71 -60.80 -8.22
C VAL C 409 31.10 -61.08 -8.79
N ARG D 14 -5.49 -49.88 17.09
CA ARG D 14 -6.85 -49.29 17.14
C ARG D 14 -7.13 -48.63 18.48
N PHE D 15 -8.33 -48.07 18.63
CA PHE D 15 -8.71 -47.36 19.85
C PHE D 15 -9.37 -48.26 20.89
N LEU D 16 -8.91 -48.14 22.13
CA LEU D 16 -9.42 -48.95 23.23
C LEU D 16 -10.45 -48.23 24.10
N GLU D 17 -11.28 -49.03 24.78
CA GLU D 17 -12.31 -48.51 25.67
C GLU D 17 -11.83 -48.21 27.09
N GLY D 18 -12.37 -47.14 27.66
CA GLY D 18 -12.00 -46.73 29.00
C GLY D 18 -11.11 -45.51 28.88
N PHE D 19 -11.44 -44.43 29.59
CA PHE D 19 -10.62 -43.23 29.50
C PHE D 19 -9.43 -43.32 30.44
N ASN D 20 -9.17 -44.53 30.91
CA ASN D 20 -8.01 -44.76 31.78
C ASN D 20 -7.00 -45.56 30.97
N THR D 21 -5.72 -45.23 31.13
CA THR D 21 -4.68 -45.96 30.43
C THR D 21 -4.57 -47.34 31.05
N ARG D 22 -4.47 -47.38 32.37
CA ARG D 22 -4.36 -48.64 33.09
C ARG D 22 -5.61 -49.51 32.88
N ASP D 23 -6.79 -48.92 32.99
CA ASP D 23 -8.02 -49.69 32.81
C ASP D 23 -8.12 -50.27 31.41
N ALA D 24 -7.92 -49.42 30.41
CA ALA D 24 -7.98 -49.85 29.02
C ALA D 24 -6.98 -50.97 28.77
N LEU D 25 -5.81 -50.85 29.37
CA LEU D 25 -4.74 -51.83 29.22
C LEU D 25 -5.15 -53.16 29.86
N CYS D 26 -5.64 -53.08 31.10
CA CYS D 26 -6.08 -54.28 31.82
C CYS D 26 -7.17 -54.97 31.06
N LYS D 27 -8.15 -54.22 30.62
CA LYS D 27 -9.26 -54.78 29.88
C LYS D 27 -8.78 -55.45 28.59
N LYS D 28 -7.82 -54.84 27.89
CA LYS D 28 -7.33 -55.46 26.67
C LYS D 28 -6.72 -56.81 26.98
N ILE D 29 -5.92 -56.85 28.03
CA ILE D 29 -5.28 -58.10 28.43
C ILE D 29 -6.35 -59.14 28.81
N SER D 30 -6.60 -60.05 27.88
CA SER D 30 -7.58 -61.12 28.00
C SER D 30 -8.00 -61.58 26.60
N GLY D 37 0.24 -63.12 23.18
CA GLY D 37 1.10 -62.49 24.15
C GLY D 37 2.11 -61.56 23.52
N ASP D 38 1.75 -60.97 22.38
CA ASP D 38 2.66 -60.03 21.71
C ASP D 38 2.68 -58.70 22.49
N PRO D 39 3.84 -58.03 22.54
CA PRO D 39 3.96 -56.75 23.26
C PRO D 39 3.09 -55.66 22.64
N PHE D 40 2.74 -54.64 23.42
CA PHE D 40 1.94 -53.57 22.85
C PHE D 40 2.01 -52.31 23.66
N PHE D 41 1.73 -51.19 22.98
CA PHE D 41 1.72 -49.86 23.61
C PHE D 41 0.30 -49.38 23.78
N VAL D 42 0.09 -48.62 24.83
CA VAL D 42 -1.18 -47.97 25.06
C VAL D 42 -0.83 -46.49 25.14
N ALA D 43 -1.35 -45.70 24.21
CA ALA D 43 -0.99 -44.28 24.21
C ALA D 43 -2.21 -43.44 24.60
N ASP D 44 -2.03 -42.64 25.63
CA ASP D 44 -3.10 -41.79 26.12
C ASP D 44 -3.00 -40.44 25.40
N LEU D 45 -3.70 -40.31 24.29
CA LEU D 45 -3.68 -39.08 23.50
C LEU D 45 -4.14 -37.91 24.36
N GLY D 46 -4.98 -38.19 25.36
CA GLY D 46 -5.48 -37.16 26.25
C GLY D 46 -4.38 -36.58 27.12
N ASP D 47 -3.32 -37.35 27.35
CA ASP D 47 -2.23 -36.87 28.18
C ASP D 47 -1.49 -35.74 27.41
N ILE D 48 -1.48 -35.85 26.09
CA ILE D 48 -0.83 -34.85 25.24
C ILE D 48 -1.62 -33.54 25.35
N VAL D 49 -2.94 -33.65 25.29
CA VAL D 49 -3.81 -32.49 25.42
C VAL D 49 -3.51 -31.79 26.76
N ARG D 50 -3.39 -32.55 27.83
CA ARG D 50 -3.09 -31.98 29.14
C ARG D 50 -1.74 -31.27 29.16
N LYS D 51 -0.74 -31.87 28.53
CA LYS D 51 0.59 -31.24 28.47
C LYS D 51 0.49 -29.91 27.70
N HIS D 52 -0.36 -29.84 26.69
CA HIS D 52 -0.47 -28.62 25.92
C HIS D 52 -1.09 -27.52 26.78
N GLU D 53 -2.15 -27.86 27.50
CA GLU D 53 -2.80 -26.89 28.37
C GLU D 53 -1.79 -26.35 29.36
N THR D 54 -0.95 -27.22 29.90
CA THR D 54 0.06 -26.79 30.85
C THR D 54 1.13 -25.92 30.19
N TRP D 55 1.42 -26.19 28.92
CA TRP D 55 2.44 -25.40 28.22
C TRP D 55 1.93 -23.95 28.03
N LYS D 56 0.74 -23.82 27.46
CA LYS D 56 0.13 -22.51 27.23
C LYS D 56 0.09 -21.71 28.53
N LYS D 57 -0.11 -22.39 29.65
CA LYS D 57 -0.18 -21.73 30.94
C LYS D 57 1.18 -21.29 31.47
N CYS D 58 2.21 -22.12 31.34
CA CYS D 58 3.50 -21.73 31.88
C CYS D 58 4.43 -20.97 30.93
N LEU D 59 4.23 -21.13 29.63
CA LEU D 59 5.07 -20.45 28.62
C LEU D 59 4.12 -19.81 27.62
N PRO D 60 3.25 -18.90 28.10
CA PRO D 60 2.29 -18.23 27.23
C PRO D 60 2.88 -17.50 26.03
N ARG D 61 4.12 -17.04 26.17
CA ARG D 61 4.78 -16.32 25.07
C ARG D 61 5.44 -17.21 24.01
N VAL D 62 5.57 -18.49 24.32
CA VAL D 62 6.26 -19.42 23.43
C VAL D 62 5.38 -20.37 22.62
N THR D 63 5.51 -20.33 21.29
CA THR D 63 4.76 -21.20 20.40
C THR D 63 5.58 -22.48 20.20
N PRO D 64 5.00 -23.61 20.59
CA PRO D 64 5.70 -24.90 20.45
C PRO D 64 5.71 -25.51 19.05
N PHE D 65 6.89 -25.90 18.59
CA PHE D 65 6.99 -26.60 17.32
C PHE D 65 7.51 -27.99 17.75
N TYR D 66 6.59 -28.94 17.83
CA TYR D 66 6.87 -30.31 18.27
C TYR D 66 8.01 -30.97 17.50
N ALA D 67 8.99 -31.52 18.21
CA ALA D 67 10.09 -32.19 17.51
C ALA D 67 9.60 -33.60 17.10
N VAL D 68 9.21 -33.70 15.84
CA VAL D 68 8.70 -34.92 15.25
C VAL D 68 9.62 -36.15 15.44
N LYS D 69 10.92 -35.90 15.52
CA LYS D 69 11.90 -36.96 15.70
C LYS D 69 11.73 -37.76 17.01
N CYS D 70 11.12 -37.13 18.00
CA CYS D 70 10.93 -37.75 19.30
C CYS D 70 9.94 -38.93 19.26
N ASN D 71 8.90 -38.77 18.46
CA ASN D 71 7.84 -39.76 18.31
C ASN D 71 6.96 -39.28 17.18
N ASP D 72 6.97 -40.00 16.07
CA ASP D 72 6.22 -39.61 14.90
C ASP D 72 4.98 -40.41 14.62
N ASP D 73 4.42 -41.05 15.65
CA ASP D 73 3.19 -41.84 15.49
C ASP D 73 2.17 -40.93 14.83
N TRP D 74 1.42 -41.47 13.87
CA TRP D 74 0.42 -40.69 13.14
C TRP D 74 -0.69 -40.09 14.02
N ARG D 75 -1.01 -40.76 15.12
CA ARG D 75 -2.05 -40.27 16.01
C ARG D 75 -1.49 -39.15 16.88
N VAL D 76 -0.22 -39.28 17.24
CA VAL D 76 0.45 -38.26 18.05
C VAL D 76 0.54 -36.94 17.25
N LEU D 77 0.92 -37.05 15.96
CA LEU D 77 1.03 -35.86 15.11
C LEU D 77 -0.36 -35.28 14.83
N GLY D 78 -1.33 -36.16 14.65
CA GLY D 78 -2.69 -35.74 14.37
C GLY D 78 -3.24 -34.95 15.54
N THR D 79 -2.95 -35.41 16.76
CA THR D 79 -3.43 -34.77 17.96
C THR D 79 -2.77 -33.39 18.16
N LEU D 80 -1.44 -33.35 18.04
CA LEU D 80 -0.73 -32.08 18.21
C LEU D 80 -1.15 -31.06 17.17
N ALA D 81 -1.40 -31.51 15.94
CA ALA D 81 -1.82 -30.62 14.88
C ALA D 81 -3.17 -30.02 15.20
N ALA D 82 -4.07 -30.86 15.70
CA ALA D 82 -5.40 -30.43 16.08
C ALA D 82 -5.33 -29.47 17.26
N LEU D 83 -4.31 -29.62 18.09
CA LEU D 83 -4.16 -28.74 19.24
C LEU D 83 -3.57 -27.40 18.78
N GLY D 84 -3.07 -27.39 17.55
CA GLY D 84 -2.52 -26.17 16.98
C GLY D 84 -1.04 -25.91 17.14
N THR D 85 -0.22 -26.94 17.38
CA THR D 85 1.20 -26.68 17.52
C THR D 85 1.85 -26.63 16.14
N GLY D 86 3.11 -26.19 16.10
CA GLY D 86 3.85 -26.21 14.87
C GLY D 86 4.57 -27.56 14.88
N PHE D 87 5.52 -27.75 13.98
CA PHE D 87 6.28 -28.98 13.91
C PHE D 87 7.70 -28.72 13.48
N ASP D 88 8.64 -29.25 14.25
CA ASP D 88 10.05 -29.11 13.93
C ASP D 88 10.50 -30.41 13.27
N CYS D 89 10.78 -30.35 11.96
CA CYS D 89 11.19 -31.52 11.19
C CYS D 89 12.68 -31.53 10.87
N ALA D 90 13.26 -32.71 10.79
CA ALA D 90 14.68 -32.83 10.52
C ALA D 90 15.07 -33.47 9.22
N SER D 91 14.10 -33.82 8.38
CA SER D 91 14.45 -34.48 7.14
C SER D 91 13.32 -34.38 6.16
N ASN D 92 13.57 -34.76 4.92
CA ASN D 92 12.51 -34.71 3.93
C ASN D 92 11.39 -35.67 4.32
N THR D 93 11.76 -36.77 4.95
CA THR D 93 10.78 -37.76 5.40
C THR D 93 9.79 -37.17 6.39
N GLU D 94 10.31 -36.46 7.38
CA GLU D 94 9.43 -35.86 8.38
C GLU D 94 8.54 -34.75 7.80
N ILE D 95 9.12 -33.91 6.95
CA ILE D 95 8.34 -32.84 6.34
C ILE D 95 7.16 -33.45 5.59
N GLN D 96 7.44 -34.45 4.77
CA GLN D 96 6.42 -35.13 3.99
C GLN D 96 5.33 -35.71 4.89
N ARG D 97 5.76 -36.32 5.98
CA ARG D 97 4.82 -36.93 6.93
C ARG D 97 3.90 -35.86 7.50
N VAL D 98 4.50 -34.78 8.00
CA VAL D 98 3.75 -33.65 8.56
C VAL D 98 2.84 -32.99 7.52
N ARG D 99 3.33 -32.79 6.29
CA ARG D 99 2.50 -32.18 5.25
C ARG D 99 1.39 -33.17 4.92
N GLY D 100 1.73 -34.45 5.03
CA GLY D 100 0.79 -35.51 4.74
C GLY D 100 -0.47 -35.46 5.57
N ILE D 101 -0.40 -34.97 6.79
CA ILE D 101 -1.60 -34.90 7.59
C ILE D 101 -2.33 -33.56 7.42
N GLY D 102 -1.91 -32.78 6.42
CA GLY D 102 -2.57 -31.51 6.16
C GLY D 102 -2.08 -30.25 6.88
N VAL D 103 -0.91 -30.32 7.50
CA VAL D 103 -0.36 -29.17 8.19
C VAL D 103 0.31 -28.25 7.18
N PRO D 104 -0.08 -26.97 7.16
CA PRO D 104 0.48 -25.99 6.23
C PRO D 104 1.98 -25.81 6.47
N PRO D 105 2.76 -25.60 5.39
CA PRO D 105 4.21 -25.43 5.56
C PRO D 105 4.67 -24.29 6.48
N GLU D 106 3.79 -23.33 6.77
CA GLU D 106 4.19 -22.24 7.66
C GLU D 106 4.25 -22.71 9.11
N LYS D 107 3.61 -23.84 9.39
CA LYS D 107 3.61 -24.38 10.74
C LYS D 107 4.73 -25.40 10.90
N ILE D 108 5.74 -25.28 10.03
CA ILE D 108 6.89 -26.18 10.02
C ILE D 108 8.24 -25.48 10.02
N ILE D 109 9.13 -25.92 10.88
CA ILE D 109 10.49 -25.42 10.94
C ILE D 109 11.42 -26.61 10.64
N TYR D 110 12.39 -26.40 9.74
CA TYR D 110 13.34 -27.43 9.39
C TYR D 110 14.58 -27.15 10.25
N ALA D 111 14.54 -27.66 11.46
CA ALA D 111 15.60 -27.38 12.41
C ALA D 111 16.81 -28.28 12.46
N ASN D 112 17.39 -28.56 11.31
CA ASN D 112 18.57 -29.38 11.22
C ASN D 112 19.65 -28.45 10.67
N PRO D 113 20.70 -28.17 11.45
CA PRO D 113 21.80 -27.27 11.07
C PRO D 113 22.61 -27.75 9.87
N CYS D 114 22.71 -29.07 9.69
CA CYS D 114 23.49 -29.62 8.59
C CYS D 114 22.65 -30.54 7.73
N LYS D 115 22.01 -29.94 6.73
CA LYS D 115 21.10 -30.64 5.85
C LYS D 115 21.68 -31.09 4.50
N GLN D 116 21.20 -32.24 4.03
CA GLN D 116 21.64 -32.76 2.73
C GLN D 116 20.98 -31.88 1.64
N ILE D 117 21.74 -31.49 0.63
CA ILE D 117 21.21 -30.63 -0.45
C ILE D 117 19.85 -31.05 -0.98
N SER D 118 19.71 -32.30 -1.41
CA SER D 118 18.42 -32.72 -1.94
C SER D 118 17.30 -32.54 -0.93
N HIS D 119 17.63 -32.64 0.36
CA HIS D 119 16.61 -32.46 1.40
C HIS D 119 16.26 -30.95 1.43
N ILE D 120 17.29 -30.12 1.29
CA ILE D 120 17.06 -28.67 1.27
C ILE D 120 16.16 -28.41 0.07
N ARG D 121 16.50 -29.02 -1.07
CA ARG D 121 15.69 -28.83 -2.25
C ARG D 121 14.26 -29.29 -2.02
N TYR D 122 14.09 -30.39 -1.29
CA TYR D 122 12.73 -30.88 -1.05
C TYR D 122 11.94 -29.88 -0.21
N ALA D 123 12.58 -29.31 0.80
CA ALA D 123 11.90 -28.34 1.68
C ALA D 123 11.41 -27.15 0.84
N ARG D 124 12.29 -26.64 0.00
CA ARG D 124 11.96 -25.51 -0.86
C ARG D 124 10.72 -25.83 -1.68
N ASP D 125 10.74 -26.96 -2.38
CA ASP D 125 9.61 -27.33 -3.20
C ASP D 125 8.37 -27.61 -2.37
N SER D 126 8.54 -27.85 -1.08
CA SER D 126 7.39 -28.11 -0.22
C SER D 126 6.82 -26.84 0.41
N GLY D 127 7.48 -25.72 0.19
CA GLY D 127 7.01 -24.47 0.76
C GLY D 127 7.48 -24.20 2.18
N VAL D 128 8.44 -24.99 2.65
CA VAL D 128 8.97 -24.83 4.00
C VAL D 128 10.13 -23.85 3.89
N ASP D 129 9.99 -22.68 4.57
CA ASP D 129 11.06 -21.69 4.37
C ASP D 129 11.95 -21.39 5.57
N VAL D 130 11.58 -21.80 6.78
CA VAL D 130 12.43 -21.51 7.93
C VAL D 130 13.35 -22.69 8.20
N MET D 131 14.65 -22.44 8.30
CA MET D 131 15.66 -23.47 8.56
C MET D 131 16.71 -22.90 9.48
N THR D 132 17.46 -23.77 10.15
CA THR D 132 18.50 -23.33 11.05
C THR D 132 19.82 -23.57 10.36
N PHE D 133 20.90 -22.99 10.89
CA PHE D 133 22.24 -23.19 10.34
C PHE D 133 23.19 -22.82 11.43
N ASP D 134 24.43 -23.28 11.38
CA ASP D 134 25.33 -22.88 12.43
C ASP D 134 26.75 -22.63 11.93
N CYS D 135 26.92 -22.50 10.62
CA CYS D 135 28.24 -22.22 10.05
C CYS D 135 28.11 -21.65 8.65
N VAL D 136 29.20 -21.11 8.13
CA VAL D 136 29.19 -20.51 6.79
C VAL D 136 28.91 -21.54 5.67
N ASP D 137 29.51 -22.71 5.80
CA ASP D 137 29.34 -23.77 4.80
C ASP D 137 27.89 -24.07 4.47
N GLU D 138 27.04 -24.10 5.49
CA GLU D 138 25.63 -24.38 5.27
C GLU D 138 24.99 -23.24 4.47
N LEU D 139 25.46 -22.01 4.71
CA LEU D 139 24.93 -20.82 4.01
C LEU D 139 25.23 -20.92 2.53
N GLU D 140 26.41 -21.44 2.19
CA GLU D 140 26.78 -21.61 0.79
C GLU D 140 25.79 -22.57 0.15
N LYS D 141 25.38 -23.63 0.85
CA LYS D 141 24.43 -24.56 0.29
C LYS D 141 23.09 -23.89 0.09
N VAL D 142 22.63 -23.18 1.11
CA VAL D 142 21.34 -22.54 1.00
C VAL D 142 21.30 -21.53 -0.15
N ALA D 143 22.40 -20.79 -0.32
CA ALA D 143 22.47 -19.81 -1.40
C ALA D 143 22.22 -20.49 -2.76
N LYS D 144 22.90 -21.61 -2.99
CA LYS D 144 22.73 -22.33 -4.23
C LYS D 144 21.43 -23.10 -4.36
N THR D 145 20.78 -23.42 -3.25
CA THR D 145 19.56 -24.23 -3.35
C THR D 145 18.24 -23.66 -2.89
N HIS D 146 18.27 -22.80 -1.88
CA HIS D 146 17.04 -22.22 -1.36
C HIS D 146 17.39 -20.79 -0.93
N PRO D 147 17.84 -19.97 -1.89
CA PRO D 147 18.25 -18.56 -1.66
C PRO D 147 17.33 -17.67 -0.84
N LYS D 148 16.02 -17.86 -0.95
CA LYS D 148 15.10 -17.00 -0.19
C LYS D 148 14.60 -17.58 1.14
N ALA D 149 15.32 -18.56 1.64
CA ALA D 149 14.97 -19.21 2.90
C ALA D 149 15.19 -18.28 4.10
N LYS D 150 14.32 -18.36 5.10
CA LYS D 150 14.47 -17.55 6.31
C LYS D 150 15.34 -18.37 7.26
N MET D 151 16.59 -17.95 7.42
CA MET D 151 17.56 -18.67 8.22
C MET D 151 17.71 -18.24 9.67
N VAL D 152 17.67 -19.24 10.57
CA VAL D 152 17.80 -19.03 12.00
C VAL D 152 19.19 -19.52 12.42
N LEU D 153 19.95 -18.65 13.08
CA LEU D 153 21.30 -19.00 13.50
C LEU D 153 21.31 -19.70 14.86
N ARG D 154 21.81 -20.93 14.88
CA ARG D 154 21.88 -21.73 16.09
C ARG D 154 23.21 -21.52 16.77
N ILE D 155 23.17 -21.04 18.01
CA ILE D 155 24.41 -20.79 18.73
C ILE D 155 24.60 -21.89 19.74
N SER D 156 25.83 -22.02 20.21
CA SER D 156 26.23 -23.04 21.16
C SER D 156 25.86 -22.71 22.60
N THR D 157 25.60 -23.75 23.39
CA THR D 157 25.25 -23.58 24.79
C THR D 157 26.15 -24.46 25.65
N LEU D 166 25.97 -32.07 23.05
CA LEU D 166 25.33 -31.70 21.79
C LEU D 166 25.96 -30.44 21.18
N SER D 167 26.77 -29.73 21.96
CA SER D 167 27.38 -28.49 21.48
C SER D 167 28.66 -28.67 20.64
N VAL D 168 29.40 -29.76 20.83
CA VAL D 168 30.58 -29.93 20.02
C VAL D 168 30.09 -30.22 18.61
N LYS D 169 28.93 -30.88 18.49
CA LYS D 169 28.39 -31.19 17.18
C LYS D 169 27.68 -30.04 16.47
N PHE D 170 26.91 -29.25 17.22
CA PHE D 170 26.16 -28.13 16.63
C PHE D 170 26.31 -26.82 17.41
N GLY D 171 25.90 -25.73 16.78
CA GLY D 171 25.95 -24.43 17.43
C GLY D 171 27.20 -23.60 17.20
N ALA D 172 27.00 -22.40 16.66
CA ALA D 172 28.12 -21.49 16.41
C ALA D 172 28.52 -20.87 17.74
N LYS D 173 29.82 -20.68 17.95
CA LYS D 173 30.30 -20.04 19.18
C LYS D 173 29.90 -18.55 19.07
N VAL D 174 29.54 -17.89 20.17
CA VAL D 174 29.15 -16.48 20.05
C VAL D 174 30.30 -15.64 19.47
N GLU D 175 31.54 -16.04 19.76
CA GLU D 175 32.72 -15.35 19.27
C GLU D 175 32.87 -15.44 17.75
N ASP D 176 32.09 -16.31 17.12
CA ASP D 176 32.19 -16.47 15.68
C ASP D 176 30.97 -15.94 14.93
N CYS D 177 29.95 -15.49 15.65
CA CYS D 177 28.75 -15.04 14.98
C CYS D 177 28.91 -13.77 14.14
N ARG D 178 29.78 -12.84 14.55
CA ARG D 178 29.96 -11.64 13.73
C ARG D 178 30.45 -12.10 12.35
N PHE D 179 31.54 -12.86 12.33
CA PHE D 179 32.08 -13.35 11.06
C PHE D 179 31.05 -14.11 10.25
N ILE D 180 30.28 -14.97 10.91
CA ILE D 180 29.26 -15.76 10.22
C ILE D 180 28.19 -14.87 9.60
N LEU D 181 27.74 -13.87 10.35
CA LEU D 181 26.70 -12.96 9.85
C LEU D 181 27.24 -12.13 8.68
N GLU D 182 28.50 -11.72 8.77
CA GLU D 182 29.09 -10.95 7.66
C GLU D 182 29.07 -11.81 6.40
N GLN D 183 29.52 -13.06 6.51
CA GLN D 183 29.54 -13.96 5.37
C GLN D 183 28.13 -14.12 4.82
N ALA D 184 27.15 -14.11 5.71
CA ALA D 184 25.75 -14.27 5.30
C ALA D 184 25.32 -13.08 4.48
N LYS D 185 25.88 -11.92 4.77
CA LYS D 185 25.50 -10.74 4.01
C LYS D 185 26.06 -10.87 2.60
N LYS D 186 27.32 -11.30 2.46
CA LYS D 186 27.91 -11.48 1.14
C LYS D 186 27.09 -12.51 0.36
N LEU D 187 26.61 -13.54 1.06
CA LEU D 187 25.81 -14.55 0.40
C LEU D 187 24.38 -14.08 0.22
N ASN D 188 24.10 -12.89 0.72
CA ASN D 188 22.75 -12.34 0.58
C ASN D 188 21.68 -13.21 1.28
N ILE D 189 22.06 -13.81 2.40
CA ILE D 189 21.13 -14.67 3.13
C ILE D 189 20.19 -13.89 4.05
N ASP D 190 18.91 -14.22 4.02
CA ASP D 190 17.91 -13.57 4.87
C ASP D 190 17.90 -14.18 6.29
N VAL D 191 18.86 -13.81 7.12
CA VAL D 191 18.93 -14.31 8.49
C VAL D 191 17.80 -13.66 9.28
N THR D 192 16.97 -14.45 9.96
CA THR D 192 15.84 -13.85 10.68
C THR D 192 15.70 -14.20 12.15
N GLY D 193 16.66 -14.91 12.72
CA GLY D 193 16.54 -15.27 14.12
C GLY D 193 17.73 -15.97 14.71
N VAL D 194 17.59 -16.35 15.96
CA VAL D 194 18.63 -17.04 16.70
C VAL D 194 17.95 -18.20 17.44
N SER D 195 18.65 -19.31 17.56
CA SER D 195 18.12 -20.46 18.28
C SER D 195 19.25 -21.13 19.07
N PHE D 196 18.86 -21.93 20.05
CA PHE D 196 19.82 -22.67 20.84
C PHE D 196 19.08 -23.92 21.35
N HIS D 197 19.82 -24.84 21.93
CA HIS D 197 19.21 -26.06 22.46
C HIS D 197 20.07 -26.49 23.62
N VAL D 198 19.55 -26.39 24.84
CA VAL D 198 20.34 -26.77 25.99
C VAL D 198 20.35 -28.28 26.22
N GLY D 199 19.31 -28.97 25.76
CA GLY D 199 19.23 -30.41 25.94
C GLY D 199 18.54 -30.83 27.22
N SER D 200 18.46 -32.13 27.48
CA SER D 200 17.81 -32.63 28.68
C SER D 200 18.69 -32.85 29.91
N GLY D 201 20.01 -32.76 29.73
CA GLY D 201 20.91 -32.99 30.85
C GLY D 201 21.14 -31.88 31.86
N SER D 202 20.26 -30.89 31.93
CA SER D 202 20.45 -29.79 32.89
C SER D 202 19.95 -30.10 34.29
N THR D 203 20.67 -29.61 35.28
CA THR D 203 20.30 -29.78 36.67
C THR D 203 19.89 -28.38 37.10
N ASP D 204 20.50 -27.41 36.43
CA ASP D 204 20.31 -25.99 36.68
C ASP D 204 19.50 -25.33 35.56
N ALA D 205 18.41 -24.66 35.92
CA ALA D 205 17.60 -23.99 34.93
C ALA D 205 18.41 -22.80 34.39
N SER D 206 19.43 -22.42 35.14
CA SER D 206 20.26 -21.29 34.78
C SER D 206 20.79 -21.35 33.35
N THR D 207 20.96 -22.55 32.81
CA THR D 207 21.46 -22.71 31.44
C THR D 207 20.56 -21.96 30.45
N PHE D 208 19.24 -22.07 30.63
CA PHE D 208 18.31 -21.37 29.75
C PHE D 208 18.50 -19.85 29.84
N ALA D 209 18.69 -19.35 31.06
CA ALA D 209 18.86 -17.91 31.25
C ALA D 209 20.10 -17.43 30.49
N GLN D 210 21.20 -18.17 30.63
CA GLN D 210 22.44 -17.81 29.97
C GLN D 210 22.33 -17.88 28.44
N ALA D 211 21.59 -18.87 27.95
CA ALA D 211 21.43 -19.03 26.52
C ALA D 211 20.60 -17.88 25.96
N ILE D 212 19.56 -17.50 26.70
CA ILE D 212 18.70 -16.42 26.28
C ILE D 212 19.48 -15.10 26.26
N SER D 213 20.34 -14.89 27.26
CA SER D 213 21.15 -13.67 27.29
C SER D 213 22.13 -13.68 26.09
N ASP D 214 22.77 -14.82 25.84
CA ASP D 214 23.69 -14.93 24.72
C ASP D 214 22.95 -14.69 23.40
N SER D 215 21.71 -15.16 23.34
CA SER D 215 20.90 -15.02 22.13
C SER D 215 20.55 -13.55 21.84
N ARG D 216 20.37 -12.78 22.89
CA ARG D 216 20.05 -11.35 22.74
C ARG D 216 21.24 -10.65 22.09
N PHE D 217 22.43 -10.98 22.57
CA PHE D 217 23.68 -10.43 22.06
C PHE D 217 23.83 -10.69 20.57
N VAL D 218 23.53 -11.92 20.13
CA VAL D 218 23.67 -12.25 18.71
C VAL D 218 22.53 -11.62 17.92
N PHE D 219 21.34 -11.64 18.51
CA PHE D 219 20.17 -11.06 17.88
C PHE D 219 20.53 -9.60 17.51
N ASP D 220 21.06 -8.86 18.48
CA ASP D 220 21.45 -7.47 18.29
C ASP D 220 22.48 -7.30 17.16
N MET D 221 23.44 -8.22 17.09
CA MET D 221 24.46 -8.20 16.05
C MET D 221 23.78 -8.31 14.70
N GLY D 222 22.74 -9.12 14.61
CA GLY D 222 22.03 -9.28 13.36
C GLY D 222 21.38 -7.97 12.92
N THR D 223 20.67 -7.32 13.85
CA THR D 223 19.99 -6.07 13.54
C THR D 223 21.04 -5.01 13.14
N GLU D 224 22.13 -4.96 13.89
CA GLU D 224 23.23 -4.03 13.65
C GLU D 224 23.76 -4.18 12.23
N LEU D 225 23.82 -5.42 11.76
CA LEU D 225 24.34 -5.71 10.42
C LEU D 225 23.29 -5.58 9.32
N GLY D 226 22.09 -5.15 9.70
CA GLY D 226 21.04 -4.97 8.72
C GLY D 226 20.00 -6.06 8.51
N PHE D 227 20.13 -7.17 9.22
CA PHE D 227 19.17 -8.26 9.07
C PHE D 227 17.85 -8.01 9.80
N ASN D 228 16.79 -8.63 9.29
CA ASN D 228 15.50 -8.51 9.91
C ASN D 228 15.33 -9.65 10.94
N MET D 229 15.85 -9.44 12.15
CA MET D 229 15.78 -10.42 13.23
C MET D 229 14.43 -10.42 13.94
N HIS D 230 13.63 -11.45 13.76
CA HIS D 230 12.34 -11.48 14.44
C HIS D 230 11.96 -12.83 15.10
N ILE D 231 12.86 -13.80 15.07
CA ILE D 231 12.58 -15.10 15.69
C ILE D 231 13.59 -15.53 16.74
N LEU D 232 13.10 -15.97 17.90
CA LEU D 232 13.97 -16.50 18.96
C LEU D 232 13.41 -17.92 19.18
N ASP D 233 14.26 -18.92 18.96
CA ASP D 233 13.90 -20.34 19.08
C ASP D 233 14.65 -20.88 20.29
N ILE D 234 13.93 -21.16 21.37
CA ILE D 234 14.63 -21.64 22.57
C ILE D 234 14.84 -23.17 22.70
N GLY D 235 14.60 -23.90 21.62
CA GLY D 235 14.87 -25.35 21.60
C GLY D 235 14.06 -26.30 22.44
N GLY D 236 14.66 -27.43 22.81
CA GLY D 236 13.93 -28.40 23.60
C GLY D 236 14.64 -28.80 24.88
N GLY D 237 14.30 -29.98 25.41
CA GLY D 237 14.94 -30.41 26.63
C GLY D 237 14.07 -30.33 27.88
N PHE D 238 12.83 -29.87 27.74
CA PHE D 238 11.91 -29.78 28.87
C PHE D 238 11.50 -31.18 29.32
N PRO D 239 11.49 -31.44 30.63
CA PRO D 239 11.11 -32.76 31.14
C PRO D 239 9.69 -33.14 30.73
N GLY D 240 9.49 -34.41 30.40
CA GLY D 240 8.18 -34.88 29.99
C GLY D 240 7.49 -35.75 31.05
N THR D 241 8.17 -35.97 32.16
CA THR D 241 7.58 -36.77 33.22
C THR D 241 7.53 -35.90 34.46
N ARG D 242 6.31 -35.49 34.82
CA ARG D 242 6.07 -34.61 35.98
C ARG D 242 6.67 -35.12 37.29
N ASP D 243 7.70 -35.96 37.18
CA ASP D 243 8.37 -36.54 38.34
C ASP D 243 9.84 -36.16 38.39
N ALA D 244 10.45 -35.99 37.22
CA ALA D 244 11.87 -35.63 37.12
C ALA D 244 12.30 -34.60 38.15
N PRO D 245 13.62 -34.52 38.44
CA PRO D 245 14.19 -33.59 39.41
C PRO D 245 13.81 -32.13 39.14
N LEU D 246 14.31 -31.62 38.01
CA LEU D 246 14.07 -30.24 37.58
C LEU D 246 12.71 -30.16 36.89
N LYS D 247 11.72 -29.66 37.62
CA LYS D 247 10.35 -29.55 37.11
C LYS D 247 10.19 -28.53 35.98
N PHE D 248 9.20 -28.78 35.13
CA PHE D 248 8.87 -27.91 34.02
C PHE D 248 8.57 -26.50 34.55
N GLU D 249 7.65 -26.43 35.50
CA GLU D 249 7.23 -25.16 36.09
C GLU D 249 8.41 -24.27 36.51
N GLU D 250 9.41 -24.85 37.14
CA GLU D 250 10.59 -24.09 37.57
C GLU D 250 11.43 -23.63 36.37
N ILE D 251 11.47 -24.44 35.33
CA ILE D 251 12.22 -24.07 34.13
C ILE D 251 11.47 -22.91 33.44
N ALA D 252 10.16 -23.04 33.30
CA ALA D 252 9.33 -22.02 32.65
C ALA D 252 9.50 -20.66 33.38
N GLY D 253 9.63 -20.71 34.70
CA GLY D 253 9.80 -19.49 35.48
C GLY D 253 11.12 -18.81 35.15
N VAL D 254 12.20 -19.58 35.10
CA VAL D 254 13.51 -19.03 34.80
C VAL D 254 13.54 -18.49 33.37
N ILE D 255 12.89 -19.20 32.45
CA ILE D 255 12.83 -18.78 31.06
C ILE D 255 12.05 -17.46 30.93
N ASN D 256 10.88 -17.37 31.56
CA ASN D 256 10.06 -16.17 31.49
C ASN D 256 10.77 -14.93 32.04
N ASN D 257 11.56 -15.09 33.10
CA ASN D 257 12.29 -13.97 33.65
C ASN D 257 13.38 -13.52 32.69
N ALA D 258 14.12 -14.46 32.10
CA ALA D 258 15.19 -14.06 31.18
C ALA D 258 14.57 -13.43 29.96
N LEU D 259 13.41 -13.94 29.56
CA LEU D 259 12.73 -13.42 28.40
C LEU D 259 12.24 -11.97 28.68
N GLU D 260 11.74 -11.72 29.89
CA GLU D 260 11.26 -10.38 30.24
C GLU D 260 12.43 -9.41 30.27
N LYS D 261 13.57 -9.88 30.75
CA LYS D 261 14.76 -9.08 30.84
C LYS D 261 15.45 -8.82 29.49
N HIS D 262 15.49 -9.82 28.62
CA HIS D 262 16.19 -9.65 27.35
C HIS D 262 15.39 -9.54 26.07
N PHE D 263 14.15 -10.02 26.07
CA PHE D 263 13.32 -9.99 24.86
C PHE D 263 11.90 -9.49 25.13
N PRO D 264 11.78 -8.28 25.69
CA PRO D 264 10.43 -7.75 25.98
C PRO D 264 9.48 -7.90 24.80
N PRO D 265 8.18 -8.07 25.07
CA PRO D 265 7.15 -8.22 24.03
C PRO D 265 7.19 -7.12 22.97
N ASP D 266 7.04 -7.54 21.73
CA ASP D 266 7.09 -6.66 20.57
C ASP D 266 6.32 -7.40 19.46
N LEU D 267 5.45 -6.68 18.76
CA LEU D 267 4.67 -7.29 17.69
C LEU D 267 5.54 -7.85 16.58
N LYS D 268 6.80 -7.43 16.50
CA LYS D 268 7.70 -7.94 15.46
C LYS D 268 8.44 -9.23 15.91
N LEU D 269 8.38 -9.54 17.19
CA LEU D 269 9.08 -10.70 17.74
C LEU D 269 8.17 -11.90 18.04
N THR D 270 8.61 -13.09 17.66
CA THR D 270 7.85 -14.31 17.97
C THR D 270 8.83 -15.28 18.63
N ILE D 271 8.46 -15.79 19.79
CA ILE D 271 9.33 -16.72 20.51
C ILE D 271 8.76 -18.12 20.23
N VAL D 272 9.65 -19.05 19.87
CA VAL D 272 9.26 -20.44 19.60
C VAL D 272 10.16 -21.40 20.37
N ALA D 273 9.72 -22.65 20.46
CA ALA D 273 10.49 -23.69 21.13
C ALA D 273 10.30 -24.99 20.33
N GLU D 274 11.16 -25.98 20.58
CA GLU D 274 11.10 -27.25 19.85
C GLU D 274 11.02 -28.42 20.86
N PRO D 275 10.01 -28.44 21.74
CA PRO D 275 9.89 -29.51 22.73
C PRO D 275 9.59 -30.84 22.04
N GLY D 276 10.25 -31.90 22.49
CA GLY D 276 10.02 -33.22 21.94
C GLY D 276 9.46 -34.10 23.05
N ARG D 277 10.31 -34.57 23.96
CA ARG D 277 9.85 -35.44 25.04
C ARG D 277 8.74 -34.86 25.92
N TYR D 278 8.80 -33.55 26.16
CA TYR D 278 7.77 -32.89 26.97
C TYR D 278 6.35 -33.31 26.67
N TYR D 279 6.02 -33.39 25.40
CA TYR D 279 4.68 -33.71 25.00
C TYR D 279 4.22 -35.16 25.01
N VAL D 280 5.16 -36.09 24.89
CA VAL D 280 4.79 -37.49 24.75
C VAL D 280 5.42 -38.50 25.70
N ALA D 281 6.45 -38.11 26.44
CA ALA D 281 7.14 -39.08 27.30
C ALA D 281 6.20 -39.93 28.15
N SER D 282 5.29 -39.25 28.86
CA SER D 282 4.36 -39.94 29.76
C SER D 282 3.06 -40.44 29.15
N ALA D 283 2.79 -40.14 27.87
CA ALA D 283 1.54 -40.59 27.26
C ALA D 283 1.52 -42.05 26.81
N PHE D 284 2.70 -42.67 26.73
CA PHE D 284 2.82 -44.06 26.27
C PHE D 284 3.18 -45.04 27.40
N THR D 285 2.44 -46.14 27.52
CA THR D 285 2.79 -47.16 28.51
C THR D 285 3.04 -48.47 27.71
N LEU D 286 4.13 -49.14 27.97
CA LEU D 286 4.42 -50.37 27.23
C LEU D 286 4.15 -51.62 28.05
N ALA D 287 3.43 -52.56 27.45
CA ALA D 287 3.09 -53.85 28.07
C ALA D 287 3.88 -54.95 27.33
N VAL D 288 4.76 -55.66 28.04
CA VAL D 288 5.52 -56.74 27.39
C VAL D 288 5.17 -58.02 28.13
N ASN D 289 5.38 -59.15 27.47
CA ASN D 289 5.06 -60.44 28.06
C ASN D 289 6.31 -61.19 28.51
N VAL D 290 6.25 -61.84 29.67
CA VAL D 290 7.38 -62.60 30.16
C VAL D 290 7.33 -63.89 29.32
N ILE D 291 8.30 -64.07 28.43
CA ILE D 291 8.28 -65.27 27.56
C ILE D 291 9.12 -66.44 28.06
N ALA D 292 10.07 -66.18 28.96
CA ALA D 292 10.92 -67.23 29.50
C ALA D 292 11.35 -66.82 30.89
N LYS D 293 11.76 -67.80 31.69
CA LYS D 293 12.14 -67.54 33.07
C LYS D 293 13.20 -68.50 33.59
N LYS D 294 14.12 -68.00 34.41
CA LYS D 294 15.15 -68.83 35.03
C LYS D 294 15.20 -68.47 36.50
N VAL D 295 15.52 -69.45 37.34
CA VAL D 295 15.63 -69.28 38.78
C VAL D 295 17.05 -69.64 39.20
N THR D 296 17.56 -69.07 40.28
CA THR D 296 18.90 -69.40 40.76
C THR D 296 18.89 -69.72 42.26
N GLN D 312 18.48 -66.41 46.18
CA GLN D 312 17.22 -66.63 45.49
C GLN D 312 16.89 -65.45 44.58
N SER D 313 17.00 -65.66 43.27
CA SER D 313 16.71 -64.62 42.31
C SER D 313 16.16 -65.16 41.00
N PHE D 314 15.56 -64.29 40.21
CA PHE D 314 14.99 -64.69 38.92
C PHE D 314 15.49 -63.82 37.78
N MET D 315 15.43 -64.39 36.58
CA MET D 315 15.80 -63.73 35.34
C MET D 315 14.57 -63.88 34.47
N TYR D 316 13.97 -62.78 34.07
CA TYR D 316 12.83 -62.85 33.18
C TYR D 316 13.23 -62.33 31.80
N TYR D 317 12.73 -62.99 30.75
CA TYR D 317 12.98 -62.55 29.38
C TYR D 317 11.63 -62.09 28.90
N VAL D 318 11.59 -60.93 28.21
CA VAL D 318 10.34 -60.39 27.70
C VAL D 318 10.48 -60.17 26.23
N ASN D 319 9.39 -59.92 25.52
CA ASN D 319 9.45 -59.80 24.06
C ASN D 319 9.62 -58.40 23.47
N ASP D 320 10.43 -57.58 24.10
CA ASP D 320 10.80 -56.27 23.58
C ASP D 320 12.13 -55.99 24.25
N GLY D 321 13.08 -55.35 23.59
CA GLY D 321 14.35 -55.13 24.25
C GLY D 321 15.14 -53.93 23.74
N VAL D 322 16.44 -53.91 24.00
CA VAL D 322 17.30 -52.79 23.61
C VAL D 322 17.44 -52.53 22.10
N TYR D 323 17.06 -53.50 21.25
CA TYR D 323 17.10 -53.29 19.80
C TYR D 323 15.72 -52.81 19.41
N GLY D 324 14.79 -52.88 20.36
CA GLY D 324 13.44 -52.44 20.09
C GLY D 324 13.14 -51.18 20.88
N SER D 325 12.01 -51.16 21.56
CA SER D 325 11.60 -50.00 22.34
C SER D 325 12.57 -49.52 23.38
N PHE D 326 13.43 -50.41 23.87
CA PHE D 326 14.35 -50.00 24.90
C PHE D 326 15.69 -49.52 24.36
N ASN D 327 15.73 -49.23 23.06
CA ASN D 327 16.96 -48.68 22.48
C ASN D 327 17.23 -47.35 23.25
N CYS D 328 16.16 -46.76 23.79
CA CYS D 328 16.25 -45.51 24.57
C CYS D 328 17.26 -45.63 25.68
N ILE D 329 17.46 -46.85 26.19
CA ILE D 329 18.41 -47.09 27.26
C ILE D 329 19.84 -46.85 26.79
N LEU D 330 20.12 -47.26 25.56
CA LEU D 330 21.46 -47.06 25.00
C LEU D 330 21.64 -45.66 24.35
N TYR D 331 20.64 -45.21 23.61
CA TYR D 331 20.72 -43.90 22.92
C TYR D 331 20.26 -42.67 23.68
N ASP D 332 19.31 -42.85 24.59
CA ASP D 332 18.76 -41.72 25.34
C ASP D 332 19.04 -41.73 26.84
N HIS D 333 19.96 -42.59 27.28
CA HIS D 333 20.31 -42.70 28.69
C HIS D 333 19.11 -42.95 29.60
N ALA D 334 18.07 -43.57 29.06
CA ALA D 334 16.87 -43.85 29.83
C ALA D 334 17.06 -44.90 30.93
N VAL D 335 16.23 -44.81 31.97
CA VAL D 335 16.22 -45.74 33.08
C VAL D 335 14.77 -46.17 33.16
N VAL D 336 14.52 -47.47 33.17
CA VAL D 336 13.14 -47.93 33.21
C VAL D 336 12.88 -48.70 34.48
N ARG D 337 11.60 -48.89 34.80
CA ARG D 337 11.18 -49.58 36.02
C ARG D 337 10.09 -50.58 35.67
N PRO D 338 10.38 -51.87 35.83
CA PRO D 338 9.34 -52.84 35.49
C PRO D 338 8.22 -52.83 36.54
N LEU D 339 6.98 -52.86 36.10
CA LEU D 339 5.83 -52.89 37.01
C LEU D 339 4.95 -54.10 36.70
N PRO D 340 4.76 -55.02 37.67
CA PRO D 340 3.90 -56.17 37.37
C PRO D 340 2.49 -55.68 36.96
N GLN D 341 1.88 -56.30 35.96
CA GLN D 341 0.55 -55.88 35.55
C GLN D 341 -0.46 -56.48 36.54
N ARG D 342 -0.06 -57.58 37.18
CA ARG D 342 -0.87 -58.30 38.16
C ARG D 342 -1.18 -57.44 39.37
N GLU D 343 -2.44 -57.43 39.81
CA GLU D 343 -2.79 -56.66 41.00
C GLU D 343 -2.11 -57.34 42.18
N PRO D 344 -1.32 -56.59 42.96
CA PRO D 344 -0.59 -57.07 44.12
C PRO D 344 -1.38 -57.92 45.12
N ILE D 345 -0.68 -58.87 45.74
CA ILE D 345 -1.25 -59.74 46.76
C ILE D 345 -0.56 -59.32 48.07
N PRO D 346 -1.40 -59.13 49.14
CA PRO D 346 -0.89 -58.50 50.38
C PRO D 346 0.56 -58.64 50.84
N ASN D 347 1.00 -59.85 51.19
CA ASN D 347 2.37 -60.01 51.66
C ASN D 347 3.37 -60.65 50.69
N GLU D 348 3.08 -60.62 49.39
CA GLU D 348 3.96 -61.18 48.36
C GLU D 348 5.44 -61.10 48.70
N LYS D 349 6.16 -62.18 48.47
CA LYS D 349 7.59 -62.15 48.70
C LYS D 349 8.14 -61.46 47.46
N LEU D 350 9.15 -60.60 47.61
CA LEU D 350 9.77 -59.90 46.48
C LEU D 350 11.19 -60.44 46.32
N TYR D 351 11.66 -60.60 45.08
CA TYR D 351 13.02 -61.11 44.85
C TYR D 351 13.84 -60.27 43.89
N PRO D 352 15.17 -60.23 44.08
CA PRO D 352 16.02 -59.45 43.18
C PRO D 352 15.89 -60.13 41.82
N SER D 353 15.61 -59.35 40.79
CA SER D 353 15.36 -59.88 39.46
C SER D 353 15.99 -59.08 38.35
N SER D 354 16.30 -59.76 37.25
CA SER D 354 16.85 -59.11 36.07
C SER D 354 15.80 -59.31 34.99
N VAL D 355 15.72 -58.39 34.05
CA VAL D 355 14.76 -58.49 32.95
C VAL D 355 15.57 -58.31 31.67
N TRP D 356 15.40 -59.27 30.76
CA TRP D 356 16.16 -59.29 29.51
C TRP D 356 15.30 -59.18 28.28
N GLY D 357 15.89 -58.64 27.21
CA GLY D 357 15.16 -58.52 25.96
C GLY D 357 15.14 -59.87 25.25
N PRO D 358 14.48 -59.96 24.02
CA PRO D 358 14.29 -61.22 23.23
C PRO D 358 15.48 -61.79 22.61
N THR D 359 16.35 -60.87 22.28
CA THR D 359 17.50 -61.08 21.40
C THR D 359 18.66 -61.95 21.90
N CYS D 360 19.41 -62.49 20.94
CA CYS D 360 20.58 -63.34 21.20
C CYS D 360 21.69 -62.60 21.93
N ASP D 361 21.65 -61.28 21.86
CA ASP D 361 22.68 -60.44 22.46
C ASP D 361 22.71 -60.39 23.97
N GLY D 362 23.88 -60.65 24.55
CA GLY D 362 24.03 -60.62 25.99
C GLY D 362 23.83 -59.21 26.52
N LEU D 363 23.99 -58.22 25.66
CA LEU D 363 23.82 -56.84 26.08
C LEU D 363 22.36 -56.39 26.04
N ASP D 364 21.50 -57.20 25.43
CA ASP D 364 20.10 -56.88 25.36
C ASP D 364 19.52 -57.21 26.74
N GLN D 365 19.75 -56.30 27.70
CA GLN D 365 19.26 -56.43 29.08
C GLN D 365 18.58 -55.11 29.44
N ILE D 366 17.37 -55.19 29.98
CA ILE D 366 16.56 -54.02 30.36
C ILE D 366 16.72 -53.55 31.79
N VAL D 367 16.74 -54.52 32.72
CA VAL D 367 16.88 -54.24 34.14
C VAL D 367 17.89 -55.19 34.73
N GLU D 368 18.82 -54.62 35.51
CA GLU D 368 19.89 -55.39 36.13
C GLU D 368 19.53 -56.13 37.41
N ARG D 369 18.90 -55.43 38.36
CA ARG D 369 18.53 -56.06 39.63
C ARG D 369 17.46 -55.21 40.30
N TYR D 370 16.21 -55.61 40.12
CA TYR D 370 15.07 -54.88 40.63
C TYR D 370 14.18 -55.86 41.40
N TYR D 371 13.61 -55.41 42.51
CA TYR D 371 12.74 -56.29 43.29
C TYR D 371 11.35 -56.44 42.69
N LEU D 372 11.02 -57.68 42.35
CA LEU D 372 9.74 -58.04 41.78
C LEU D 372 9.20 -59.31 42.45
N PRO D 373 7.88 -59.52 42.40
CA PRO D 373 7.32 -60.73 43.01
C PRO D 373 7.64 -61.85 42.02
N GLU D 374 7.43 -63.11 42.38
CA GLU D 374 7.73 -64.18 41.41
C GLU D 374 6.74 -64.10 40.27
N MET D 375 7.26 -63.97 39.05
CA MET D 375 6.39 -63.87 37.87
C MET D 375 6.34 -65.24 37.18
N GLN D 376 5.30 -65.44 36.39
CA GLN D 376 5.14 -66.67 35.64
C GLN D 376 5.19 -66.34 34.15
N VAL D 377 5.64 -67.29 33.33
CA VAL D 377 5.69 -67.10 31.89
C VAL D 377 4.26 -66.82 31.49
N GLY D 378 4.06 -65.85 30.61
CA GLY D 378 2.70 -65.54 30.19
C GLY D 378 2.11 -64.32 30.89
N GLU D 379 2.69 -63.92 32.01
CA GLU D 379 2.21 -62.75 32.75
C GLU D 379 2.83 -61.47 32.12
N TRP D 380 2.31 -60.30 32.48
CA TRP D 380 2.81 -59.07 31.88
C TRP D 380 3.56 -58.09 32.78
N LEU D 381 4.53 -57.39 32.22
CA LEU D 381 5.28 -56.39 32.95
C LEU D 381 4.97 -55.08 32.20
N LEU D 382 4.79 -54.00 32.96
CA LEU D 382 4.48 -52.70 32.36
C LEU D 382 5.65 -51.76 32.57
N PHE D 383 5.82 -50.82 31.66
CA PHE D 383 6.88 -49.83 31.71
C PHE D 383 6.20 -48.50 31.34
N GLU D 384 6.11 -47.60 32.29
CA GLU D 384 5.46 -46.32 32.06
C GLU D 384 6.46 -45.31 31.53
N ASP D 385 5.95 -44.17 31.05
CA ASP D 385 6.80 -43.12 30.52
C ASP D 385 7.72 -43.61 29.41
N MET D 386 7.14 -44.30 28.45
CA MET D 386 7.89 -44.86 27.33
C MET D 386 7.50 -44.20 26.01
N GLY D 387 7.08 -42.94 26.05
CA GLY D 387 6.69 -42.29 24.80
C GLY D 387 7.78 -41.57 24.02
N ALA D 388 8.92 -41.29 24.63
CA ALA D 388 9.94 -40.54 23.91
C ALA D 388 11.24 -41.27 23.55
N TYR D 389 11.58 -41.18 22.27
CA TYR D 389 12.78 -41.77 21.72
C TYR D 389 12.77 -43.29 22.00
N THR D 390 11.58 -43.87 21.85
CA THR D 390 11.37 -45.29 22.03
C THR D 390 10.98 -45.85 20.67
N VAL D 391 9.74 -45.65 20.25
CA VAL D 391 9.31 -46.19 18.96
C VAL D 391 10.11 -45.73 17.75
N VAL D 392 10.77 -44.59 17.83
CA VAL D 392 11.52 -44.08 16.68
C VAL D 392 12.93 -44.69 16.49
N GLY D 393 13.50 -45.28 17.53
CA GLY D 393 14.81 -45.87 17.36
C GLY D 393 14.83 -47.40 17.27
N THR D 394 13.68 -48.01 16.99
CA THR D 394 13.56 -49.46 16.93
C THR D 394 14.11 -50.09 15.66
N SER D 395 14.70 -51.28 15.81
CA SER D 395 15.24 -52.03 14.69
C SER D 395 14.63 -53.44 14.76
N SER D 396 14.68 -54.15 13.64
CA SER D 396 14.12 -55.49 13.60
C SER D 396 15.17 -56.59 13.78
N PHE D 397 16.19 -56.31 14.59
CA PHE D 397 17.25 -57.29 14.86
C PHE D 397 16.64 -58.63 15.35
N ASN D 398 17.18 -59.74 14.82
CA ASN D 398 16.73 -61.10 15.15
C ASN D 398 15.36 -61.40 14.57
N GLY D 399 14.85 -60.49 13.74
CA GLY D 399 13.55 -60.69 13.14
C GLY D 399 12.37 -60.30 14.02
N PHE D 400 12.62 -59.79 15.21
CA PHE D 400 11.51 -59.39 16.07
C PHE D 400 10.85 -58.08 15.60
N GLN D 401 9.54 -58.01 15.66
CA GLN D 401 8.80 -56.82 15.24
C GLN D 401 8.51 -55.92 16.43
N SER D 402 8.43 -54.61 16.18
CA SER D 402 8.15 -53.66 17.24
C SER D 402 6.70 -53.77 17.69
N PRO D 403 6.41 -53.41 18.95
CA PRO D 403 5.07 -53.46 19.53
C PRO D 403 4.06 -52.58 18.81
N THR D 404 2.86 -53.10 18.63
CA THR D 404 1.79 -52.37 17.97
C THR D 404 1.29 -51.31 18.95
N ILE D 405 0.86 -50.17 18.44
CA ILE D 405 0.38 -49.10 19.32
C ILE D 405 -1.14 -48.99 19.33
N TYR D 406 -1.71 -48.96 20.55
CA TYR D 406 -3.16 -48.82 20.69
C TYR D 406 -3.43 -47.46 21.34
N TYR D 407 -4.65 -46.95 21.21
CA TYR D 407 -4.96 -45.63 21.76
C TYR D 407 -6.17 -45.48 22.66
N VAL D 408 -6.03 -44.61 23.66
CA VAL D 408 -7.13 -44.27 24.56
C VAL D 408 -7.31 -42.77 24.32
N VAL D 409 -8.54 -42.34 24.08
CA VAL D 409 -8.76 -40.92 23.77
C VAL D 409 -10.05 -40.37 24.35
#